data_1J27
# 
_entry.id   1J27 
# 
_audit_conform.dict_name       mmcif_pdbx.dic 
_audit_conform.dict_version    5.383 
_audit_conform.dict_location   http://mmcif.pdb.org/dictionaries/ascii/mmcif_pdbx.dic 
# 
loop_
_database_2.database_id 
_database_2.database_code 
_database_2.pdbx_database_accession 
_database_2.pdbx_DOI 
PDB   1J27         pdb_00001j27 10.2210/pdb1j27/pdb 
RCSB  RCSB005537   ?            ?                   
WWPDB D_1000005537 ?            ?                   
# 
loop_
_pdbx_audit_revision_history.ordinal 
_pdbx_audit_revision_history.data_content_type 
_pdbx_audit_revision_history.major_revision 
_pdbx_audit_revision_history.minor_revision 
_pdbx_audit_revision_history.revision_date 
1 'Structure model' 1 0 2003-12-02 
2 'Structure model' 1 1 2008-04-27 
3 'Structure model' 1 2 2011-07-13 
4 'Structure model' 1 3 2023-12-27 
# 
_pdbx_audit_revision_details.ordinal             1 
_pdbx_audit_revision_details.revision_ordinal    1 
_pdbx_audit_revision_details.data_content_type   'Structure model' 
_pdbx_audit_revision_details.provider            repository 
_pdbx_audit_revision_details.type                'Initial release' 
_pdbx_audit_revision_details.description         ? 
_pdbx_audit_revision_details.details             ? 
# 
loop_
_pdbx_audit_revision_group.ordinal 
_pdbx_audit_revision_group.revision_ordinal 
_pdbx_audit_revision_group.data_content_type 
_pdbx_audit_revision_group.group 
1 2 'Structure model' 'Version format compliance' 
2 3 'Structure model' 'Derived calculations'      
3 3 'Structure model' 'Source and taxonomy'       
4 3 'Structure model' 'Version format compliance' 
5 4 'Structure model' 'Data collection'           
6 4 'Structure model' 'Database references'       
# 
loop_
_pdbx_audit_revision_category.ordinal 
_pdbx_audit_revision_category.revision_ordinal 
_pdbx_audit_revision_category.data_content_type 
_pdbx_audit_revision_category.category 
1 4 'Structure model' chem_comp_atom 
2 4 'Structure model' chem_comp_bond 
3 4 'Structure model' database_2     
# 
loop_
_pdbx_audit_revision_item.ordinal 
_pdbx_audit_revision_item.revision_ordinal 
_pdbx_audit_revision_item.data_content_type 
_pdbx_audit_revision_item.item 
1 4 'Structure model' '_database_2.pdbx_DOI'                
2 4 'Structure model' '_database_2.pdbx_database_accession' 
# 
_pdbx_database_status.status_code                     REL 
_pdbx_database_status.entry_id                        1J27 
_pdbx_database_status.recvd_initial_deposition_date   2002-12-26 
_pdbx_database_status.deposit_site                    PDBJ 
_pdbx_database_status.process_site                    PDBJ 
_pdbx_database_status.SG_entry                        Y 
_pdbx_database_status.pdb_format_compatible           Y 
_pdbx_database_status.status_code_mr                  ? 
_pdbx_database_status.status_code_sf                  ? 
_pdbx_database_status.status_code_cs                  ? 
_pdbx_database_status.status_code_nmr_data            ? 
_pdbx_database_status.methods_development_category    ? 
# 
_pdbx_database_related.db_name        TargetDB 
_pdbx_database_related.db_id          ttk003001725.1 
_pdbx_database_related.details        . 
_pdbx_database_related.content_type   unspecified 
# 
loop_
_audit_author.name 
_audit_author.pdbx_ordinal 
'Seto, A.'                                               1 
'Shirouzu, M.'                                           2 
'Terada, T.'                                             3 
'Murayama, K.'                                           4 
'Kuramitsu, S.'                                          5 
'Yokoyama, S.'                                           6 
'RIKEN Structural Genomics/Proteomics Initiative (RSGI)' 7 
# 
_citation.id                        primary 
_citation.title                     
'Crystal structure of a hypothetical protein, TT1725, from Thermus thermophilus HB8 at 1.7 A resolution' 
_citation.journal_abbrev            Proteins 
_citation.journal_volume            53 
_citation.page_first                768 
_citation.page_last                 771 
_citation.year                      2003 
_citation.journal_id_ASTM           PSFGEY 
_citation.country                   US 
_citation.journal_id_ISSN           0887-3585 
_citation.journal_id_CSD            0867 
_citation.book_publisher            ? 
_citation.pdbx_database_id_PubMed   14579367 
_citation.pdbx_database_id_DOI      10.1002/prot.10412 
# 
loop_
_citation_author.citation_id 
_citation_author.name 
_citation_author.ordinal 
_citation_author.identifier_ORCID 
primary 'Seto, A.'      1 ? 
primary 'Shirouzu, M.'  2 ? 
primary 'Terada, T.'    3 ? 
primary 'Murayama, K.'  4 ? 
primary 'Kuramitsu, S.' 5 ? 
primary 'Yokoyama, S.'  6 ? 
# 
loop_
_entity.id 
_entity.type 
_entity.src_method 
_entity.pdbx_description 
_entity.formula_weight 
_entity.pdbx_number_of_molecules 
_entity.pdbx_ec 
_entity.pdbx_mutation 
_entity.pdbx_fragment 
_entity.details 
1 polymer man 'hypothetical protein TT1725' 11421.213 1   ? ? ? ? 
2 water   nat water                         18.015    129 ? ? ? ? 
# 
_entity_poly.entity_id                      1 
_entity_poly.type                           'polypeptide(L)' 
_entity_poly.nstd_linkage                   no 
_entity_poly.nstd_monomer                   no 
_entity_poly.pdbx_seq_one_letter_code       
;MKAYLGLYTARLETPARSLKEKRALIKPALERLKARFPVSAARLYGLDAWGYEVVGFTLLGNDPAWVEETMRAAARFLAE
AGGFQVALEEFRLEAFELDGLL
;
_entity_poly.pdbx_seq_one_letter_code_can   
;MKAYLGLYTARLETPARSLKEKRALIKPALERLKARFPVSAARLYGLDAWGYEVVGFTLLGNDPAWVEETMRAAARFLAE
AGGFQVALEEFRLEAFELDGLL
;
_entity_poly.pdbx_strand_id                 A 
_entity_poly.pdbx_target_identifier         ttk003001725.1 
# 
_pdbx_entity_nonpoly.entity_id   2 
_pdbx_entity_nonpoly.name        water 
_pdbx_entity_nonpoly.comp_id     HOH 
# 
loop_
_entity_poly_seq.entity_id 
_entity_poly_seq.num 
_entity_poly_seq.mon_id 
_entity_poly_seq.hetero 
1 1   MET n 
1 2   LYS n 
1 3   ALA n 
1 4   TYR n 
1 5   LEU n 
1 6   GLY n 
1 7   LEU n 
1 8   TYR n 
1 9   THR n 
1 10  ALA n 
1 11  ARG n 
1 12  LEU n 
1 13  GLU n 
1 14  THR n 
1 15  PRO n 
1 16  ALA n 
1 17  ARG n 
1 18  SER n 
1 19  LEU n 
1 20  LYS n 
1 21  GLU n 
1 22  LYS n 
1 23  ARG n 
1 24  ALA n 
1 25  LEU n 
1 26  ILE n 
1 27  LYS n 
1 28  PRO n 
1 29  ALA n 
1 30  LEU n 
1 31  GLU n 
1 32  ARG n 
1 33  LEU n 
1 34  LYS n 
1 35  ALA n 
1 36  ARG n 
1 37  PHE n 
1 38  PRO n 
1 39  VAL n 
1 40  SER n 
1 41  ALA n 
1 42  ALA n 
1 43  ARG n 
1 44  LEU n 
1 45  TYR n 
1 46  GLY n 
1 47  LEU n 
1 48  ASP n 
1 49  ALA n 
1 50  TRP n 
1 51  GLY n 
1 52  TYR n 
1 53  GLU n 
1 54  VAL n 
1 55  VAL n 
1 56  GLY n 
1 57  PHE n 
1 58  THR n 
1 59  LEU n 
1 60  LEU n 
1 61  GLY n 
1 62  ASN n 
1 63  ASP n 
1 64  PRO n 
1 65  ALA n 
1 66  TRP n 
1 67  VAL n 
1 68  GLU n 
1 69  GLU n 
1 70  THR n 
1 71  MET n 
1 72  ARG n 
1 73  ALA n 
1 74  ALA n 
1 75  ALA n 
1 76  ARG n 
1 77  PHE n 
1 78  LEU n 
1 79  ALA n 
1 80  GLU n 
1 81  ALA n 
1 82  GLY n 
1 83  GLY n 
1 84  PHE n 
1 85  GLN n 
1 86  VAL n 
1 87  ALA n 
1 88  LEU n 
1 89  GLU n 
1 90  GLU n 
1 91  PHE n 
1 92  ARG n 
1 93  LEU n 
1 94  GLU n 
1 95  ALA n 
1 96  PHE n 
1 97  GLU n 
1 98  LEU n 
1 99  ASP n 
1 100 GLY n 
1 101 LEU n 
1 102 LEU n 
# 
_entity_src_gen.entity_id                          1 
_entity_src_gen.pdbx_src_id                        1 
_entity_src_gen.pdbx_alt_source_flag               sample 
_entity_src_gen.pdbx_seq_type                      ? 
_entity_src_gen.pdbx_beg_seq_num                   ? 
_entity_src_gen.pdbx_end_seq_num                   ? 
_entity_src_gen.gene_src_common_name               ? 
_entity_src_gen.gene_src_genus                     Thermus 
_entity_src_gen.pdbx_gene_src_gene                 TT1725 
_entity_src_gen.gene_src_species                   'Thermus thermophilus' 
_entity_src_gen.gene_src_strain                    HB8 
_entity_src_gen.gene_src_tissue                    ? 
_entity_src_gen.gene_src_tissue_fraction           ? 
_entity_src_gen.gene_src_details                   ? 
_entity_src_gen.pdbx_gene_src_fragment             ? 
_entity_src_gen.pdbx_gene_src_scientific_name      'Thermus thermophilus' 
_entity_src_gen.pdbx_gene_src_ncbi_taxonomy_id     300852 
_entity_src_gen.pdbx_gene_src_variant              ? 
_entity_src_gen.pdbx_gene_src_cell_line            ? 
_entity_src_gen.pdbx_gene_src_atcc                 ? 
_entity_src_gen.pdbx_gene_src_organ                ? 
_entity_src_gen.pdbx_gene_src_organelle            ? 
_entity_src_gen.pdbx_gene_src_cell                 ? 
_entity_src_gen.pdbx_gene_src_cellular_location    ? 
_entity_src_gen.host_org_common_name               ? 
_entity_src_gen.pdbx_host_org_scientific_name      'Escherichia coli' 
_entity_src_gen.pdbx_host_org_ncbi_taxonomy_id     562 
_entity_src_gen.host_org_genus                     Escherichia 
_entity_src_gen.pdbx_host_org_gene                 ? 
_entity_src_gen.pdbx_host_org_organ                ? 
_entity_src_gen.host_org_species                   ? 
_entity_src_gen.pdbx_host_org_tissue               ? 
_entity_src_gen.pdbx_host_org_tissue_fraction      ? 
_entity_src_gen.pdbx_host_org_strain               ? 
_entity_src_gen.pdbx_host_org_variant              ? 
_entity_src_gen.pdbx_host_org_cell_line            ? 
_entity_src_gen.pdbx_host_org_atcc                 ? 
_entity_src_gen.pdbx_host_org_culture_collection   ? 
_entity_src_gen.pdbx_host_org_cell                 ? 
_entity_src_gen.pdbx_host_org_organelle            ? 
_entity_src_gen.pdbx_host_org_cellular_location    ? 
_entity_src_gen.pdbx_host_org_vector_type          plasmid 
_entity_src_gen.pdbx_host_org_vector               ? 
_entity_src_gen.host_org_details                   ? 
_entity_src_gen.expression_system_id               ? 
_entity_src_gen.plasmid_name                       pET3a 
_entity_src_gen.plasmid_details                    ? 
_entity_src_gen.pdbx_description                   ? 
# 
loop_
_chem_comp.id 
_chem_comp.type 
_chem_comp.mon_nstd_flag 
_chem_comp.name 
_chem_comp.pdbx_synonyms 
_chem_comp.formula 
_chem_comp.formula_weight 
ALA 'L-peptide linking' y ALANINE         ? 'C3 H7 N O2'     89.093  
ARG 'L-peptide linking' y ARGININE        ? 'C6 H15 N4 O2 1' 175.209 
ASN 'L-peptide linking' y ASPARAGINE      ? 'C4 H8 N2 O3'    132.118 
ASP 'L-peptide linking' y 'ASPARTIC ACID' ? 'C4 H7 N O4'     133.103 
GLN 'L-peptide linking' y GLUTAMINE       ? 'C5 H10 N2 O3'   146.144 
GLU 'L-peptide linking' y 'GLUTAMIC ACID' ? 'C5 H9 N O4'     147.129 
GLY 'peptide linking'   y GLYCINE         ? 'C2 H5 N O2'     75.067  
HOH non-polymer         . WATER           ? 'H2 O'           18.015  
ILE 'L-peptide linking' y ISOLEUCINE      ? 'C6 H13 N O2'    131.173 
LEU 'L-peptide linking' y LEUCINE         ? 'C6 H13 N O2'    131.173 
LYS 'L-peptide linking' y LYSINE          ? 'C6 H15 N2 O2 1' 147.195 
MET 'L-peptide linking' y METHIONINE      ? 'C5 H11 N O2 S'  149.211 
PHE 'L-peptide linking' y PHENYLALANINE   ? 'C9 H11 N O2'    165.189 
PRO 'L-peptide linking' y PROLINE         ? 'C5 H9 N O2'     115.130 
SER 'L-peptide linking' y SERINE          ? 'C3 H7 N O3'     105.093 
THR 'L-peptide linking' y THREONINE       ? 'C4 H9 N O3'     119.119 
TRP 'L-peptide linking' y TRYPTOPHAN      ? 'C11 H12 N2 O2'  204.225 
TYR 'L-peptide linking' y TYROSINE        ? 'C9 H11 N O3'    181.189 
VAL 'L-peptide linking' y VALINE          ? 'C5 H11 N O2'    117.146 
# 
loop_
_pdbx_poly_seq_scheme.asym_id 
_pdbx_poly_seq_scheme.entity_id 
_pdbx_poly_seq_scheme.seq_id 
_pdbx_poly_seq_scheme.mon_id 
_pdbx_poly_seq_scheme.ndb_seq_num 
_pdbx_poly_seq_scheme.pdb_seq_num 
_pdbx_poly_seq_scheme.auth_seq_num 
_pdbx_poly_seq_scheme.pdb_mon_id 
_pdbx_poly_seq_scheme.auth_mon_id 
_pdbx_poly_seq_scheme.pdb_strand_id 
_pdbx_poly_seq_scheme.pdb_ins_code 
_pdbx_poly_seq_scheme.hetero 
A 1 1   MET 1   1   1  MET MET A . n 
A 1 2   LYS 2   2   2  LYS LYS A . n 
A 1 3   ALA 3   3   3  ALA ALA A . n 
A 1 4   TYR 4   4   4  TYR TYR A . n 
A 1 5   LEU 5   5   5  LEU LEU A . n 
A 1 6   GLY 6   6   6  GLY GLY A . n 
A 1 7   LEU 7   7   7  LEU LEU A . n 
A 1 8   TYR 8   8   8  TYR TYR A . n 
A 1 9   THR 9   9   9  THR THR A . n 
A 1 10  ALA 10  10  10 ALA ALA A . n 
A 1 11  ARG 11  11  11 ARG ARG A . n 
A 1 12  LEU 12  12  12 LEU LEU A . n 
A 1 13  GLU 13  13  13 GLU GLU A . n 
A 1 14  THR 14  14  14 THR THR A . n 
A 1 15  PRO 15  15  15 PRO PRO A . n 
A 1 16  ALA 16  16  16 ALA ALA A . n 
A 1 17  ARG 17  17  17 ARG ARG A . n 
A 1 18  SER 18  18  18 SER SER A . n 
A 1 19  LEU 19  19  19 LEU LEU A . n 
A 1 20  LYS 20  20  20 LYS LYS A . n 
A 1 21  GLU 21  21  21 GLU GLU A . n 
A 1 22  LYS 22  22  22 LYS LYS A . n 
A 1 23  ARG 23  23  23 ARG ARG A . n 
A 1 24  ALA 24  24  24 ALA ALA A . n 
A 1 25  LEU 25  25  25 LEU LEU A . n 
A 1 26  ILE 26  26  26 ILE ILE A . n 
A 1 27  LYS 27  27  27 LYS LYS A . n 
A 1 28  PRO 28  28  28 PRO PRO A . n 
A 1 29  ALA 29  29  29 ALA ALA A . n 
A 1 30  LEU 30  30  30 LEU LEU A . n 
A 1 31  GLU 31  31  31 GLU GLU A . n 
A 1 32  ARG 32  32  32 ARG ARG A . n 
A 1 33  LEU 33  33  33 LEU LEU A . n 
A 1 34  LYS 34  34  34 LYS LYS A . n 
A 1 35  ALA 35  35  35 ALA ALA A . n 
A 1 36  ARG 36  36  36 ARG ARG A . n 
A 1 37  PHE 37  37  37 PHE PHE A . n 
A 1 38  PRO 38  38  38 PRO PRO A . n 
A 1 39  VAL 39  39  39 VAL VAL A . n 
A 1 40  SER 40  40  40 SER SER A . n 
A 1 41  ALA 41  41  41 ALA ALA A . n 
A 1 42  ALA 42  42  42 ALA ALA A . n 
A 1 43  ARG 43  43  43 ARG ARG A . n 
A 1 44  LEU 44  44  44 LEU LEU A . n 
A 1 45  TYR 45  45  45 TYR TYR A . n 
A 1 46  GLY 46  46  46 GLY GLY A . n 
A 1 47  LEU 47  47  47 LEU LEU A . n 
A 1 48  ASP 48  48  48 ASP ASP A . n 
A 1 49  ALA 49  49  49 ALA ALA A . n 
A 1 50  TRP 50  50  50 TRP TRP A . n 
A 1 51  GLY 51  51  51 GLY GLY A . n 
A 1 52  TYR 52  52  52 TYR TYR A . n 
A 1 53  GLU 53  53  53 GLU GLU A . n 
A 1 54  VAL 54  54  54 VAL VAL A . n 
A 1 55  VAL 55  55  55 VAL VAL A . n 
A 1 56  GLY 56  56  56 GLY GLY A . n 
A 1 57  PHE 57  57  57 PHE PHE A . n 
A 1 58  THR 58  58  58 THR THR A . n 
A 1 59  LEU 59  59  59 LEU LEU A . n 
A 1 60  LEU 60  60  60 LEU LEU A . n 
A 1 61  GLY 61  61  61 GLY GLY A . n 
A 1 62  ASN 62  62  62 ASN ASN A . n 
A 1 63  ASP 63  63  63 ASP ASP A . n 
A 1 64  PRO 64  64  64 PRO PRO A . n 
A 1 65  ALA 65  65  65 ALA ALA A . n 
A 1 66  TRP 66  66  66 TRP TRP A . n 
A 1 67  VAL 67  67  67 VAL VAL A . n 
A 1 68  GLU 68  68  68 GLU GLU A . n 
A 1 69  GLU 69  69  69 GLU GLU A . n 
A 1 70  THR 70  70  70 THR THR A . n 
A 1 71  MET 71  71  71 MET MET A . n 
A 1 72  ARG 72  72  72 ARG ARG A . n 
A 1 73  ALA 73  73  73 ALA ALA A . n 
A 1 74  ALA 74  74  74 ALA ALA A . n 
A 1 75  ALA 75  75  75 ALA ALA A . n 
A 1 76  ARG 76  76  76 ARG ARG A . n 
A 1 77  PHE 77  77  77 PHE PHE A . n 
A 1 78  LEU 78  78  78 LEU LEU A . n 
A 1 79  ALA 79  79  79 ALA ALA A . n 
A 1 80  GLU 80  80  80 GLU GLU A . n 
A 1 81  ALA 81  81  81 ALA ALA A . n 
A 1 82  GLY 82  82  82 GLY GLY A . n 
A 1 83  GLY 83  83  83 GLY GLY A . n 
A 1 84  PHE 84  84  84 PHE PHE A . n 
A 1 85  GLN 85  85  85 GLN GLN A . n 
A 1 86  VAL 86  86  86 VAL VAL A . n 
A 1 87  ALA 87  87  87 ALA ALA A . n 
A 1 88  LEU 88  88  88 LEU LEU A . n 
A 1 89  GLU 89  89  89 GLU GLU A . n 
A 1 90  GLU 90  90  90 GLU GLU A . n 
A 1 91  PHE 91  91  91 PHE PHE A . n 
A 1 92  ARG 92  92  92 ARG ARG A . n 
A 1 93  LEU 93  93  93 LEU LEU A . n 
A 1 94  GLU 94  94  94 GLU GLU A . n 
A 1 95  ALA 95  95  95 ALA ALA A . n 
A 1 96  PHE 96  96  96 PHE PHE A . n 
A 1 97  GLU 97  97  97 GLU GLU A . n 
A 1 98  LEU 98  98  98 LEU LEU A . n 
A 1 99  ASP 99  99  ?  ?   ?   A . n 
A 1 100 GLY 100 100 ?  ?   ?   A . n 
A 1 101 LEU 101 101 ?  ?   ?   A . n 
A 1 102 LEU 102 102 ?  ?   ?   A . n 
# 
loop_
_pdbx_nonpoly_scheme.asym_id 
_pdbx_nonpoly_scheme.entity_id 
_pdbx_nonpoly_scheme.mon_id 
_pdbx_nonpoly_scheme.ndb_seq_num 
_pdbx_nonpoly_scheme.pdb_seq_num 
_pdbx_nonpoly_scheme.auth_seq_num 
_pdbx_nonpoly_scheme.pdb_mon_id 
_pdbx_nonpoly_scheme.auth_mon_id 
_pdbx_nonpoly_scheme.pdb_strand_id 
_pdbx_nonpoly_scheme.pdb_ins_code 
B 2 HOH 1   103 1   HOH TIP A . 
B 2 HOH 2   104 2   HOH TIP A . 
B 2 HOH 3   105 3   HOH TIP A . 
B 2 HOH 4   106 4   HOH TIP A . 
B 2 HOH 5   107 5   HOH TIP A . 
B 2 HOH 6   108 6   HOH TIP A . 
B 2 HOH 7   109 7   HOH TIP A . 
B 2 HOH 8   110 8   HOH TIP A . 
B 2 HOH 9   111 9   HOH TIP A . 
B 2 HOH 10  112 10  HOH TIP A . 
B 2 HOH 11  113 11  HOH TIP A . 
B 2 HOH 12  114 12  HOH TIP A . 
B 2 HOH 13  115 13  HOH TIP A . 
B 2 HOH 14  116 14  HOH TIP A . 
B 2 HOH 15  117 15  HOH TIP A . 
B 2 HOH 16  118 16  HOH TIP A . 
B 2 HOH 17  119 17  HOH TIP A . 
B 2 HOH 18  120 18  HOH TIP A . 
B 2 HOH 19  121 19  HOH TIP A . 
B 2 HOH 20  122 20  HOH TIP A . 
B 2 HOH 21  123 21  HOH TIP A . 
B 2 HOH 22  124 22  HOH TIP A . 
B 2 HOH 23  125 23  HOH TIP A . 
B 2 HOH 24  126 24  HOH TIP A . 
B 2 HOH 25  127 25  HOH TIP A . 
B 2 HOH 26  128 26  HOH TIP A . 
B 2 HOH 27  129 27  HOH TIP A . 
B 2 HOH 28  130 28  HOH TIP A . 
B 2 HOH 29  131 29  HOH TIP A . 
B 2 HOH 30  132 30  HOH TIP A . 
B 2 HOH 31  133 31  HOH TIP A . 
B 2 HOH 32  134 32  HOH TIP A . 
B 2 HOH 33  135 33  HOH TIP A . 
B 2 HOH 34  136 34  HOH TIP A . 
B 2 HOH 35  137 35  HOH TIP A . 
B 2 HOH 36  138 36  HOH TIP A . 
B 2 HOH 37  139 37  HOH TIP A . 
B 2 HOH 38  140 38  HOH TIP A . 
B 2 HOH 39  141 39  HOH TIP A . 
B 2 HOH 40  142 40  HOH TIP A . 
B 2 HOH 41  143 41  HOH TIP A . 
B 2 HOH 42  144 42  HOH TIP A . 
B 2 HOH 43  145 43  HOH TIP A . 
B 2 HOH 44  146 44  HOH TIP A . 
B 2 HOH 45  147 45  HOH TIP A . 
B 2 HOH 46  148 46  HOH TIP A . 
B 2 HOH 47  149 47  HOH TIP A . 
B 2 HOH 48  150 48  HOH TIP A . 
B 2 HOH 49  151 49  HOH TIP A . 
B 2 HOH 50  152 50  HOH TIP A . 
B 2 HOH 51  153 51  HOH TIP A . 
B 2 HOH 52  154 52  HOH TIP A . 
B 2 HOH 53  155 53  HOH TIP A . 
B 2 HOH 54  156 54  HOH TIP A . 
B 2 HOH 55  157 55  HOH TIP A . 
B 2 HOH 56  158 56  HOH TIP A . 
B 2 HOH 57  159 57  HOH TIP A . 
B 2 HOH 58  160 58  HOH TIP A . 
B 2 HOH 59  161 59  HOH TIP A . 
B 2 HOH 60  162 60  HOH TIP A . 
B 2 HOH 61  163 61  HOH TIP A . 
B 2 HOH 62  164 62  HOH TIP A . 
B 2 HOH 63  165 63  HOH TIP A . 
B 2 HOH 64  166 64  HOH TIP A . 
B 2 HOH 65  167 65  HOH TIP A . 
B 2 HOH 66  168 66  HOH TIP A . 
B 2 HOH 67  169 67  HOH TIP A . 
B 2 HOH 68  170 68  HOH TIP A . 
B 2 HOH 69  171 69  HOH TIP A . 
B 2 HOH 70  172 70  HOH TIP A . 
B 2 HOH 71  173 71  HOH TIP A . 
B 2 HOH 72  174 72  HOH TIP A . 
B 2 HOH 73  175 73  HOH TIP A . 
B 2 HOH 74  176 74  HOH TIP A . 
B 2 HOH 75  177 75  HOH TIP A . 
B 2 HOH 76  178 76  HOH TIP A . 
B 2 HOH 77  179 77  HOH TIP A . 
B 2 HOH 78  180 78  HOH TIP A . 
B 2 HOH 79  181 79  HOH TIP A . 
B 2 HOH 80  182 80  HOH TIP A . 
B 2 HOH 81  183 81  HOH TIP A . 
B 2 HOH 82  184 82  HOH TIP A . 
B 2 HOH 83  185 83  HOH TIP A . 
B 2 HOH 84  186 84  HOH TIP A . 
B 2 HOH 85  187 85  HOH TIP A . 
B 2 HOH 86  188 86  HOH TIP A . 
B 2 HOH 87  189 87  HOH TIP A . 
B 2 HOH 88  190 88  HOH TIP A . 
B 2 HOH 89  191 89  HOH TIP A . 
B 2 HOH 90  192 90  HOH TIP A . 
B 2 HOH 91  193 91  HOH TIP A . 
B 2 HOH 92  194 92  HOH TIP A . 
B 2 HOH 93  195 93  HOH TIP A . 
B 2 HOH 94  196 94  HOH TIP A . 
B 2 HOH 95  197 95  HOH TIP A . 
B 2 HOH 96  198 96  HOH TIP A . 
B 2 HOH 97  199 97  HOH TIP A . 
B 2 HOH 98  200 98  HOH TIP A . 
B 2 HOH 99  201 99  HOH TIP A . 
B 2 HOH 100 202 100 HOH TIP A . 
B 2 HOH 101 203 101 HOH TIP A . 
B 2 HOH 102 204 102 HOH TIP A . 
B 2 HOH 103 205 103 HOH TIP A . 
B 2 HOH 104 206 104 HOH TIP A . 
B 2 HOH 105 207 105 HOH TIP A . 
B 2 HOH 106 208 106 HOH TIP A . 
B 2 HOH 107 209 107 HOH TIP A . 
B 2 HOH 108 210 108 HOH TIP A . 
B 2 HOH 109 211 109 HOH TIP A . 
B 2 HOH 110 212 110 HOH TIP A . 
B 2 HOH 111 213 111 HOH TIP A . 
B 2 HOH 112 214 112 HOH TIP A . 
B 2 HOH 113 215 113 HOH TIP A . 
B 2 HOH 114 216 114 HOH TIP A . 
B 2 HOH 115 217 115 HOH TIP A . 
B 2 HOH 116 218 116 HOH TIP A . 
B 2 HOH 117 219 117 HOH TIP A . 
B 2 HOH 118 220 118 HOH TIP A . 
B 2 HOH 119 221 119 HOH TIP A . 
B 2 HOH 120 222 120 HOH TIP A . 
B 2 HOH 121 223 121 HOH TIP A . 
B 2 HOH 122 224 122 HOH TIP A . 
B 2 HOH 123 225 123 HOH TIP A . 
B 2 HOH 124 226 124 HOH TIP A . 
B 2 HOH 125 227 125 HOH TIP A . 
B 2 HOH 126 228 126 HOH TIP A . 
B 2 HOH 127 229 127 HOH TIP A . 
B 2 HOH 128 230 128 HOH TIP A . 
B 2 HOH 129 231 129 HOH TIP A . 
# 
_software.name             CNS 
_software.classification   refinement 
_software.version          1.1 
_software.citation_id      ? 
_software.pdbx_ordinal     1 
# 
_cell.entry_id           1J27 
_cell.length_a           62.533 
_cell.length_b           68.388 
_cell.length_c           58.851 
_cell.angle_alpha        90.00 
_cell.angle_beta         90.00 
_cell.angle_gamma        90.00 
_cell.Z_PDB              8 
_cell.pdbx_unique_axis   ? 
# 
_symmetry.entry_id                         1J27 
_symmetry.space_group_name_H-M             'C 2 2 21' 
_symmetry.pdbx_full_space_group_name_H-M   ? 
_symmetry.cell_setting                     ? 
_symmetry.Int_Tables_number                20 
# 
_exptl.entry_id          1J27 
_exptl.method            'X-RAY DIFFRACTION' 
_exptl.crystals_number   ? 
# 
_exptl_crystal.id                    1 
_exptl_crystal.density_meas          ? 
_exptl_crystal.density_Matthews      2.75 
_exptl_crystal.density_percent_sol   55.33 
_exptl_crystal.description           ? 
# 
_diffrn.id                     1 
_diffrn.ambient_temp           ? 
_diffrn.ambient_temp_details   ? 
_diffrn.crystal_id             1 
# 
_diffrn_radiation.diffrn_id                        1 
_diffrn_radiation.wavelength_id                    1 
_diffrn_radiation.pdbx_monochromatic_or_laue_m_l   M 
_diffrn_radiation.monochromator                    ? 
_diffrn_radiation.pdbx_diffrn_protocol             MAD 
_diffrn_radiation.pdbx_scattering_type             x-ray 
# 
_diffrn_radiation_wavelength.id           1 
_diffrn_radiation_wavelength.wavelength   . 
_diffrn_radiation_wavelength.wt           1.0 
# 
_diffrn_source.diffrn_id                   1 
_diffrn_source.source                      SYNCHROTRON 
_diffrn_source.type                        'SPRING-8 BEAMLINE BL44B2' 
_diffrn_source.pdbx_synchrotron_site       SPring-8 
_diffrn_source.pdbx_synchrotron_beamline   BL44B2 
_diffrn_source.pdbx_wavelength             ? 
_diffrn_source.pdbx_wavelength_list        ? 
# 
_reflns.entry_id                     1J27 
_reflns.observed_criterion_sigma_I   0.0 
_reflns.observed_criterion_sigma_F   ? 
_reflns.d_resolution_low             50.0 
_reflns.d_resolution_high            1.70 
_reflns.number_obs                   15362 
_reflns.number_all                   ? 
_reflns.percent_possible_obs         ? 
_reflns.pdbx_Rmerge_I_obs            ? 
_reflns.pdbx_Rsym_value              ? 
_reflns.pdbx_netI_over_sigmaI        ? 
_reflns.B_iso_Wilson_estimate        11.7 
_reflns.pdbx_redundancy              ? 
_reflns.R_free_details               ? 
_reflns.limit_h_max                  ? 
_reflns.limit_h_min                  ? 
_reflns.limit_k_max                  ? 
_reflns.limit_k_min                  ? 
_reflns.limit_l_max                  ? 
_reflns.limit_l_min                  ? 
_reflns.observed_criterion_F_max     ? 
_reflns.observed_criterion_F_min     ? 
_reflns.pdbx_ordinal                 1 
_reflns.pdbx_diffrn_id               1 
# 
_refine.entry_id                                 1J27 
_refine.ls_number_reflns_obs                     14178 
_refine.ls_number_reflns_all                     ? 
_refine.pdbx_ls_sigma_I                          ? 
_refine.pdbx_ls_sigma_F                          0.0 
_refine.pdbx_data_cutoff_high_absF               1149962.57 
_refine.pdbx_data_cutoff_low_absF                0.000000 
_refine.ls_d_res_low                             21.48 
_refine.ls_d_res_high                            1.70 
_refine.ls_percent_reflns_obs                    99.7 
_refine.ls_R_factor_obs                          0.178 
_refine.ls_R_factor_all                          0.178 
_refine.ls_R_factor_R_work                       0.178 
_refine.ls_R_factor_R_free                       0.218 
_refine.ls_R_factor_R_free_error                 0.006 
_refine.ls_R_factor_R_free_error_details         ? 
_refine.ls_percent_reflns_R_free                 10.1 
_refine.ls_number_reflns_R_free                  1439 
_refine.ls_number_parameters                     ? 
_refine.ls_number_restraints                     ? 
_refine.occupancy_min                            ? 
_refine.occupancy_max                            ? 
_refine.correlation_coeff_Fo_to_Fc               ? 
_refine.correlation_coeff_Fo_to_Fc_free          ? 
_refine.B_iso_mean                               14.2 
_refine.aniso_B[1][1]                            -1.41 
_refine.aniso_B[2][2]                            1.15 
_refine.aniso_B[3][3]                            0.26 
_refine.aniso_B[1][2]                            0.00 
_refine.aniso_B[1][3]                            0.00 
_refine.aniso_B[2][3]                            0.00 
_refine.solvent_model_details                    'FLAT MODEL' 
_refine.solvent_model_param_ksol                 0.451101 
_refine.solvent_model_param_bsol                 65.5761 
_refine.pdbx_solvent_vdw_probe_radii             ? 
_refine.pdbx_solvent_ion_probe_radii             ? 
_refine.pdbx_solvent_shrinkage_radii             ? 
_refine.pdbx_ls_cross_valid_method               THROUGHOUT 
_refine.details                                  ? 
_refine.pdbx_starting_model                      ? 
_refine.pdbx_method_to_determine_struct          MAD 
_refine.pdbx_isotropic_thermal_model             RESTRAINED 
_refine.pdbx_stereochemistry_target_values       ? 
_refine.pdbx_stereochem_target_val_spec_case     ? 
_refine.pdbx_R_Free_selection_details            RANDOM 
_refine.pdbx_overall_ESU_R_Free                  ? 
_refine.overall_SU_B                             ? 
_refine.ls_redundancy_reflns_obs                 ? 
_refine.B_iso_min                                ? 
_refine.B_iso_max                                ? 
_refine.overall_SU_R_Cruickshank_DPI             ? 
_refine.overall_SU_R_free                        ? 
_refine.overall_SU_ML                            ? 
_refine.pdbx_overall_ESU_R                       ? 
_refine.pdbx_data_cutoff_high_rms_absF           ? 
_refine.pdbx_refine_id                           'X-RAY DIFFRACTION' 
_refine.pdbx_diffrn_id                           1 
_refine.pdbx_TLS_residual_ADP_flag               ? 
_refine.pdbx_overall_phase_error                 ? 
_refine.pdbx_overall_SU_R_free_Cruickshank_DPI   ? 
_refine.pdbx_overall_SU_R_Blow_DPI               ? 
_refine.pdbx_overall_SU_R_free_Blow_DPI          ? 
# 
_refine_analyze.entry_id                        1J27 
_refine_analyze.Luzzati_coordinate_error_obs    0.16 
_refine_analyze.Luzzati_sigma_a_obs             -0.07 
_refine_analyze.Luzzati_d_res_low_obs           5.00 
_refine_analyze.Luzzati_coordinate_error_free   0.19 
_refine_analyze.Luzzati_sigma_a_free            ? 
_refine_analyze.Luzzati_d_res_low_free          ? 
_refine_analyze.number_disordered_residues      ? 
_refine_analyze.occupancy_sum_hydrogen          ? 
_refine_analyze.occupancy_sum_non_hydrogen      ? 
_refine_analyze.pdbx_Luzzati_d_res_high_obs     ? 
_refine_analyze.pdbx_refine_id                  'X-RAY DIFFRACTION' 
# 
_refine_hist.pdbx_refine_id                   'X-RAY DIFFRACTION' 
_refine_hist.cycle_id                         LAST 
_refine_hist.pdbx_number_atoms_protein        778 
_refine_hist.pdbx_number_atoms_nucleic_acid   0 
_refine_hist.pdbx_number_atoms_ligand         0 
_refine_hist.number_atoms_solvent             129 
_refine_hist.number_atoms_total               907 
_refine_hist.d_res_high                       1.70 
_refine_hist.d_res_low                        21.48 
# 
loop_
_refine_ls_restr.type 
_refine_ls_restr.dev_ideal 
_refine_ls_restr.dev_ideal_target 
_refine_ls_restr.weight 
_refine_ls_restr.number 
_refine_ls_restr.pdbx_refine_id 
_refine_ls_restr.pdbx_restraint_function 
c_bond_d           0.020 ? ? ? 'X-RAY DIFFRACTION' ? 
c_angle_deg        1.9   ? ? ? 'X-RAY DIFFRACTION' ? 
c_dihedral_angle_d 24.3  ? ? ? 'X-RAY DIFFRACTION' ? 
c_improper_angle_d 1.20  ? ? ? 'X-RAY DIFFRACTION' ? 
# 
_refine_ls_shell.pdbx_total_number_of_bins_used   6 
_refine_ls_shell.d_res_high                       1.70 
_refine_ls_shell.d_res_low                        1.81 
_refine_ls_shell.number_reflns_R_work             2110 
_refine_ls_shell.R_factor_R_work                  0.172 
_refine_ls_shell.percent_reflns_obs               100.0 
_refine_ls_shell.R_factor_R_free                  0.2 
_refine_ls_shell.R_factor_R_free_error            0.014 
_refine_ls_shell.percent_reflns_R_free            9.1 
_refine_ls_shell.number_reflns_R_free             212 
_refine_ls_shell.number_reflns_obs                ? 
_refine_ls_shell.redundancy_reflns_obs            ? 
_refine_ls_shell.number_reflns_all                ? 
_refine_ls_shell.pdbx_refine_id                   'X-RAY DIFFRACTION' 
_refine_ls_shell.R_factor_all                     ? 
# 
loop_
_pdbx_xplor_file.serial_no 
_pdbx_xplor_file.param_file 
_pdbx_xplor_file.topol_file 
_pdbx_xplor_file.pdbx_refine_id 
1 PROTEIN_REP.PARAM PROTEIN.TOP 'X-RAY DIFFRACTION' 
2 WATER_REP.PARAM   ?           'X-RAY DIFFRACTION' 
# 
_struct.entry_id                  1J27 
_struct.title                     
'Crystal structure of a hypothetical protein, TT1725, from Thermus thermophilus HB8 at 1.7A resolution' 
_struct.pdbx_model_details        ? 
_struct.pdbx_CASP_flag            ? 
_struct.pdbx_model_type_details   ? 
# 
_struct_keywords.entry_id        1J27 
_struct_keywords.pdbx_keywords   'structural genomics, unknown function' 
_struct_keywords.text            
;structural genomics, hypothetical protein from Thermus thermophilus HB8, MAD, RIKEN Structural Genomics/Proteomics Initiative, RSGI, unknown function
;
# 
loop_
_struct_asym.id 
_struct_asym.pdbx_blank_PDB_chainid_flag 
_struct_asym.pdbx_modified 
_struct_asym.entity_id 
_struct_asym.details 
A N N 1 ? 
B N N 2 ? 
# 
_struct_ref.id                         1 
_struct_ref.db_name                    UNP 
_struct_ref.db_code                    Q84BR1_THETH 
_struct_ref.entity_id                  1 
_struct_ref.pdbx_seq_one_letter_code   
;MKAYLGLYTARLETPARSLKEKRALIKPALERLKARFPVSAARLYGLDAWGYEVVGFTLLGNDPAWVEETMRAAARFLAE
AGGFQVALEEFRLEAFELDGLL
;
_struct_ref.pdbx_align_begin           1 
_struct_ref.pdbx_db_accession          Q84BR1 
_struct_ref.pdbx_db_isoform            ? 
# 
_struct_ref_seq.align_id                      1 
_struct_ref_seq.ref_id                        1 
_struct_ref_seq.pdbx_PDB_id_code              1J27 
_struct_ref_seq.pdbx_strand_id                A 
_struct_ref_seq.seq_align_beg                 1 
_struct_ref_seq.pdbx_seq_align_beg_ins_code   ? 
_struct_ref_seq.seq_align_end                 102 
_struct_ref_seq.pdbx_seq_align_end_ins_code   ? 
_struct_ref_seq.pdbx_db_accession             Q84BR1 
_struct_ref_seq.db_align_beg                  1 
_struct_ref_seq.pdbx_db_align_beg_ins_code    ? 
_struct_ref_seq.db_align_end                  102 
_struct_ref_seq.pdbx_db_align_end_ins_code    ? 
_struct_ref_seq.pdbx_auth_seq_align_beg       1 
_struct_ref_seq.pdbx_auth_seq_align_end       102 
# 
loop_
_pdbx_struct_assembly.id 
_pdbx_struct_assembly.details 
_pdbx_struct_assembly.method_details 
_pdbx_struct_assembly.oligomeric_details 
_pdbx_struct_assembly.oligomeric_count 
1 author_defined_assembly   ?        monomeric 1 
2 software_defined_assembly PISA,PQS dimeric   2 
# 
loop_
_pdbx_struct_assembly_prop.biol_id 
_pdbx_struct_assembly_prop.type 
_pdbx_struct_assembly_prop.value 
_pdbx_struct_assembly_prop.details 
2 'ABSA (A^2)' 2230 ? 
2 MORE         -20  ? 
2 'SSA (A^2)'  9680 ? 
# 
loop_
_pdbx_struct_assembly_gen.assembly_id 
_pdbx_struct_assembly_gen.oper_expression 
_pdbx_struct_assembly_gen.asym_id_list 
1 1   A,B 
2 1,2 A,B 
# 
loop_
_pdbx_struct_oper_list.id 
_pdbx_struct_oper_list.type 
_pdbx_struct_oper_list.name 
_pdbx_struct_oper_list.symmetry_operation 
_pdbx_struct_oper_list.matrix[1][1] 
_pdbx_struct_oper_list.matrix[1][2] 
_pdbx_struct_oper_list.matrix[1][3] 
_pdbx_struct_oper_list.vector[1] 
_pdbx_struct_oper_list.matrix[2][1] 
_pdbx_struct_oper_list.matrix[2][2] 
_pdbx_struct_oper_list.matrix[2][3] 
_pdbx_struct_oper_list.vector[2] 
_pdbx_struct_oper_list.matrix[3][1] 
_pdbx_struct_oper_list.matrix[3][2] 
_pdbx_struct_oper_list.matrix[3][3] 
_pdbx_struct_oper_list.vector[3] 
1 'identity operation'         1_555 x,y,z         1.0000000000  0.0000000000  0.0000000000 0.0000000000  0.0000000000  1.0000000000  0.0000000000  0.0000000000 0.0000000000 0.0000000000  1.0000000000  0.0000000000   
2 'crystal symmetry operation' 3_655 -x+1,y,-z+1/2 -0.0305274339 -0.1901575296 0.9812788542 14.3064261942 -0.1901575296 -0.9627014860 -0.1924732781 0.2586734717 0.9812788542 -0.1924732781 -0.0067710801 -14.0841708212 
# 
_struct_biol.id                    1 
_struct_biol.pdbx_parent_biol_id   ? 
_struct_biol.details               ? 
# 
loop_
_struct_conf.conf_type_id 
_struct_conf.id 
_struct_conf.pdbx_PDB_helix_id 
_struct_conf.beg_label_comp_id 
_struct_conf.beg_label_asym_id 
_struct_conf.beg_label_seq_id 
_struct_conf.pdbx_beg_PDB_ins_code 
_struct_conf.end_label_comp_id 
_struct_conf.end_label_asym_id 
_struct_conf.end_label_seq_id 
_struct_conf.pdbx_end_PDB_ins_code 
_struct_conf.beg_auth_comp_id 
_struct_conf.beg_auth_asym_id 
_struct_conf.beg_auth_seq_id 
_struct_conf.end_auth_comp_id 
_struct_conf.end_auth_asym_id 
_struct_conf.end_auth_seq_id 
_struct_conf.pdbx_PDB_helix_class 
_struct_conf.details 
_struct_conf.pdbx_PDB_helix_length 
HELX_P HELX_P1 1 SER A 18 ? PHE A 37 ? SER A 18 PHE A 37 1 ? 20 
HELX_P HELX_P2 2 ASP A 63 ? ALA A 81 ? ASP A 63 ALA A 81 1 ? 19 
# 
_struct_conf_type.id          HELX_P 
_struct_conf_type.criteria    ? 
_struct_conf_type.reference   ? 
# 
_struct_sheet.id               A 
_struct_sheet.type             ? 
_struct_sheet.number_strands   4 
_struct_sheet.details          ? 
# 
loop_
_struct_sheet_order.sheet_id 
_struct_sheet_order.range_id_1 
_struct_sheet_order.range_id_2 
_struct_sheet_order.offset 
_struct_sheet_order.sense 
A 1 2 ? anti-parallel 
A 2 3 ? anti-parallel 
A 3 4 ? anti-parallel 
# 
loop_
_struct_sheet_range.sheet_id 
_struct_sheet_range.id 
_struct_sheet_range.beg_label_comp_id 
_struct_sheet_range.beg_label_asym_id 
_struct_sheet_range.beg_label_seq_id 
_struct_sheet_range.pdbx_beg_PDB_ins_code 
_struct_sheet_range.end_label_comp_id 
_struct_sheet_range.end_label_asym_id 
_struct_sheet_range.end_label_seq_id 
_struct_sheet_range.pdbx_end_PDB_ins_code 
_struct_sheet_range.beg_auth_comp_id 
_struct_sheet_range.beg_auth_asym_id 
_struct_sheet_range.beg_auth_seq_id 
_struct_sheet_range.end_auth_comp_id 
_struct_sheet_range.end_auth_asym_id 
_struct_sheet_range.end_auth_seq_id 
A 1 SER A 40 ? TYR A 45 ? SER A 40 TYR A 45 
A 2 TYR A 52 ? GLY A 61 ? TYR A 52 GLY A 61 
A 3 LYS A 2  ? GLU A 13 ? LYS A 2  GLU A 13 
A 4 GLN A 85 ? GLU A 97 ? GLN A 85 GLU A 97 
# 
loop_
_pdbx_struct_sheet_hbond.sheet_id 
_pdbx_struct_sheet_hbond.range_id_1 
_pdbx_struct_sheet_hbond.range_id_2 
_pdbx_struct_sheet_hbond.range_1_label_atom_id 
_pdbx_struct_sheet_hbond.range_1_label_comp_id 
_pdbx_struct_sheet_hbond.range_1_label_asym_id 
_pdbx_struct_sheet_hbond.range_1_label_seq_id 
_pdbx_struct_sheet_hbond.range_1_PDB_ins_code 
_pdbx_struct_sheet_hbond.range_1_auth_atom_id 
_pdbx_struct_sheet_hbond.range_1_auth_comp_id 
_pdbx_struct_sheet_hbond.range_1_auth_asym_id 
_pdbx_struct_sheet_hbond.range_1_auth_seq_id 
_pdbx_struct_sheet_hbond.range_2_label_atom_id 
_pdbx_struct_sheet_hbond.range_2_label_comp_id 
_pdbx_struct_sheet_hbond.range_2_label_asym_id 
_pdbx_struct_sheet_hbond.range_2_label_seq_id 
_pdbx_struct_sheet_hbond.range_2_PDB_ins_code 
_pdbx_struct_sheet_hbond.range_2_auth_atom_id 
_pdbx_struct_sheet_hbond.range_2_auth_comp_id 
_pdbx_struct_sheet_hbond.range_2_auth_asym_id 
_pdbx_struct_sheet_hbond.range_2_auth_seq_id 
A 1 2 N TYR A 45 ? N TYR A 45 O VAL A 54 ? O VAL A 54 
A 2 3 O GLU A 53 ? O GLU A 53 N LEU A 12 ? N LEU A 12 
A 3 4 N LEU A 5  ? N LEU A 5  O GLU A 94 ? O GLU A 94 
# 
_pdbx_SG_project.id                    1 
_pdbx_SG_project.project_name          ? 
_pdbx_SG_project.full_name_of_center   'RIKEN Structural Genomics/Proteomics Initiative' 
_pdbx_SG_project.initial_of_center     RSGI 
# 
loop_
_pdbx_unobs_or_zero_occ_residues.id 
_pdbx_unobs_or_zero_occ_residues.PDB_model_num 
_pdbx_unobs_or_zero_occ_residues.polymer_flag 
_pdbx_unobs_or_zero_occ_residues.occupancy_flag 
_pdbx_unobs_or_zero_occ_residues.auth_asym_id 
_pdbx_unobs_or_zero_occ_residues.auth_comp_id 
_pdbx_unobs_or_zero_occ_residues.auth_seq_id 
_pdbx_unobs_or_zero_occ_residues.PDB_ins_code 
_pdbx_unobs_or_zero_occ_residues.label_asym_id 
_pdbx_unobs_or_zero_occ_residues.label_comp_id 
_pdbx_unobs_or_zero_occ_residues.label_seq_id 
1 1 Y 1 A ASP 99  ? A ASP 99  
2 1 Y 1 A GLY 100 ? A GLY 100 
3 1 Y 1 A LEU 101 ? A LEU 101 
4 1 Y 1 A LEU 102 ? A LEU 102 
# 
loop_
_chem_comp_atom.comp_id 
_chem_comp_atom.atom_id 
_chem_comp_atom.type_symbol 
_chem_comp_atom.pdbx_aromatic_flag 
_chem_comp_atom.pdbx_stereo_config 
_chem_comp_atom.pdbx_ordinal 
ALA N    N N N 1   
ALA CA   C N S 2   
ALA C    C N N 3   
ALA O    O N N 4   
ALA CB   C N N 5   
ALA OXT  O N N 6   
ALA H    H N N 7   
ALA H2   H N N 8   
ALA HA   H N N 9   
ALA HB1  H N N 10  
ALA HB2  H N N 11  
ALA HB3  H N N 12  
ALA HXT  H N N 13  
ARG N    N N N 14  
ARG CA   C N S 15  
ARG C    C N N 16  
ARG O    O N N 17  
ARG CB   C N N 18  
ARG CG   C N N 19  
ARG CD   C N N 20  
ARG NE   N N N 21  
ARG CZ   C N N 22  
ARG NH1  N N N 23  
ARG NH2  N N N 24  
ARG OXT  O N N 25  
ARG H    H N N 26  
ARG H2   H N N 27  
ARG HA   H N N 28  
ARG HB2  H N N 29  
ARG HB3  H N N 30  
ARG HG2  H N N 31  
ARG HG3  H N N 32  
ARG HD2  H N N 33  
ARG HD3  H N N 34  
ARG HE   H N N 35  
ARG HH11 H N N 36  
ARG HH12 H N N 37  
ARG HH21 H N N 38  
ARG HH22 H N N 39  
ARG HXT  H N N 40  
ASN N    N N N 41  
ASN CA   C N S 42  
ASN C    C N N 43  
ASN O    O N N 44  
ASN CB   C N N 45  
ASN CG   C N N 46  
ASN OD1  O N N 47  
ASN ND2  N N N 48  
ASN OXT  O N N 49  
ASN H    H N N 50  
ASN H2   H N N 51  
ASN HA   H N N 52  
ASN HB2  H N N 53  
ASN HB3  H N N 54  
ASN HD21 H N N 55  
ASN HD22 H N N 56  
ASN HXT  H N N 57  
ASP N    N N N 58  
ASP CA   C N S 59  
ASP C    C N N 60  
ASP O    O N N 61  
ASP CB   C N N 62  
ASP CG   C N N 63  
ASP OD1  O N N 64  
ASP OD2  O N N 65  
ASP OXT  O N N 66  
ASP H    H N N 67  
ASP H2   H N N 68  
ASP HA   H N N 69  
ASP HB2  H N N 70  
ASP HB3  H N N 71  
ASP HD2  H N N 72  
ASP HXT  H N N 73  
GLN N    N N N 74  
GLN CA   C N S 75  
GLN C    C N N 76  
GLN O    O N N 77  
GLN CB   C N N 78  
GLN CG   C N N 79  
GLN CD   C N N 80  
GLN OE1  O N N 81  
GLN NE2  N N N 82  
GLN OXT  O N N 83  
GLN H    H N N 84  
GLN H2   H N N 85  
GLN HA   H N N 86  
GLN HB2  H N N 87  
GLN HB3  H N N 88  
GLN HG2  H N N 89  
GLN HG3  H N N 90  
GLN HE21 H N N 91  
GLN HE22 H N N 92  
GLN HXT  H N N 93  
GLU N    N N N 94  
GLU CA   C N S 95  
GLU C    C N N 96  
GLU O    O N N 97  
GLU CB   C N N 98  
GLU CG   C N N 99  
GLU CD   C N N 100 
GLU OE1  O N N 101 
GLU OE2  O N N 102 
GLU OXT  O N N 103 
GLU H    H N N 104 
GLU H2   H N N 105 
GLU HA   H N N 106 
GLU HB2  H N N 107 
GLU HB3  H N N 108 
GLU HG2  H N N 109 
GLU HG3  H N N 110 
GLU HE2  H N N 111 
GLU HXT  H N N 112 
GLY N    N N N 113 
GLY CA   C N N 114 
GLY C    C N N 115 
GLY O    O N N 116 
GLY OXT  O N N 117 
GLY H    H N N 118 
GLY H2   H N N 119 
GLY HA2  H N N 120 
GLY HA3  H N N 121 
GLY HXT  H N N 122 
HOH O    O N N 123 
HOH H1   H N N 124 
HOH H2   H N N 125 
ILE N    N N N 126 
ILE CA   C N S 127 
ILE C    C N N 128 
ILE O    O N N 129 
ILE CB   C N S 130 
ILE CG1  C N N 131 
ILE CG2  C N N 132 
ILE CD1  C N N 133 
ILE OXT  O N N 134 
ILE H    H N N 135 
ILE H2   H N N 136 
ILE HA   H N N 137 
ILE HB   H N N 138 
ILE HG12 H N N 139 
ILE HG13 H N N 140 
ILE HG21 H N N 141 
ILE HG22 H N N 142 
ILE HG23 H N N 143 
ILE HD11 H N N 144 
ILE HD12 H N N 145 
ILE HD13 H N N 146 
ILE HXT  H N N 147 
LEU N    N N N 148 
LEU CA   C N S 149 
LEU C    C N N 150 
LEU O    O N N 151 
LEU CB   C N N 152 
LEU CG   C N N 153 
LEU CD1  C N N 154 
LEU CD2  C N N 155 
LEU OXT  O N N 156 
LEU H    H N N 157 
LEU H2   H N N 158 
LEU HA   H N N 159 
LEU HB2  H N N 160 
LEU HB3  H N N 161 
LEU HG   H N N 162 
LEU HD11 H N N 163 
LEU HD12 H N N 164 
LEU HD13 H N N 165 
LEU HD21 H N N 166 
LEU HD22 H N N 167 
LEU HD23 H N N 168 
LEU HXT  H N N 169 
LYS N    N N N 170 
LYS CA   C N S 171 
LYS C    C N N 172 
LYS O    O N N 173 
LYS CB   C N N 174 
LYS CG   C N N 175 
LYS CD   C N N 176 
LYS CE   C N N 177 
LYS NZ   N N N 178 
LYS OXT  O N N 179 
LYS H    H N N 180 
LYS H2   H N N 181 
LYS HA   H N N 182 
LYS HB2  H N N 183 
LYS HB3  H N N 184 
LYS HG2  H N N 185 
LYS HG3  H N N 186 
LYS HD2  H N N 187 
LYS HD3  H N N 188 
LYS HE2  H N N 189 
LYS HE3  H N N 190 
LYS HZ1  H N N 191 
LYS HZ2  H N N 192 
LYS HZ3  H N N 193 
LYS HXT  H N N 194 
MET N    N N N 195 
MET CA   C N S 196 
MET C    C N N 197 
MET O    O N N 198 
MET CB   C N N 199 
MET CG   C N N 200 
MET SD   S N N 201 
MET CE   C N N 202 
MET OXT  O N N 203 
MET H    H N N 204 
MET H2   H N N 205 
MET HA   H N N 206 
MET HB2  H N N 207 
MET HB3  H N N 208 
MET HG2  H N N 209 
MET HG3  H N N 210 
MET HE1  H N N 211 
MET HE2  H N N 212 
MET HE3  H N N 213 
MET HXT  H N N 214 
PHE N    N N N 215 
PHE CA   C N S 216 
PHE C    C N N 217 
PHE O    O N N 218 
PHE CB   C N N 219 
PHE CG   C Y N 220 
PHE CD1  C Y N 221 
PHE CD2  C Y N 222 
PHE CE1  C Y N 223 
PHE CE2  C Y N 224 
PHE CZ   C Y N 225 
PHE OXT  O N N 226 
PHE H    H N N 227 
PHE H2   H N N 228 
PHE HA   H N N 229 
PHE HB2  H N N 230 
PHE HB3  H N N 231 
PHE HD1  H N N 232 
PHE HD2  H N N 233 
PHE HE1  H N N 234 
PHE HE2  H N N 235 
PHE HZ   H N N 236 
PHE HXT  H N N 237 
PRO N    N N N 238 
PRO CA   C N S 239 
PRO C    C N N 240 
PRO O    O N N 241 
PRO CB   C N N 242 
PRO CG   C N N 243 
PRO CD   C N N 244 
PRO OXT  O N N 245 
PRO H    H N N 246 
PRO HA   H N N 247 
PRO HB2  H N N 248 
PRO HB3  H N N 249 
PRO HG2  H N N 250 
PRO HG3  H N N 251 
PRO HD2  H N N 252 
PRO HD3  H N N 253 
PRO HXT  H N N 254 
SER N    N N N 255 
SER CA   C N S 256 
SER C    C N N 257 
SER O    O N N 258 
SER CB   C N N 259 
SER OG   O N N 260 
SER OXT  O N N 261 
SER H    H N N 262 
SER H2   H N N 263 
SER HA   H N N 264 
SER HB2  H N N 265 
SER HB3  H N N 266 
SER HG   H N N 267 
SER HXT  H N N 268 
THR N    N N N 269 
THR CA   C N S 270 
THR C    C N N 271 
THR O    O N N 272 
THR CB   C N R 273 
THR OG1  O N N 274 
THR CG2  C N N 275 
THR OXT  O N N 276 
THR H    H N N 277 
THR H2   H N N 278 
THR HA   H N N 279 
THR HB   H N N 280 
THR HG1  H N N 281 
THR HG21 H N N 282 
THR HG22 H N N 283 
THR HG23 H N N 284 
THR HXT  H N N 285 
TRP N    N N N 286 
TRP CA   C N S 287 
TRP C    C N N 288 
TRP O    O N N 289 
TRP CB   C N N 290 
TRP CG   C Y N 291 
TRP CD1  C Y N 292 
TRP CD2  C Y N 293 
TRP NE1  N Y N 294 
TRP CE2  C Y N 295 
TRP CE3  C Y N 296 
TRP CZ2  C Y N 297 
TRP CZ3  C Y N 298 
TRP CH2  C Y N 299 
TRP OXT  O N N 300 
TRP H    H N N 301 
TRP H2   H N N 302 
TRP HA   H N N 303 
TRP HB2  H N N 304 
TRP HB3  H N N 305 
TRP HD1  H N N 306 
TRP HE1  H N N 307 
TRP HE3  H N N 308 
TRP HZ2  H N N 309 
TRP HZ3  H N N 310 
TRP HH2  H N N 311 
TRP HXT  H N N 312 
TYR N    N N N 313 
TYR CA   C N S 314 
TYR C    C N N 315 
TYR O    O N N 316 
TYR CB   C N N 317 
TYR CG   C Y N 318 
TYR CD1  C Y N 319 
TYR CD2  C Y N 320 
TYR CE1  C Y N 321 
TYR CE2  C Y N 322 
TYR CZ   C Y N 323 
TYR OH   O N N 324 
TYR OXT  O N N 325 
TYR H    H N N 326 
TYR H2   H N N 327 
TYR HA   H N N 328 
TYR HB2  H N N 329 
TYR HB3  H N N 330 
TYR HD1  H N N 331 
TYR HD2  H N N 332 
TYR HE1  H N N 333 
TYR HE2  H N N 334 
TYR HH   H N N 335 
TYR HXT  H N N 336 
VAL N    N N N 337 
VAL CA   C N S 338 
VAL C    C N N 339 
VAL O    O N N 340 
VAL CB   C N N 341 
VAL CG1  C N N 342 
VAL CG2  C N N 343 
VAL OXT  O N N 344 
VAL H    H N N 345 
VAL H2   H N N 346 
VAL HA   H N N 347 
VAL HB   H N N 348 
VAL HG11 H N N 349 
VAL HG12 H N N 350 
VAL HG13 H N N 351 
VAL HG21 H N N 352 
VAL HG22 H N N 353 
VAL HG23 H N N 354 
VAL HXT  H N N 355 
# 
loop_
_chem_comp_bond.comp_id 
_chem_comp_bond.atom_id_1 
_chem_comp_bond.atom_id_2 
_chem_comp_bond.value_order 
_chem_comp_bond.pdbx_aromatic_flag 
_chem_comp_bond.pdbx_stereo_config 
_chem_comp_bond.pdbx_ordinal 
ALA N   CA   sing N N 1   
ALA N   H    sing N N 2   
ALA N   H2   sing N N 3   
ALA CA  C    sing N N 4   
ALA CA  CB   sing N N 5   
ALA CA  HA   sing N N 6   
ALA C   O    doub N N 7   
ALA C   OXT  sing N N 8   
ALA CB  HB1  sing N N 9   
ALA CB  HB2  sing N N 10  
ALA CB  HB3  sing N N 11  
ALA OXT HXT  sing N N 12  
ARG N   CA   sing N N 13  
ARG N   H    sing N N 14  
ARG N   H2   sing N N 15  
ARG CA  C    sing N N 16  
ARG CA  CB   sing N N 17  
ARG CA  HA   sing N N 18  
ARG C   O    doub N N 19  
ARG C   OXT  sing N N 20  
ARG CB  CG   sing N N 21  
ARG CB  HB2  sing N N 22  
ARG CB  HB3  sing N N 23  
ARG CG  CD   sing N N 24  
ARG CG  HG2  sing N N 25  
ARG CG  HG3  sing N N 26  
ARG CD  NE   sing N N 27  
ARG CD  HD2  sing N N 28  
ARG CD  HD3  sing N N 29  
ARG NE  CZ   sing N N 30  
ARG NE  HE   sing N N 31  
ARG CZ  NH1  sing N N 32  
ARG CZ  NH2  doub N N 33  
ARG NH1 HH11 sing N N 34  
ARG NH1 HH12 sing N N 35  
ARG NH2 HH21 sing N N 36  
ARG NH2 HH22 sing N N 37  
ARG OXT HXT  sing N N 38  
ASN N   CA   sing N N 39  
ASN N   H    sing N N 40  
ASN N   H2   sing N N 41  
ASN CA  C    sing N N 42  
ASN CA  CB   sing N N 43  
ASN CA  HA   sing N N 44  
ASN C   O    doub N N 45  
ASN C   OXT  sing N N 46  
ASN CB  CG   sing N N 47  
ASN CB  HB2  sing N N 48  
ASN CB  HB3  sing N N 49  
ASN CG  OD1  doub N N 50  
ASN CG  ND2  sing N N 51  
ASN ND2 HD21 sing N N 52  
ASN ND2 HD22 sing N N 53  
ASN OXT HXT  sing N N 54  
ASP N   CA   sing N N 55  
ASP N   H    sing N N 56  
ASP N   H2   sing N N 57  
ASP CA  C    sing N N 58  
ASP CA  CB   sing N N 59  
ASP CA  HA   sing N N 60  
ASP C   O    doub N N 61  
ASP C   OXT  sing N N 62  
ASP CB  CG   sing N N 63  
ASP CB  HB2  sing N N 64  
ASP CB  HB3  sing N N 65  
ASP CG  OD1  doub N N 66  
ASP CG  OD2  sing N N 67  
ASP OD2 HD2  sing N N 68  
ASP OXT HXT  sing N N 69  
GLN N   CA   sing N N 70  
GLN N   H    sing N N 71  
GLN N   H2   sing N N 72  
GLN CA  C    sing N N 73  
GLN CA  CB   sing N N 74  
GLN CA  HA   sing N N 75  
GLN C   O    doub N N 76  
GLN C   OXT  sing N N 77  
GLN CB  CG   sing N N 78  
GLN CB  HB2  sing N N 79  
GLN CB  HB3  sing N N 80  
GLN CG  CD   sing N N 81  
GLN CG  HG2  sing N N 82  
GLN CG  HG3  sing N N 83  
GLN CD  OE1  doub N N 84  
GLN CD  NE2  sing N N 85  
GLN NE2 HE21 sing N N 86  
GLN NE2 HE22 sing N N 87  
GLN OXT HXT  sing N N 88  
GLU N   CA   sing N N 89  
GLU N   H    sing N N 90  
GLU N   H2   sing N N 91  
GLU CA  C    sing N N 92  
GLU CA  CB   sing N N 93  
GLU CA  HA   sing N N 94  
GLU C   O    doub N N 95  
GLU C   OXT  sing N N 96  
GLU CB  CG   sing N N 97  
GLU CB  HB2  sing N N 98  
GLU CB  HB3  sing N N 99  
GLU CG  CD   sing N N 100 
GLU CG  HG2  sing N N 101 
GLU CG  HG3  sing N N 102 
GLU CD  OE1  doub N N 103 
GLU CD  OE2  sing N N 104 
GLU OE2 HE2  sing N N 105 
GLU OXT HXT  sing N N 106 
GLY N   CA   sing N N 107 
GLY N   H    sing N N 108 
GLY N   H2   sing N N 109 
GLY CA  C    sing N N 110 
GLY CA  HA2  sing N N 111 
GLY CA  HA3  sing N N 112 
GLY C   O    doub N N 113 
GLY C   OXT  sing N N 114 
GLY OXT HXT  sing N N 115 
HOH O   H1   sing N N 116 
HOH O   H2   sing N N 117 
ILE N   CA   sing N N 118 
ILE N   H    sing N N 119 
ILE N   H2   sing N N 120 
ILE CA  C    sing N N 121 
ILE CA  CB   sing N N 122 
ILE CA  HA   sing N N 123 
ILE C   O    doub N N 124 
ILE C   OXT  sing N N 125 
ILE CB  CG1  sing N N 126 
ILE CB  CG2  sing N N 127 
ILE CB  HB   sing N N 128 
ILE CG1 CD1  sing N N 129 
ILE CG1 HG12 sing N N 130 
ILE CG1 HG13 sing N N 131 
ILE CG2 HG21 sing N N 132 
ILE CG2 HG22 sing N N 133 
ILE CG2 HG23 sing N N 134 
ILE CD1 HD11 sing N N 135 
ILE CD1 HD12 sing N N 136 
ILE CD1 HD13 sing N N 137 
ILE OXT HXT  sing N N 138 
LEU N   CA   sing N N 139 
LEU N   H    sing N N 140 
LEU N   H2   sing N N 141 
LEU CA  C    sing N N 142 
LEU CA  CB   sing N N 143 
LEU CA  HA   sing N N 144 
LEU C   O    doub N N 145 
LEU C   OXT  sing N N 146 
LEU CB  CG   sing N N 147 
LEU CB  HB2  sing N N 148 
LEU CB  HB3  sing N N 149 
LEU CG  CD1  sing N N 150 
LEU CG  CD2  sing N N 151 
LEU CG  HG   sing N N 152 
LEU CD1 HD11 sing N N 153 
LEU CD1 HD12 sing N N 154 
LEU CD1 HD13 sing N N 155 
LEU CD2 HD21 sing N N 156 
LEU CD2 HD22 sing N N 157 
LEU CD2 HD23 sing N N 158 
LEU OXT HXT  sing N N 159 
LYS N   CA   sing N N 160 
LYS N   H    sing N N 161 
LYS N   H2   sing N N 162 
LYS CA  C    sing N N 163 
LYS CA  CB   sing N N 164 
LYS CA  HA   sing N N 165 
LYS C   O    doub N N 166 
LYS C   OXT  sing N N 167 
LYS CB  CG   sing N N 168 
LYS CB  HB2  sing N N 169 
LYS CB  HB3  sing N N 170 
LYS CG  CD   sing N N 171 
LYS CG  HG2  sing N N 172 
LYS CG  HG3  sing N N 173 
LYS CD  CE   sing N N 174 
LYS CD  HD2  sing N N 175 
LYS CD  HD3  sing N N 176 
LYS CE  NZ   sing N N 177 
LYS CE  HE2  sing N N 178 
LYS CE  HE3  sing N N 179 
LYS NZ  HZ1  sing N N 180 
LYS NZ  HZ2  sing N N 181 
LYS NZ  HZ3  sing N N 182 
LYS OXT HXT  sing N N 183 
MET N   CA   sing N N 184 
MET N   H    sing N N 185 
MET N   H2   sing N N 186 
MET CA  C    sing N N 187 
MET CA  CB   sing N N 188 
MET CA  HA   sing N N 189 
MET C   O    doub N N 190 
MET C   OXT  sing N N 191 
MET CB  CG   sing N N 192 
MET CB  HB2  sing N N 193 
MET CB  HB3  sing N N 194 
MET CG  SD   sing N N 195 
MET CG  HG2  sing N N 196 
MET CG  HG3  sing N N 197 
MET SD  CE   sing N N 198 
MET CE  HE1  sing N N 199 
MET CE  HE2  sing N N 200 
MET CE  HE3  sing N N 201 
MET OXT HXT  sing N N 202 
PHE N   CA   sing N N 203 
PHE N   H    sing N N 204 
PHE N   H2   sing N N 205 
PHE CA  C    sing N N 206 
PHE CA  CB   sing N N 207 
PHE CA  HA   sing N N 208 
PHE C   O    doub N N 209 
PHE C   OXT  sing N N 210 
PHE CB  CG   sing N N 211 
PHE CB  HB2  sing N N 212 
PHE CB  HB3  sing N N 213 
PHE CG  CD1  doub Y N 214 
PHE CG  CD2  sing Y N 215 
PHE CD1 CE1  sing Y N 216 
PHE CD1 HD1  sing N N 217 
PHE CD2 CE2  doub Y N 218 
PHE CD2 HD2  sing N N 219 
PHE CE1 CZ   doub Y N 220 
PHE CE1 HE1  sing N N 221 
PHE CE2 CZ   sing Y N 222 
PHE CE2 HE2  sing N N 223 
PHE CZ  HZ   sing N N 224 
PHE OXT HXT  sing N N 225 
PRO N   CA   sing N N 226 
PRO N   CD   sing N N 227 
PRO N   H    sing N N 228 
PRO CA  C    sing N N 229 
PRO CA  CB   sing N N 230 
PRO CA  HA   sing N N 231 
PRO C   O    doub N N 232 
PRO C   OXT  sing N N 233 
PRO CB  CG   sing N N 234 
PRO CB  HB2  sing N N 235 
PRO CB  HB3  sing N N 236 
PRO CG  CD   sing N N 237 
PRO CG  HG2  sing N N 238 
PRO CG  HG3  sing N N 239 
PRO CD  HD2  sing N N 240 
PRO CD  HD3  sing N N 241 
PRO OXT HXT  sing N N 242 
SER N   CA   sing N N 243 
SER N   H    sing N N 244 
SER N   H2   sing N N 245 
SER CA  C    sing N N 246 
SER CA  CB   sing N N 247 
SER CA  HA   sing N N 248 
SER C   O    doub N N 249 
SER C   OXT  sing N N 250 
SER CB  OG   sing N N 251 
SER CB  HB2  sing N N 252 
SER CB  HB3  sing N N 253 
SER OG  HG   sing N N 254 
SER OXT HXT  sing N N 255 
THR N   CA   sing N N 256 
THR N   H    sing N N 257 
THR N   H2   sing N N 258 
THR CA  C    sing N N 259 
THR CA  CB   sing N N 260 
THR CA  HA   sing N N 261 
THR C   O    doub N N 262 
THR C   OXT  sing N N 263 
THR CB  OG1  sing N N 264 
THR CB  CG2  sing N N 265 
THR CB  HB   sing N N 266 
THR OG1 HG1  sing N N 267 
THR CG2 HG21 sing N N 268 
THR CG2 HG22 sing N N 269 
THR CG2 HG23 sing N N 270 
THR OXT HXT  sing N N 271 
TRP N   CA   sing N N 272 
TRP N   H    sing N N 273 
TRP N   H2   sing N N 274 
TRP CA  C    sing N N 275 
TRP CA  CB   sing N N 276 
TRP CA  HA   sing N N 277 
TRP C   O    doub N N 278 
TRP C   OXT  sing N N 279 
TRP CB  CG   sing N N 280 
TRP CB  HB2  sing N N 281 
TRP CB  HB3  sing N N 282 
TRP CG  CD1  doub Y N 283 
TRP CG  CD2  sing Y N 284 
TRP CD1 NE1  sing Y N 285 
TRP CD1 HD1  sing N N 286 
TRP CD2 CE2  doub Y N 287 
TRP CD2 CE3  sing Y N 288 
TRP NE1 CE2  sing Y N 289 
TRP NE1 HE1  sing N N 290 
TRP CE2 CZ2  sing Y N 291 
TRP CE3 CZ3  doub Y N 292 
TRP CE3 HE3  sing N N 293 
TRP CZ2 CH2  doub Y N 294 
TRP CZ2 HZ2  sing N N 295 
TRP CZ3 CH2  sing Y N 296 
TRP CZ3 HZ3  sing N N 297 
TRP CH2 HH2  sing N N 298 
TRP OXT HXT  sing N N 299 
TYR N   CA   sing N N 300 
TYR N   H    sing N N 301 
TYR N   H2   sing N N 302 
TYR CA  C    sing N N 303 
TYR CA  CB   sing N N 304 
TYR CA  HA   sing N N 305 
TYR C   O    doub N N 306 
TYR C   OXT  sing N N 307 
TYR CB  CG   sing N N 308 
TYR CB  HB2  sing N N 309 
TYR CB  HB3  sing N N 310 
TYR CG  CD1  doub Y N 311 
TYR CG  CD2  sing Y N 312 
TYR CD1 CE1  sing Y N 313 
TYR CD1 HD1  sing N N 314 
TYR CD2 CE2  doub Y N 315 
TYR CD2 HD2  sing N N 316 
TYR CE1 CZ   doub Y N 317 
TYR CE1 HE1  sing N N 318 
TYR CE2 CZ   sing Y N 319 
TYR CE2 HE2  sing N N 320 
TYR CZ  OH   sing N N 321 
TYR OH  HH   sing N N 322 
TYR OXT HXT  sing N N 323 
VAL N   CA   sing N N 324 
VAL N   H    sing N N 325 
VAL N   H2   sing N N 326 
VAL CA  C    sing N N 327 
VAL CA  CB   sing N N 328 
VAL CA  HA   sing N N 329 
VAL C   O    doub N N 330 
VAL C   OXT  sing N N 331 
VAL CB  CG1  sing N N 332 
VAL CB  CG2  sing N N 333 
VAL CB  HB   sing N N 334 
VAL CG1 HG11 sing N N 335 
VAL CG1 HG12 sing N N 336 
VAL CG1 HG13 sing N N 337 
VAL CG2 HG21 sing N N 338 
VAL CG2 HG22 sing N N 339 
VAL CG2 HG23 sing N N 340 
VAL OXT HXT  sing N N 341 
# 
_atom_sites.entry_id                    1J27 
_atom_sites.fract_transf_matrix[1][1]   0.00500964 
_atom_sites.fract_transf_matrix[1][2]   0.01505042 
_atom_sites.fract_transf_matrix[1][3]   -0.00203282 
_atom_sites.fract_transf_matrix[2][1]   -0.01018028 
_atom_sites.fract_transf_matrix[2][2]   0.00199681 
_atom_sites.fract_transf_matrix[2][3]   -0.01030425 
_atom_sites.fract_transf_matrix[3][1]   -0.01097442 
_atom_sites.fract_transf_matrix[3][2]   0.00525491 
_atom_sites.fract_transf_matrix[3][3]   0.01186070 
_atom_sites.fract_transf_vector[1]      0.447917 
_atom_sites.fract_transf_vector[2]      0.309835 
_atom_sites.fract_transf_vector[3]      0.411346 
# 
loop_
_atom_type.symbol 
C 
N 
O 
S 
# 
loop_
_atom_site.group_PDB 
_atom_site.id 
_atom_site.type_symbol 
_atom_site.label_atom_id 
_atom_site.label_alt_id 
_atom_site.label_comp_id 
_atom_site.label_asym_id 
_atom_site.label_entity_id 
_atom_site.label_seq_id 
_atom_site.pdbx_PDB_ins_code 
_atom_site.Cartn_x 
_atom_site.Cartn_y 
_atom_site.Cartn_z 
_atom_site.occupancy 
_atom_site.B_iso_or_equiv 
_atom_site.pdbx_formal_charge 
_atom_site.auth_seq_id 
_atom_site.auth_comp_id 
_atom_site.auth_asym_id 
_atom_site.auth_atom_id 
_atom_site.pdbx_PDB_model_num 
ATOM   1   N N   . MET A 1 1  ? 25.471  9.467   -4.800  1.00 25.12 ? 1   MET A N   1 
ATOM   2   C CA  . MET A 1 1  ? 24.040  9.699   -5.210  1.00 24.32 ? 1   MET A CA  1 
ATOM   3   C C   . MET A 1 1  ? 23.264  8.489   -4.674  1.00 20.03 ? 1   MET A C   1 
ATOM   4   O O   . MET A 1 1  ? 23.698  7.343   -4.797  1.00 19.52 ? 1   MET A O   1 
ATOM   5   C CB  . MET A 1 1  ? 23.950  9.779   -6.744  1.00 28.25 ? 1   MET A CB  1 
ATOM   6   C CG  . MET A 1 1  ? 24.539  8.511   -7.469  1.00 32.97 ? 1   MET A CG  1 
ATOM   7   S SD  . MET A 1 1  ? 24.514  8.494   -9.326  1.00 38.44 ? 1   MET A SD  1 
ATOM   8   C CE  . MET A 1 1  ? 24.118  6.805   -9.739  1.00 38.28 ? 1   MET A CE  1 
ATOM   9   N N   A LYS A 1 2  ? 22.108  8.729   -4.070  0.76 17.31 ? 2   LYS A N   1 
ATOM   10  N N   B LYS A 1 2  ? 22.099  8.735   -4.090  0.24 18.94 ? 2   LYS A N   1 
ATOM   11  C CA  A LYS A 1 2  ? 21.359  7.583   -3.533  0.76 15.88 ? 2   LYS A CA  1 
ATOM   12  C CA  B LYS A 1 2  ? 21.327  7.632   -3.520  0.24 17.50 ? 2   LYS A CA  1 
ATOM   13  C C   A LYS A 1 2  ? 19.995  7.383   -4.172  0.76 12.83 ? 2   LYS A C   1 
ATOM   14  C C   B LYS A 1 2  ? 19.958  7.396   -4.143  0.24 15.39 ? 2   LYS A C   1 
ATOM   15  O O   A LYS A 1 2  ? 19.433  8.315   -4.708  0.76 12.73 ? 2   LYS A O   1 
ATOM   16  O O   B LYS A 1 2  ? 19.334  8.324   -4.644  0.24 15.38 ? 2   LYS A O   1 
ATOM   17  C CB  A LYS A 1 2  ? 21.133  7.752   -2.034  0.76 18.35 ? 2   LYS A CB  1 
ATOM   18  C CB  B LYS A 1 2  ? 21.124  7.876   -2.024  0.24 19.04 ? 2   LYS A CB  1 
ATOM   19  C CG  A LYS A 1 2  ? 22.407  7.655   -1.189  0.76 19.51 ? 2   LYS A CG  1 
ATOM   20  C CG  B LYS A 1 2  ? 22.412  8.039   -1.232  0.24 20.17 ? 2   LYS A CG  1 
ATOM   21  C CD  A LYS A 1 2  ? 22.164  8.217   0.204   0.76 22.03 ? 2   LYS A CD  1 
ATOM   22  C CD  B LYS A 1 2  ? 22.120  8.421   0.209   0.24 21.35 ? 2   LYS A CD  1 
ATOM   23  C CE  A LYS A 1 2  ? 23.448  8.226   1.017   0.76 23.71 ? 2   LYS A CE  1 
ATOM   24  C CE  B LYS A 1 2  ? 23.391  8.431   1.035   0.24 22.04 ? 2   LYS A CE  1 
ATOM   25  N NZ  A LYS A 1 2  ? 24.463  9.184   0.492   0.76 25.53 ? 2   LYS A NZ  1 
ATOM   26  N NZ  B LYS A 1 2  ? 24.036  7.086   1.064   0.24 22.04 ? 2   LYS A NZ  1 
ATOM   27  N N   . ALA A 1 3  ? 19.511  6.139   -4.121  1.00 13.07 ? 3   ALA A N   1 
ATOM   28  C CA  . ALA A 1 3  ? 18.165  5.806   -4.608  1.00 12.83 ? 3   ALA A CA  1 
ATOM   29  C C   . ALA A 1 3  ? 17.359  5.748   -3.277  1.00 12.02 ? 3   ALA A C   1 
ATOM   30  O O   . ALA A 1 3  ? 17.836  5.139   -2.281  1.00 11.08 ? 3   ALA A O   1 
ATOM   31  C CB  . ALA A 1 3  ? 18.148  4.437   -5.315  1.00 15.33 ? 3   ALA A CB  1 
ATOM   32  N N   . TYR A 1 4  ? 16.188  6.395   -3.198  1.00 8.61  ? 4   TYR A N   1 
ATOM   33  C CA  . TYR A 1 4  ? 15.389  6.315   -1.961  1.00 9.87  ? 4   TYR A CA  1 
ATOM   34  C C   . TYR A 1 4  ? 14.131  5.472   -2.206  1.00 9.92  ? 4   TYR A C   1 
ATOM   35  O O   . TYR A 1 4  ? 13.432  5.680   -3.207  1.00 9.53  ? 4   TYR A O   1 
ATOM   36  C CB  . TYR A 1 4  ? 14.959  7.707   -1.526  1.00 9.91  ? 4   TYR A CB  1 
ATOM   37  C CG  . TYR A 1 4  ? 16.121  8.596   -1.188  1.00 9.87  ? 4   TYR A CG  1 
ATOM   38  C CD1 . TYR A 1 4  ? 16.696  9.440   -2.154  1.00 12.10 ? 4   TYR A CD1 1 
ATOM   39  C CD2 . TYR A 1 4  ? 16.697  8.528   0.077   1.00 12.42 ? 4   TYR A CD2 1 
ATOM   40  C CE1 . TYR A 1 4  ? 17.850  10.222  -1.859  1.00 13.02 ? 4   TYR A CE1 1 
ATOM   41  C CE2 . TYR A 1 4  ? 17.838  9.285   0.368   1.00 12.30 ? 4   TYR A CE2 1 
ATOM   42  C CZ  . TYR A 1 4  ? 18.383  10.111  -0.602  1.00 13.18 ? 4   TYR A CZ  1 
ATOM   43  O OH  . TYR A 1 4  ? 19.525  10.832  -0.294  1.00 16.51 ? 4   TYR A OH  1 
ATOM   44  N N   . LEU A 1 5  ? 13.845  4.532   -1.299  1.00 9.75  ? 5   LEU A N   1 
ATOM   45  C CA  . LEU A 1 5  ? 12.654  3.675   -1.428  1.00 9.46  ? 5   LEU A CA  1 
ATOM   46  C C   . LEU A 1 5  ? 11.720  3.932   -0.269  1.00 9.32  ? 5   LEU A C   1 
ATOM   47  O O   . LEU A 1 5  ? 12.141  3.923   0.889   1.00 10.30 ? 5   LEU A O   1 
ATOM   48  C CB  . LEU A 1 5  ? 13.003  2.176   -1.385  1.00 11.51 ? 5   LEU A CB  1 
ATOM   49  C CG  . LEU A 1 5  ? 13.930  1.648   -2.476  1.00 13.91 ? 5   LEU A CG  1 
ATOM   50  C CD1 . LEU A 1 5  ? 14.074  0.111   -2.374  1.00 16.02 ? 5   LEU A CD1 1 
ATOM   51  C CD2 . LEU A 1 5  ? 13.340  2.060   -3.821  1.00 17.54 ? 5   LEU A CD2 1 
ATOM   52  N N   . GLY A 1 6  ? 10.454  4.152   -0.590  1.00 6.36  ? 6   GLY A N   1 
ATOM   53  C CA  . GLY A 1 6  ? 9.483   4.253   0.491   1.00 7.30  ? 6   GLY A CA  1 
ATOM   54  C C   . GLY A 1 6  ? 8.795   2.869   0.557   1.00 7.45  ? 6   GLY A C   1 
ATOM   55  O O   . GLY A 1 6  ? 8.500   2.260   -0.496  1.00 7.29  ? 6   GLY A O   1 
ATOM   56  N N   . LEU A 1 7  ? 8.543   2.373   1.751   1.00 5.89  ? 7   LEU A N   1 
ATOM   57  C CA  . LEU A 1 7  ? 7.820   1.082   1.875   1.00 6.60  ? 7   LEU A CA  1 
ATOM   58  C C   . LEU A 1 7  ? 6.702   1.325   2.882   1.00 6.63  ? 7   LEU A C   1 
ATOM   59  O O   . LEU A 1 7  ? 6.964   1.635   4.034   1.00 7.97  ? 7   LEU A O   1 
ATOM   60  C CB  . LEU A 1 7  ? 8.744   -0.030  2.412   1.00 8.48  ? 7   LEU A CB  1 
ATOM   61  C CG  . LEU A 1 7  ? 7.985   -1.309  2.823   1.00 9.14  ? 7   LEU A CG  1 
ATOM   62  C CD1 . LEU A 1 7  ? 7.183   -1.940  1.594   1.00 11.40 ? 7   LEU A CD1 1 
ATOM   63  C CD2 . LEU A 1 7  ? 8.947   -2.348  3.353   1.00 11.90 ? 7   LEU A CD2 1 
ATOM   64  N N   . TYR A 1 8  ? 5.478   1.170   2.424   1.00 3.94  ? 8   TYR A N   1 
ATOM   65  C CA  . TYR A 1 8  ? 4.304   1.304   3.251   1.00 5.71  ? 8   TYR A CA  1 
ATOM   66  C C   . TYR A 1 8  ? 3.666   -0.074  3.432   1.00 6.58  ? 8   TYR A C   1 
ATOM   67  O O   . TYR A 1 8  ? 3.550   -0.835  2.448   1.00 7.95  ? 8   TYR A O   1 
ATOM   68  C CB  . TYR A 1 8  ? 3.281   2.202   2.537   1.00 6.03  ? 8   TYR A CB  1 
ATOM   69  C CG  . TYR A 1 8  ? 1.945   2.194   3.246   1.00 6.33  ? 8   TYR A CG  1 
ATOM   70  C CD1 . TYR A 1 8  ? 1.741   2.999   4.338   1.00 7.02  ? 8   TYR A CD1 1 
ATOM   71  C CD2 . TYR A 1 8  ? 0.876   1.417   2.758   1.00 9.69  ? 8   TYR A CD2 1 
ATOM   72  C CE1 . TYR A 1 8  ? 0.461   3.077   4.970   1.00 8.46  ? 8   TYR A CE1 1 
ATOM   73  C CE2 . TYR A 1 8  ? -0.433  1.492   3.375   1.00 8.88  ? 8   TYR A CE2 1 
ATOM   74  C CZ  . TYR A 1 8  ? -0.603  2.323   4.470   1.00 9.80  ? 8   TYR A CZ  1 
ATOM   75  O OH  . TYR A 1 8  ? -1.841  2.470   5.097   1.00 11.18 ? 8   TYR A OH  1 
ATOM   76  N N   . THR A 1 9  ? 3.303   -0.424  4.669   1.00 6.49  ? 9   THR A N   1 
ATOM   77  C CA  . THR A 1 9  ? 2.583   -1.702  4.895   1.00 7.28  ? 9   THR A CA  1 
ATOM   78  C C   . THR A 1 9  ? 1.397   -1.428  5.810   1.00 7.79  ? 9   THR A C   1 
ATOM   79  O O   . THR A 1 9  ? 1.394   -0.485  6.577   1.00 7.83  ? 9   THR A O   1 
ATOM   80  C CB  . THR A 1 9  ? 3.478   -2.795  5.528   1.00 8.12  ? 9   THR A CB  1 
ATOM   81  O OG1 . THR A 1 9  ? 4.138   -2.280  6.707   1.00 8.77  ? 9   THR A OG1 1 
ATOM   82  C CG2 . THR A 1 9  ? 4.533   -3.203  4.509   1.00 9.49  ? 9   THR A CG2 1 
ATOM   83  N N   . ALA A 1 10 ? 0.341   -2.228  5.646   1.00 6.61  ? 10  ALA A N   1 
ATOM   84  C CA  . ALA A 1 10 ? -0.853  -1.970  6.430   1.00 5.56  ? 10  ALA A CA  1 
ATOM   85  C C   . ALA A 1 10 ? -1.642  -3.245  6.654   1.00 6.72  ? 10  ALA A C   1 
ATOM   86  O O   . ALA A 1 10 ? -1.583  -4.177  5.878   1.00 6.88  ? 10  ALA A O   1 
ATOM   87  C CB  . ALA A 1 10 ? -1.789  -0.968  5.677   1.00 8.93  ? 10  ALA A CB  1 
ATOM   88  N N   . ARG A 1 11 ? -2.391  -3.247  7.743   1.00 5.66  ? 11  ARG A N   1 
ATOM   89  C CA  . ARG A 1 11 ? -3.352  -4.311  7.970   1.00 6.29  ? 11  ARG A CA  1 
ATOM   90  C C   . ARG A 1 11 ? -4.727  -3.758  7.521   1.00 7.39  ? 11  ARG A C   1 
ATOM   91  O O   . ARG A 1 11 ? -5.196  -2.697  8.040   1.00 8.46  ? 11  ARG A O   1 
ATOM   92  C CB  . ARG A 1 11 ? -3.486  -4.633  9.452   1.00 7.42  ? 11  ARG A CB  1 
ATOM   93  C CG  . ARG A 1 11 ? -4.679  -5.625  9.743   1.00 6.09  ? 11  ARG A CG  1 
ATOM   94  C CD  . ARG A 1 11 ? -4.894  -5.619  11.291  1.00 8.05  ? 11  ARG A CD  1 
ATOM   95  N NE  . ARG A 1 11 ? -5.976  -6.550  11.691  1.00 7.83  ? 11  ARG A NE  1 
ATOM   96  C CZ  . ARG A 1 11 ? -5.855  -7.860  11.836  1.00 8.98  ? 11  ARG A CZ  1 
ATOM   97  N NH1 . ARG A 1 11 ? -4.708  -8.477  11.595  1.00 9.24  ? 11  ARG A NH1 1 
ATOM   98  N NH2 . ARG A 1 11 ? -6.907  -8.551  12.323  1.00 9.85  ? 11  ARG A NH2 1 
ATOM   99  N N   . LEU A 1 12 ? -5.363  -4.403  6.537   1.00 6.10  ? 12  LEU A N   1 
ATOM   100 C CA  . LEU A 1 12 ? -6.727  -4.040  6.135   1.00 5.54  ? 12  LEU A CA  1 
ATOM   101 C C   . LEU A 1 12 ? -7.725  -4.991  6.838   1.00 8.16  ? 12  LEU A C   1 
ATOM   102 O O   . LEU A 1 12 ? -7.376  -6.171  7.101   1.00 7.80  ? 12  LEU A O   1 
ATOM   103 C CB  . LEU A 1 12 ? -6.919  -4.222  4.621   1.00 6.21  ? 12  LEU A CB  1 
ATOM   104 C CG  . LEU A 1 12 ? -5.864  -3.552  3.701   1.00 7.15  ? 12  LEU A CG  1 
ATOM   105 C CD1 . LEU A 1 12 ? -6.269  -3.830  2.241   1.00 8.11  ? 12  LEU A CD1 1 
ATOM   106 C CD2 . LEU A 1 12 ? -5.738  -2.080  4.012   1.00 9.22  ? 12  LEU A CD2 1 
ATOM   107 N N   . GLU A 1 13 ? -8.910  -4.466  7.211   1.00 6.89  ? 13  GLU A N   1 
ATOM   108 C CA  . GLU A 1 13 ? -9.958  -5.338  7.773   1.00 8.57  ? 13  GLU A CA  1 
ATOM   109 C C   . GLU A 1 13 ? -11.123 -5.227  6.793   1.00 10.17 ? 13  GLU A C   1 
ATOM   110 O O   . GLU A 1 13 ? -11.495 -4.141  6.392   1.00 9.80  ? 13  GLU A O   1 
ATOM   111 C CB  . GLU A 1 13 ? -10.301 -4.913  9.205   1.00 7.85  ? 13  GLU A CB  1 
ATOM   112 C CG  . GLU A 1 13 ? -9.112  -5.305  10.114  1.00 6.87  ? 13  GLU A CG  1 
ATOM   113 C CD  . GLU A 1 13 ? -9.267  -4.920  11.587  1.00 11.02 ? 13  GLU A CD  1 
ATOM   114 O OE1 . GLU A 1 13 ? -10.285 -4.276  11.985  1.00 11.73 ? 13  GLU A OE1 1 
ATOM   115 O OE2 . GLU A 1 13 ? -8.332  -5.276  12.332  1.00 11.68 ? 13  GLU A OE2 1 
ATOM   116 N N   A THR A 1 14 ? -11.682 -6.359  6.418   0.75 11.29 ? 14  THR A N   1 
ATOM   117 N N   B THR A 1 14 ? -11.626 -6.379  6.354   0.25 9.72  ? 14  THR A N   1 
ATOM   118 C CA  A THR A 1 14 ? -12.803 -6.337  5.483   0.75 12.96 ? 14  THR A CA  1 
ATOM   119 C CA  B THR A 1 14 ? -12.684 -6.478  5.331   0.25 9.47  ? 14  THR A CA  1 
ATOM   120 C C   A THR A 1 14 ? -13.982 -7.142  6.020   0.75 13.92 ? 14  THR A C   1 
ATOM   121 C C   B THR A 1 14 ? -13.923 -7.296  5.789   0.25 11.91 ? 14  THR A C   1 
ATOM   122 O O   A THR A 1 14 ? -13.860 -8.048  6.849   0.75 13.29 ? 14  THR A O   1 
ATOM   123 O O   B THR A 1 14 ? -13.773 -8.407  6.281   0.25 12.22 ? 14  THR A O   1 
ATOM   124 C CB  A THR A 1 14 ? -12.462 -6.951  4.115   0.75 13.95 ? 14  THR A CB  1 
ATOM   125 C CB  B THR A 1 14 ? -12.044 -7.115  4.066   0.25 7.66  ? 14  THR A CB  1 
ATOM   126 O OG1 A THR A 1 14 ? -12.950 -8.316  4.074   0.75 17.00 ? 14  THR A OG1 1 
ATOM   127 O OG1 B THR A 1 14 ? -11.170 -8.190  4.457   0.25 1.62  ? 14  THR A OG1 1 
ATOM   128 C CG2 A THR A 1 14 ? -10.975 -6.920  3.858   0.75 13.21 ? 14  THR A CG2 1 
ATOM   129 C CG2 B THR A 1 14 ? -11.206 -6.101  3.327   0.25 7.86  ? 14  THR A CG2 1 
ATOM   130 N N   . PRO A 1 15 ? -15.163 -6.772  5.596   1.00 12.85 ? 15  PRO A N   1 
ATOM   131 C CA  . PRO A 1 15 ? -16.382 -7.490  6.026   1.00 14.34 ? 15  PRO A CA  1 
ATOM   132 C C   . PRO A 1 15 ? -16.702 -8.741  5.176   1.00 15.26 ? 15  PRO A C   1 
ATOM   133 O O   . PRO A 1 15 ? -17.795 -9.376  5.253   1.00 17.85 ? 15  PRO A O   1 
ATOM   134 C CB  . PRO A 1 15 ? -17.477 -6.407  5.919   1.00 15.61 ? 15  PRO A CB  1 
ATOM   135 C CG  . PRO A 1 15 ? -17.018 -5.574  4.762   1.00 16.90 ? 15  PRO A CG  1 
ATOM   136 C CD  . PRO A 1 15 ? -15.469 -5.480  4.942   1.00 15.30 ? 15  PRO A CD  1 
ATOM   137 N N   . ALA A 1 16 ? -15.750 -9.170  4.393   1.00 13.63 ? 16  ALA A N   1 
ATOM   138 C CA  . ALA A 1 16 ? -16.013 -10.300 3.511   1.00 10.90 ? 16  ALA A CA  1 
ATOM   139 C C   . ALA A 1 16 ? -16.181 -11.665 4.184   1.00 11.17 ? 16  ALA A C   1 
ATOM   140 O O   . ALA A 1 16 ? -15.669 -11.886 5.262   1.00 11.36 ? 16  ALA A O   1 
ATOM   141 C CB  . ALA A 1 16 ? -14.881 -10.391 2.458   1.00 11.27 ? 16  ALA A CB  1 
ATOM   142 N N   . ARG A 1 17 ? -16.833 -12.575 3.470   1.00 11.65 ? 17  ARG A N   1 
ATOM   143 C CA  . ARG A 1 17 ? -17.033 -13.931 3.946   1.00 12.60 ? 17  ARG A CA  1 
ATOM   144 C C   . ARG A 1 17 ? -16.588 -14.995 2.945   1.00 12.54 ? 17  ARG A C   1 
ATOM   145 O O   . ARG A 1 17 ? -16.859 -16.198 3.131   1.00 12.60 ? 17  ARG A O   1 
ATOM   146 C CB  . ARG A 1 17 ? -18.487 -14.112 4.373   1.00 15.54 ? 17  ARG A CB  1 
ATOM   147 C CG  . ARG A 1 17 ? -18.843 -13.208 5.571   1.00 17.67 ? 17  ARG A CG  1 
ATOM   148 C CD  . ARG A 1 17 ? -18.140 -13.758 6.845   1.00 21.60 ? 17  ARG A CD  1 
ATOM   149 N NE  . ARG A 1 17 ? -18.452 -13.008 8.067   1.00 23.75 ? 17  ARG A NE  1 
ATOM   150 C CZ  . ARG A 1 17 ? -17.775 -11.941 8.484   1.00 25.73 ? 17  ARG A CZ  1 
ATOM   151 N NH1 . ARG A 1 17 ? -16.739 -11.497 7.784   1.00 26.38 ? 17  ARG A NH1 1 
ATOM   152 N NH2 . ARG A 1 17 ? -18.138 -11.303 9.590   1.00 26.57 ? 17  ARG A NH2 1 
ATOM   153 N N   . SER A 1 18 ? -15.873 -14.583 1.891   1.00 10.02 ? 18  SER A N   1 
ATOM   154 C CA  . SER A 1 18 ? -15.297 -15.545 0.938   1.00 10.31 ? 18  SER A CA  1 
ATOM   155 C C   . SER A 1 18 ? -14.074 -14.893 0.361   1.00 10.77 ? 18  SER A C   1 
ATOM   156 O O   . SER A 1 18 ? -13.945 -13.673 0.415   1.00 9.12  ? 18  SER A O   1 
ATOM   157 C CB  . SER A 1 18 ? -16.238 -15.904 -0.225  1.00 10.77 ? 18  SER A CB  1 
ATOM   158 O OG  . SER A 1 18 ? -16.404 -14.828 -1.161  1.00 13.07 ? 18  SER A OG  1 
ATOM   159 N N   . LEU A 1 19 ? -13.168 -15.710 -0.160  1.00 10.30 ? 19  LEU A N   1 
ATOM   160 C CA  . LEU A 1 19 ? -11.936 -15.150 -0.722  1.00 10.26 ? 19  LEU A CA  1 
ATOM   161 C C   . LEU A 1 19 ? -12.268 -14.346 -1.960  1.00 9.16  ? 19  LEU A C   1 
ATOM   162 O O   . LEU A 1 19 ? -11.575 -13.336 -2.220  1.00 9.78  ? 19  LEU A O   1 
ATOM   163 C CB  . LEU A 1 19 ? -10.944 -16.262 -1.064  1.00 10.62 ? 19  LEU A CB  1 
ATOM   164 C CG  . LEU A 1 19 ? -10.426 -17.108 0.111   1.00 12.47 ? 19  LEU A CG  1 
ATOM   165 C CD1 . LEU A 1 19 ? -9.459  -18.226 -0.390  1.00 15.64 ? 19  LEU A CD1 1 
ATOM   166 C CD2 . LEU A 1 19 ? -9.728  -16.204 1.112   1.00 15.59 ? 19  LEU A CD2 1 
ATOM   167 N N   . LYS A 1 20 ? -13.291 -14.751 -2.737  1.00 9.36  ? 20  LYS A N   1 
ATOM   168 C CA  . LYS A 1 20 ? -13.613 -13.966 -3.929  1.00 11.45 ? 20  LYS A CA  1 
ATOM   169 C C   . LYS A 1 20 ? -14.221 -12.617 -3.583  1.00 9.22  ? 20  LYS A C   1 
ATOM   170 O O   . LYS A 1 20 ? -13.926 -11.637 -4.238  1.00 7.52  ? 20  LYS A O   1 
ATOM   171 C CB  . LYS A 1 20 ? -14.527 -14.753 -4.887  1.00 13.34 ? 20  LYS A CB  1 
ATOM   172 C CG  . LYS A 1 20 ? -13.660 -15.655 -5.785  1.00 19.96 ? 20  LYS A CG  1 
ATOM   173 C CD  . LYS A 1 20 ? -14.456 -16.425 -6.834  1.00 24.43 ? 20  LYS A CD  1 
ATOM   174 C CE  . LYS A 1 20 ? -13.507 -17.249 -7.714  1.00 27.45 ? 20  LYS A CE  1 
ATOM   175 N NZ  . LYS A 1 20 ? -12.565 -16.421 -8.535  1.00 30.66 ? 20  LYS A NZ  1 
ATOM   176 N N   . GLU A 1 21 ? -15.075 -12.572 -2.558  1.00 8.87  ? 21  GLU A N   1 
ATOM   177 C CA  . GLU A 1 21 ? -15.670 -11.311 -2.131  1.00 8.85  ? 21  GLU A CA  1 
ATOM   178 C C   . GLU A 1 21 ? -14.560 -10.395 -1.596  1.00 8.60  ? 21  GLU A C   1 
ATOM   179 O O   . GLU A 1 21 ? -14.525 -9.196  -1.882  1.00 7.87  ? 21  GLU A O   1 
ATOM   180 C CB  . GLU A 1 21 ? -16.694 -11.592 -1.035  1.00 9.36  ? 21  GLU A CB  1 
ATOM   181 C CG  . GLU A 1 21 ? -17.399 -10.346 -0.547  1.00 9.63  ? 21  GLU A CG  1 
ATOM   182 C CD  . GLU A 1 21 ? -18.317 -10.588 0.606   1.00 9.77  ? 21  GLU A CD  1 
ATOM   183 O OE1 . GLU A 1 21 ? -18.303 -11.711 1.116   1.00 11.44 ? 21  GLU A OE1 1 
ATOM   184 O OE2 . GLU A 1 21 ? -19.053 -9.659  0.997   1.00 12.30 ? 21  GLU A OE2 1 
ATOM   185 N N   . LYS A 1 22 ? -13.634 -10.972 -0.828  1.00 7.69  ? 22  LYS A N   1 
ATOM   186 C CA  . LYS A 1 22 ? -12.525 -10.186 -0.290  1.00 6.63  ? 22  LYS A CA  1 
ATOM   187 C C   . LYS A 1 22 ? -11.659 -9.587  -1.426  1.00 6.92  ? 22  LYS A C   1 
ATOM   188 O O   . LYS A 1 22 ? -11.256 -8.422  -1.372  1.00 7.46  ? 22  LYS A O   1 
ATOM   189 C CB  . LYS A 1 22 ? -11.636 -11.076 0.600   1.00 5.95  ? 22  LYS A CB  1 
ATOM   190 C CG  . LYS A 1 22 ? -10.537 -10.267 1.350   1.00 5.73  ? 22  LYS A CG  1 
ATOM   191 C CD  . LYS A 1 22 ? -9.403  -11.213 1.746   1.00 6.39  ? 22  LYS A CD  1 
ATOM   192 C CE  . LYS A 1 22 ? -8.605  -10.667 2.931   1.00 6.30  ? 22  LYS A CE  1 
ATOM   193 N NZ  . LYS A 1 22 ? -7.388  -11.526 3.130   1.00 8.40  ? 22  LYS A NZ  1 
ATOM   194 N N   . ARG A 1 23 ? -11.342 -10.393 -2.429  1.00 6.98  ? 23  ARG A N   1 
ATOM   195 C CA  . ARG A 1 23 ? -10.543 -9.883  -3.559  1.00 7.75  ? 23  ARG A CA  1 
ATOM   196 C C   . ARG A 1 23 ? -11.257 -8.725  -4.261  1.00 7.06  ? 23  ARG A C   1 
ATOM   197 O O   . ARG A 1 23 ? -10.635 -7.753  -4.699  1.00 7.60  ? 23  ARG A O   1 
ATOM   198 C CB  . ARG A 1 23 ? -10.276 -11.038 -4.559  1.00 7.78  ? 23  ARG A CB  1 
ATOM   199 C CG  . ARG A 1 23 ? -9.503  -10.593 -5.819  1.00 13.49 ? 23  ARG A CG  1 
ATOM   200 C CD  . ARG A 1 23 ? -9.062  -11.794 -6.723  1.00 20.43 ? 23  ARG A CD  1 
ATOM   201 N NE  . ARG A 1 23 ? -7.714  -11.527 -7.240  1.00 29.68 ? 23  ARG A NE  1 
ATOM   202 C CZ  . ARG A 1 23 ? -6.836  -12.448 -7.653  1.00 33.14 ? 23  ARG A CZ  1 
ATOM   203 N NH1 . ARG A 1 23 ? -7.149  -13.753 -7.636  1.00 35.77 ? 23  ARG A NH1 1 
ATOM   204 N NH2 . ARG A 1 23 ? -5.621  -12.061 -8.067  1.00 36.45 ? 23  ARG A NH2 1 
ATOM   205 N N   . ALA A 1 24 ? -12.578 -8.819  -4.401  1.00 6.57  ? 24  ALA A N   1 
ATOM   206 C CA  . ALA A 1 24 ? -13.349 -7.775  -5.029  1.00 8.15  ? 24  ALA A CA  1 
ATOM   207 C C   . ALA A 1 24 ? -13.275 -6.463  -4.224  1.00 7.35  ? 24  ALA A C   1 
ATOM   208 O O   . ALA A 1 24 ? -13.406 -5.360  -4.806  1.00 7.34  ? 24  ALA A O   1 
ATOM   209 C CB  . ALA A 1 24 ? -14.848 -8.271  -5.194  1.00 8.87  ? 24  ALA A CB  1 
ATOM   210 N N   . LEU A 1 25 ? -13.070 -6.556  -2.893  1.00 7.53  ? 25  LEU A N   1 
ATOM   211 C CA  . LEU A 1 25 ? -12.931 -5.343  -2.076  1.00 8.09  ? 25  LEU A CA  1 
ATOM   212 C C   . LEU A 1 25 ? -11.533 -4.766  -2.202  1.00 8.94  ? 25  LEU A C   1 
ATOM   213 O O   . LEU A 1 25 ? -11.366 -3.550  -2.253  1.00 9.22  ? 25  LEU A O   1 
ATOM   214 C CB  . LEU A 1 25 ? -13.149 -5.611  -0.569  1.00 9.20  ? 25  LEU A CB  1 
ATOM   215 C CG  . LEU A 1 25 ? -14.585 -5.989  -0.275  1.00 8.23  ? 25  LEU A CG  1 
ATOM   216 C CD1 . LEU A 1 25 ? -14.692 -6.315  1.269   1.00 9.47  ? 25  LEU A CD1 1 
ATOM   217 C CD2 . LEU A 1 25 ? -15.513 -4.823  -0.612  1.00 8.47  ? 25  LEU A CD2 1 
ATOM   218 N N   . ILE A 1 26 ? -10.526 -5.637  -2.228  1.00 6.88  ? 26  ILE A N   1 
ATOM   219 C CA  . ILE A 1 26 ? -9.149  -5.158  -2.206  1.00 7.29  ? 26  ILE A CA  1 
ATOM   220 C C   . ILE A 1 26 ? -8.494  -4.857  -3.525  1.00 7.50  ? 26  ILE A C   1 
ATOM   221 O O   . ILE A 1 26 ? -7.911  -3.794  -3.696  1.00 8.13  ? 26  ILE A O   1 
ATOM   222 C CB  . ILE A 1 26 ? -8.266  -6.197  -1.439  1.00 5.84  ? 26  ILE A CB  1 
ATOM   223 C CG1 . ILE A 1 26 ? -8.814  -6.315  -0.020  1.00 6.98  ? 26  ILE A CG1 1 
ATOM   224 C CG2 . ILE A 1 26 ? -6.754  -5.815  -1.521  1.00 8.03  ? 26  ILE A CG2 1 
ATOM   225 C CD1 . ILE A 1 26 ? -8.025  -7.354  0.828   1.00 9.42  ? 26  ILE A CD1 1 
ATOM   226 N N   . LYS A 1 27 ? -8.601  -5.779  -4.479  1.00 7.62  ? 27  LYS A N   1 
ATOM   227 C CA  . LYS A 1 27 ? -7.891  -5.604  -5.750  1.00 9.01  ? 27  LYS A CA  1 
ATOM   228 C C   . LYS A 1 27 ? -8.244  -4.318  -6.505  1.00 8.57  ? 27  LYS A C   1 
ATOM   229 O O   . LYS A 1 27 ? -7.316  -3.600  -6.975  1.00 7.38  ? 27  LYS A O   1 
ATOM   230 C CB  . LYS A 1 27 ? -8.086  -6.841  -6.632  1.00 10.68 ? 27  LYS A CB  1 
ATOM   231 C CG  . LYS A 1 27 ? -7.224  -6.855  -7.932  1.00 15.43 ? 27  LYS A CG  1 
ATOM   232 C CD  . LYS A 1 27 ? -7.426  -8.186  -8.649  1.00 20.19 ? 27  LYS A CD  1 
ATOM   233 C CE  . LYS A 1 27 ? -6.225  -8.700  -9.495  1.00 22.55 ? 27  LYS A CE  1 
ATOM   234 N NZ  . LYS A 1 27 ? -6.525  -10.181 -9.810  1.00 25.20 ? 27  LYS A NZ  1 
ATOM   235 N N   . PRO A 1 28 ? -9.527  -3.991  -6.665  1.00 9.20  ? 28  PRO A N   1 
ATOM   236 C CA  . PRO A 1 28 ? -9.841  -2.737  -7.385  1.00 8.92  ? 28  PRO A CA  1 
ATOM   237 C C   . PRO A 1 28 ? -9.272  -1.484  -6.701  1.00 8.36  ? 28  PRO A C   1 
ATOM   238 O O   . PRO A 1 28 ? -8.877  -0.531  -7.373  1.00 8.21  ? 28  PRO A O   1 
ATOM   239 C CB  . PRO A 1 28 ? -11.366 -2.683  -7.375  1.00 8.65  ? 28  PRO A CB  1 
ATOM   240 C CG  . PRO A 1 28 ? -11.748 -4.179  -7.317  1.00 9.17  ? 28  PRO A CG  1 
ATOM   241 C CD  . PRO A 1 28 ? -10.775 -4.704  -6.277  1.00 8.83  ? 28  PRO A CD  1 
ATOM   242 N N   . ALA A 1 29 ? -9.198  -1.474  -5.364  1.00 8.58  ? 29  ALA A N   1 
ATOM   243 C CA  . ALA A 1 29 ? -8.634  -0.327  -4.668  1.00 7.59  ? 29  ALA A CA  1 
ATOM   244 C C   . ALA A 1 29 ? -7.129  -0.269  -4.959  1.00 7.65  ? 29  ALA A C   1 
ATOM   245 O O   . ALA A 1 29 ? -6.590  0.806   -5.183  1.00 7.70  ? 29  ALA A O   1 
ATOM   246 C CB  . ALA A 1 29 ? -8.870  -0.456  -3.135  1.00 8.46  ? 29  ALA A CB  1 
ATOM   247 N N   . LEU A 1 30 ? -6.452  -1.416  -4.934  1.00 7.59  ? 30  LEU A N   1 
ATOM   248 C CA  . LEU A 1 30 ? -5.001  -1.406  -5.225  1.00 7.34  ? 30  LEU A CA  1 
ATOM   249 C C   . LEU A 1 30 ? -4.779  -1.008  -6.705  1.00 7.85  ? 30  LEU A C   1 
ATOM   250 O O   . LEU A 1 30 ? -3.805  -0.361  -7.032  1.00 7.93  ? 30  LEU A O   1 
ATOM   251 C CB  . LEU A 1 30 ? -4.353  -2.780  -4.925  1.00 7.39  ? 30  LEU A CB  1 
ATOM   252 C CG  . LEU A 1 30 ? -4.368  -3.215  -3.440  1.00 8.48  ? 30  LEU A CG  1 
ATOM   253 C CD1 . LEU A 1 30 ? -3.670  -4.608  -3.350  1.00 6.75  ? 30  LEU A CD1 1 
ATOM   254 C CD2 . LEU A 1 30 ? -3.718  -2.187  -2.510  1.00 9.29  ? 30  LEU A CD2 1 
ATOM   255 N N   . GLU A 1 31 ? -5.683  -1.396  -7.597  1.00 8.20  ? 31  GLU A N   1 
ATOM   256 C CA  . GLU A 1 31 ? -5.503  -1.007  -9.005  1.00 9.67  ? 31  GLU A CA  1 
ATOM   257 C C   . GLU A 1 31 ? -5.688  0.493   -9.115  1.00 10.20 ? 31  GLU A C   1 
ATOM   258 O O   . GLU A 1 31 ? -4.946  1.121   -9.863  1.00 10.39 ? 31  GLU A O   1 
ATOM   259 C CB  . GLU A 1 31 ? -6.495  -1.751  -9.901  1.00 11.19 ? 31  GLU A CB  1 
ATOM   260 C CG  . GLU A 1 31 ? -6.088  -3.219  -10.057 1.00 14.08 ? 31  GLU A CG  1 
ATOM   261 C CD  . GLU A 1 31 ? -4.728  -3.377  -10.716 1.00 18.71 ? 31  GLU A CD  1 
ATOM   262 O OE1 . GLU A 1 31 ? -4.530  -2.836  -11.830 1.00 22.38 ? 31  GLU A OE1 1 
ATOM   263 O OE2 . GLU A 1 31 ? -3.847  -4.031  -10.151 1.00 19.11 ? 31  GLU A OE2 1 
ATOM   264 N N   A ARG A 1 32 ? -6.655  1.076   -8.407  0.87 10.16 ? 32  ARG A N   1 
ATOM   265 N N   B ARG A 1 32 ? -6.651  1.052   -8.387  0.13 10.67 ? 32  ARG A N   1 
ATOM   266 C CA  A ARG A 1 32 ? -6.833  2.542   -8.460  0.87 11.95 ? 32  ARG A CA  1 
ATOM   267 C CA  B ARG A 1 32 ? -6.886  2.495   -8.407  0.13 11.37 ? 32  ARG A CA  1 
ATOM   268 C C   A ARG A 1 32 ? -5.620  3.227   -7.857  0.87 10.89 ? 32  ARG A C   1 
ATOM   269 C C   B ARG A 1 32 ? -5.663  3.208   -7.844  0.13 10.37 ? 32  ARG A C   1 
ATOM   270 O O   A ARG A 1 32 ? -5.154  4.268   -8.348  0.87 10.92 ? 32  ARG A O   1 
ATOM   271 O O   B ARG A 1 32 ? -5.245  4.251   -8.349  0.13 10.39 ? 32  ARG A O   1 
ATOM   272 C CB  A ARG A 1 32 ? -8.089  3.004   -7.714  0.87 13.30 ? 32  ARG A CB  1 
ATOM   273 C CB  B ARG A 1 32 ? -8.115  2.854   -7.566  0.13 13.42 ? 32  ARG A CB  1 
ATOM   274 C CG  A ARG A 1 32 ? -9.357  2.652   -8.444  0.87 19.05 ? 32  ARG A CG  1 
ATOM   275 C CG  B ARG A 1 32 ? -9.439  2.469   -8.199  0.13 16.93 ? 32  ARG A CG  1 
ATOM   276 C CD  A ARG A 1 32 ? -10.539 3.460   -7.881  0.87 22.96 ? 32  ARG A CD  1 
ATOM   277 C CD  B ARG A 1 32 ? -10.601 2.744   -7.256  0.13 19.47 ? 32  ARG A CD  1 
ATOM   278 N NE  A ARG A 1 32 ? -10.618 3.289   -6.449  0.87 27.43 ? 32  ARG A NE  1 
ATOM   279 N NE  B ARG A 1 32 ? -10.575 4.098   -6.699  0.13 21.99 ? 32  ARG A NE  1 
ATOM   280 C CZ  A ARG A 1 32 ? -11.229 2.273   -5.845  0.87 29.95 ? 32  ARG A CZ  1 
ATOM   281 C CZ  B ARG A 1 32 ? -10.677 5.212   -7.416  0.13 23.48 ? 32  ARG A CZ  1 
ATOM   282 N NH1 A ARG A 1 32 ? -11.854 1.313   -6.546  0.87 30.13 ? 32  ARG A NH1 1 
ATOM   283 N NH1 B ARG A 1 32 ? -10.810 5.149   -8.734  0.13 23.88 ? 32  ARG A NH1 1 
ATOM   284 N NH2 A ARG A 1 32 ? -11.176 2.198   -4.530  0.87 30.82 ? 32  ARG A NH2 1 
ATOM   285 N NH2 B ARG A 1 32 ? -10.654 6.392   -6.809  0.13 24.28 ? 32  ARG A NH2 1 
ATOM   286 N N   . LEU A 1 33 ? -5.092  2.632   -6.790  1.00 8.82  ? 33  LEU A N   1 
ATOM   287 C CA  . LEU A 1 33 ? -3.902  3.206   -6.150  1.00 8.07  ? 33  LEU A CA  1 
ATOM   288 C C   . LEU A 1 33 ? -2.720  3.279   -7.163  1.00 8.17  ? 33  LEU A C   1 
ATOM   289 O O   . LEU A 1 33 ? -2.013  4.278   -7.221  1.00 8.97  ? 33  LEU A O   1 
ATOM   290 C CB  . LEU A 1 33 ? -3.504  2.328   -4.958  1.00 8.16  ? 33  LEU A CB  1 
ATOM   291 C CG  . LEU A 1 33 ? -2.166  2.642   -4.264  1.00 10.58 ? 33  LEU A CG  1 
ATOM   292 C CD1 . LEU A 1 33 ? -2.289  3.874   -3.428  1.00 11.29 ? 33  LEU A CD1 1 
ATOM   293 C CD2 . LEU A 1 33 ? -1.774  1.444   -3.346  1.00 11.53 ? 33  LEU A CD2 1 
ATOM   294 N N   . LYS A 1 34 ? -2.506  2.199   -7.894  1.00 6.25  ? 34  LYS A N   1 
ATOM   295 C CA  . LYS A 1 34 ? -1.427  2.093   -8.893  1.00 8.63  ? 34  LYS A CA  1 
ATOM   296 C C   . LYS A 1 34 ? -1.644  3.099   -10.035 1.00 8.55  ? 34  LYS A C   1 
ATOM   297 O O   . LYS A 1 34 ? -0.686  3.612   -10.605 1.00 8.99  ? 34  LYS A O   1 
ATOM   298 C CB  . LYS A 1 34 ? -1.384  0.684   -9.470  1.00 7.29  ? 34  LYS A CB  1 
ATOM   299 C CG  . LYS A 1 34 ? -0.767  -0.340  -8.476  1.00 9.34  ? 34  LYS A CG  1 
ATOM   300 C CD  . LYS A 1 34 ? -1.162  -1.815  -8.870  1.00 11.71 ? 34  LYS A CD  1 
ATOM   301 C CE  . LYS A 1 34 ? -0.662  -2.148  -10.269 1.00 16.03 ? 34  LYS A CE  1 
ATOM   302 N NZ  . LYS A 1 34 ? -1.183  -3.480  -10.702 1.00 18.68 ? 34  LYS A NZ  1 
ATOM   303 N N   . ALA A 1 35 ? -2.896  3.323   -10.380 1.00 9.12  ? 35  ALA A N   1 
ATOM   304 C CA  . ALA A 1 35 ? -3.197  4.258   -11.492 1.00 9.78  ? 35  ALA A CA  1 
ATOM   305 C C   . ALA A 1 35 ? -2.946  5.705   -11.082 1.00 11.98 ? 35  ALA A C   1 
ATOM   306 O O   . ALA A 1 35 ? -2.644  6.551   -11.944 1.00 13.09 ? 35  ALA A O   1 
ATOM   307 C CB  . ALA A 1 35 ? -4.691  4.144   -11.893 1.00 11.41 ? 35  ALA A CB  1 
ATOM   308 N N   . ARG A 1 36 ? -3.110  6.013   -9.807  1.00 10.62 ? 36  ARG A N   1 
ATOM   309 C CA  . ARG A 1 36 ? -2.986  7.384   -9.298  1.00 11.72 ? 36  ARG A CA  1 
ATOM   310 C C   . ARG A 1 36 ? -1.633  7.771   -8.715  1.00 12.43 ? 36  ARG A C   1 
ATOM   311 O O   . ARG A 1 36 ? -1.298  8.986   -8.592  1.00 12.94 ? 36  ARG A O   1 
ATOM   312 C CB  . ARG A 1 36 ? -4.033  7.629   -8.210  1.00 15.45 ? 36  ARG A CB  1 
ATOM   313 C CG  . ARG A 1 36 ? -5.445  7.832   -8.783  1.00 21.68 ? 36  ARG A CG  1 
ATOM   314 C CD  . ARG A 1 36 ? -5.661  9.297   -9.272  1.00 27.72 ? 36  ARG A CD  1 
ATOM   315 N NE  . ARG A 1 36 ? -6.091  10.216  -8.198  1.00 33.28 ? 36  ARG A NE  1 
ATOM   316 C CZ  . ARG A 1 36 ? -5.298  10.758  -7.268  1.00 35.82 ? 36  ARG A CZ  1 
ATOM   317 N NH1 . ARG A 1 36 ? -3.988  10.500  -7.237  1.00 37.75 ? 36  ARG A NH1 1 
ATOM   318 N NH2 . ARG A 1 36 ? -5.819  11.576  -6.362  1.00 37.24 ? 36  ARG A NH2 1 
ATOM   319 N N   . PHE A 1 37 ? -0.880  6.757   -8.305  1.00 10.08 ? 37  PHE A N   1 
ATOM   320 C CA  . PHE A 1 37 ? 0.436   7.015   -7.669  1.00 9.03  ? 37  PHE A CA  1 
ATOM   321 C C   . PHE A 1 37 ? 1.458   6.069   -8.292  1.00 8.47  ? 37  PHE A C   1 
ATOM   322 O O   . PHE A 1 37 ? 1.138   4.918   -8.608  1.00 8.31  ? 37  PHE A O   1 
ATOM   323 C CB  . PHE A 1 37 ? 0.380   6.780   -6.141  1.00 10.34 ? 37  PHE A CB  1 
ATOM   324 C CG  . PHE A 1 37 ? -0.592  7.698   -5.434  1.00 10.09 ? 37  PHE A CG  1 
ATOM   325 C CD1 . PHE A 1 37 ? -1.919  7.331   -5.290  1.00 10.34 ? 37  PHE A CD1 1 
ATOM   326 C CD2 . PHE A 1 37 ? -0.170  8.908   -4.948  1.00 10.70 ? 37  PHE A CD2 1 
ATOM   327 C CE1 . PHE A 1 37 ? -2.834  8.180   -4.645  1.00 12.62 ? 37  PHE A CE1 1 
ATOM   328 C CE2 . PHE A 1 37 ? -1.069  9.780   -4.293  1.00 12.50 ? 37  PHE A CE2 1 
ATOM   329 C CZ  . PHE A 1 37 ? -2.391  9.419   -4.135  1.00 11.77 ? 37  PHE A CZ  1 
ATOM   330 N N   . PRO A 1 38 ? 2.735   6.489   -8.347  1.00 7.38  ? 38  PRO A N   1 
ATOM   331 C CA  . PRO A 1 38 ? 3.818   5.711   -8.958  1.00 7.87  ? 38  PRO A CA  1 
ATOM   332 C C   . PRO A 1 38 ? 4.343   4.628   -8.082  1.00 8.31  ? 38  PRO A C   1 
ATOM   333 O O   . PRO A 1 38 ? 5.508   4.590   -7.752  1.00 8.21  ? 38  PRO A O   1 
ATOM   334 C CB  . PRO A 1 38 ? 4.846   6.804   -9.287  1.00 9.85  ? 38  PRO A CB  1 
ATOM   335 C CG  . PRO A 1 38 ? 4.690   7.722   -8.110  1.00 9.15  ? 38  PRO A CG  1 
ATOM   336 C CD  . PRO A 1 38 ? 3.206   7.834   -7.927  1.00 8.18  ? 38  PRO A CD  1 
ATOM   337 N N   . VAL A 1 39 ? 3.455   3.708   -7.720  1.00 6.14  ? 39  VAL A N   1 
ATOM   338 C CA  . VAL A 1 39 ? 3.838   2.646   -6.786  1.00 6.63  ? 39  VAL A CA  1 
ATOM   339 C C   . VAL A 1 39 ? 3.669   1.206   -7.311  1.00 7.51  ? 39  VAL A C   1 
ATOM   340 O O   . VAL A 1 39 ? 2.974   0.967   -8.307  1.00 8.72  ? 39  VAL A O   1 
ATOM   341 C CB  . VAL A 1 39 ? 2.947   2.747   -5.463  1.00 6.37  ? 39  VAL A CB  1 
ATOM   342 C CG1 . VAL A 1 39 ? 3.094   4.178   -4.836  1.00 7.59  ? 39  VAL A CG1 1 
ATOM   343 C CG2 . VAL A 1 39 ? 1.432   2.418   -5.788  1.00 8.40  ? 39  VAL A CG2 1 
ATOM   344 N N   . SER A 1 40 ? 4.411   0.279   -6.676  1.00 5.94  ? 40  SER A N   1 
ATOM   345 C CA  . SER A 1 40 ? 4.289   -1.172  -6.896  1.00 6.85  ? 40  SER A CA  1 
ATOM   346 C C   . SER A 1 40 ? 3.502   -1.617  -5.652  1.00 7.43  ? 40  SER A C   1 
ATOM   347 O O   . SER A 1 40 ? 3.980   -1.456  -4.515  1.00 7.83  ? 40  SER A O   1 
ATOM   348 C CB  . SER A 1 40 ? 5.669   -1.861  -6.856  1.00 6.74  ? 40  SER A CB  1 
ATOM   349 O OG  . SER A 1 40 ? 5.523   -3.279  -6.791  1.00 7.67  ? 40  SER A OG  1 
ATOM   350 N N   . ALA A 1 41 ? 2.320   -2.216  -5.863  1.00 6.70  ? 41  ALA A N   1 
ATOM   351 C CA  . ALA A 1 41 ? 1.502   -2.631  -4.717  1.00 6.74  ? 41  ALA A CA  1 
ATOM   352 C C   . ALA A 1 41 ? 1.428   -4.145  -4.626  1.00 7.78  ? 41  ALA A C   1 
ATOM   353 O O   . ALA A 1 41 ? 1.536   -4.849  -5.652  1.00 8.87  ? 41  ALA A O   1 
ATOM   354 C CB  . ALA A 1 41 ? 0.071   -2.049  -4.861  1.00 7.58  ? 41  ALA A CB  1 
ATOM   355 N N   . ALA A 1 42 ? 1.244   -4.661  -3.410  1.00 5.92  ? 42  ALA A N   1 
ATOM   356 C CA  . ALA A 1 42 ? 1.191   -6.113  -3.270  1.00 6.49  ? 42  ALA A CA  1 
ATOM   357 C C   . ALA A 1 42 ? 0.268   -6.540  -2.120  1.00 6.95  ? 42  ALA A C   1 
ATOM   358 O O   . ALA A 1 42 ? 0.153   -5.844  -1.086  1.00 7.14  ? 42  ALA A O   1 
ATOM   359 C CB  . ALA A 1 42 ? 2.634   -6.666  -2.940  1.00 8.10  ? 42  ALA A CB  1 
ATOM   360 N N   . ARG A 1 43 ? -0.384  -7.712  -2.326  1.00 5.80  ? 43  ARG A N   1 
ATOM   361 C CA  . ARG A 1 43 ? -1.165  -8.369  -1.277  1.00 6.59  ? 43  ARG A CA  1 
ATOM   362 C C   . ARG A 1 43 ? -0.115  -9.342  -0.680  1.00 6.81  ? 43  ARG A C   1 
ATOM   363 O O   . ARG A 1 43 ? 0.422   -10.250 -1.364  1.00 7.94  ? 43  ARG A O   1 
ATOM   364 C CB  . ARG A 1 43 ? -2.363  -9.109  -1.875  1.00 7.56  ? 43  ARG A CB  1 
ATOM   365 C CG  . ARG A 1 43 ? -3.343  -8.081  -2.535  1.00 7.09  ? 43  ARG A CG  1 
ATOM   366 C CD  . ARG A 1 43 ? -4.517  -8.780  -3.212  1.00 7.58  ? 43  ARG A CD  1 
ATOM   367 N NE  . ARG A 1 43 ? -5.387  -9.376  -2.196  1.00 8.53  ? 43  ARG A NE  1 
ATOM   368 C CZ  . ARG A 1 43 ? -6.323  -10.290 -2.448  1.00 7.86  ? 43  ARG A CZ  1 
ATOM   369 N NH1 . ARG A 1 43 ? -6.555  -10.736 -3.706  1.00 10.28 ? 43  ARG A NH1 1 
ATOM   370 N NH2 . ARG A 1 43 ? -6.982  -10.862 -1.419  1.00 8.18  ? 43  ARG A NH2 1 
ATOM   371 N N   . LEU A 1 44 ? 0.170   -9.163  0.621   1.00 7.38  ? 44  LEU A N   1 
ATOM   372 C CA  . LEU A 1 44 ? 1.288   -9.891  1.232   1.00 7.11  ? 44  LEU A CA  1 
ATOM   373 C C   . LEU A 1 44 ? 0.957   -11.107 2.066   1.00 7.09  ? 44  LEU A C   1 
ATOM   374 O O   . LEU A 1 44 ? 1.356   -12.208 1.695   1.00 8.92  ? 44  LEU A O   1 
ATOM   375 C CB  . LEU A 1 44 ? 2.157   -8.912  2.036   1.00 7.40  ? 44  LEU A CB  1 
ATOM   376 C CG  . LEU A 1 44 ? 2.770   -7.762  1.211   1.00 6.85  ? 44  LEU A CG  1 
ATOM   377 C CD1 . LEU A 1 44 ? 3.348   -6.692  2.155   1.00 8.10  ? 44  LEU A CD1 1 
ATOM   378 C CD2 . LEU A 1 44 ? 3.904   -8.312  0.307   1.00 6.69  ? 44  LEU A CD2 1 
ATOM   379 N N   . TYR A 1 45 ? 0.161   -10.923 3.119   1.00 6.95  ? 45  TYR A N   1 
ATOM   380 C CA  . TYR A 1 45 ? -0.134  -12.054 4.010   1.00 7.43  ? 45  TYR A CA  1 
ATOM   381 C C   . TYR A 1 45 ? -1.573  -12.030 4.476   1.00 7.38  ? 45  TYR A C   1 
ATOM   382 O O   . TYR A 1 45 ? -2.282  -11.020 4.298   1.00 8.00  ? 45  TYR A O   1 
ATOM   383 C CB  . TYR A 1 45 ? 0.817   -11.994 5.200   1.00 8.23  ? 45  TYR A CB  1 
ATOM   384 C CG  . TYR A 1 45 ? 2.248   -12.187 4.785   1.00 9.86  ? 45  TYR A CG  1 
ATOM   385 C CD1 . TYR A 1 45 ? 3.123   -11.096 4.663   1.00 9.68  ? 45  TYR A CD1 1 
ATOM   386 C CD2 . TYR A 1 45 ? 2.702   -13.470 4.447   1.00 11.49 ? 45  TYR A CD2 1 
ATOM   387 C CE1 . TYR A 1 45 ? 4.437   -11.246 4.187   1.00 10.51 ? 45  TYR A CE1 1 
ATOM   388 C CE2 . TYR A 1 45 ? 4.036   -13.649 3.978   1.00 13.43 ? 45  TYR A CE2 1 
ATOM   389 C CZ  . TYR A 1 45 ? 4.865   -12.544 3.849   1.00 12.29 ? 45  TYR A CZ  1 
ATOM   390 O OH  . TYR A 1 45 ? 6.122   -12.805 3.340   1.00 14.40 ? 45  TYR A OH  1 
ATOM   391 N N   . GLY A 1 46 ? -2.020  -13.150 5.068   1.00 8.67  ? 46  GLY A N   1 
ATOM   392 C CA  . GLY A 1 46 ? -3.420  -13.241 5.448   1.00 8.06  ? 46  GLY A CA  1 
ATOM   393 C C   . GLY A 1 46 ? -4.224  -13.574 4.191   1.00 8.68  ? 46  GLY A C   1 
ATOM   394 O O   . GLY A 1 46 ? -5.442  -13.324 4.161   1.00 7.53  ? 46  GLY A O   1 
ATOM   395 N N   . LEU A 1 47 ? -3.601  -14.162 3.160   1.00 7.56  ? 47  LEU A N   1 
ATOM   396 C CA  . LEU A 1 47 ? -4.319  -14.427 1.932   1.00 8.08  ? 47  LEU A CA  1 
ATOM   397 C C   . LEU A 1 47 ? -5.271  -15.635 2.051   1.00 8.80  ? 47  LEU A C   1 
ATOM   398 O O   . LEU A 1 47 ? -6.062  -15.907 1.136   1.00 10.78 ? 47  LEU A O   1 
ATOM   399 C CB  . LEU A 1 47 ? -3.310  -14.592 0.750   1.00 10.13 ? 47  LEU A CB  1 
ATOM   400 C CG  . LEU A 1 47 ? -2.260  -13.455 0.681   1.00 11.44 ? 47  LEU A CG  1 
ATOM   401 C CD1 . LEU A 1 47 ? -1.303  -13.696 -0.497  1.00 11.46 ? 47  LEU A CD1 1 
ATOM   402 C CD2 . LEU A 1 47 ? -2.953  -12.100 0.495   1.00 12.30 ? 47  LEU A CD2 1 
ATOM   403 N N   . ASP A 1 48 ? -5.173  -16.359 3.172   1.00 9.24  ? 48  ASP A N   1 
ATOM   404 C CA  . ASP A 1 48 ? -6.085  -17.471 3.396   1.00 9.60  ? 48  ASP A CA  1 
ATOM   405 C C   . ASP A 1 48 ? -7.340  -16.999 4.178   1.00 9.11  ? 48  ASP A C   1 
ATOM   406 O O   . ASP A 1 48 ? -8.253  -17.806 4.416   1.00 8.93  ? 48  ASP A O   1 
ATOM   407 C CB  . ASP A 1 48 ? -5.362  -18.572 4.220   1.00 10.52 ? 48  ASP A CB  1 
ATOM   408 C CG  . ASP A 1 48 ? -4.830  -18.054 5.574   1.00 15.24 ? 48  ASP A CG  1 
ATOM   409 O OD1 . ASP A 1 48 ? -4.526  -16.842 5.686   1.00 14.09 ? 48  ASP A OD1 1 
ATOM   410 O OD2 . ASP A 1 48 ? -4.699  -18.872 6.529   1.00 17.57 ? 48  ASP A OD2 1 
ATOM   411 N N   . ALA A 1 49 ? -7.381  -15.718 4.538   1.00 7.97  ? 49  ALA A N   1 
ATOM   412 C CA  . ALA A 1 49 ? -8.441  -15.181 5.383   1.00 6.39  ? 49  ALA A CA  1 
ATOM   413 C C   . ALA A 1 49 ? -9.419  -14.303 4.649   1.00 6.77  ? 49  ALA A C   1 
ATOM   414 O O   . ALA A 1 49 ? -9.082  -13.741 3.596   1.00 8.58  ? 49  ALA A O   1 
ATOM   415 C CB  . ALA A 1 49 ? -7.820  -14.369 6.550   1.00 7.00  ? 49  ALA A CB  1 
ATOM   416 N N   . TRP A 1 50 ? -10.624 -14.195 5.178   1.00 7.63  ? 50  TRP A N   1 
ATOM   417 C CA  . TRP A 1 50 ? -11.603 -13.317 4.547   1.00 6.90  ? 50  TRP A CA  1 
ATOM   418 C C   . TRP A 1 50 ? -11.618 -11.892 5.099   1.00 6.62  ? 50  TRP A C   1 
ATOM   419 O O   . TRP A 1 50 ? -11.826 -10.904 4.342   1.00 7.53  ? 50  TRP A O   1 
ATOM   420 C CB  . TRP A 1 50 ? -13.013 -13.855 4.797   1.00 9.54  ? 50  TRP A CB  1 
ATOM   421 C CG  . TRP A 1 50 ? -13.167 -15.309 4.480   1.00 8.27  ? 50  TRP A CG  1 
ATOM   422 C CD1 . TRP A 1 50 ? -12.788 -15.958 3.339   1.00 9.78  ? 50  TRP A CD1 1 
ATOM   423 C CD2 . TRP A 1 50 ? -13.743 -16.294 5.348   1.00 11.53 ? 50  TRP A CD2 1 
ATOM   424 N NE1 . TRP A 1 50 ? -13.117 -17.308 3.441   1.00 11.26 ? 50  TRP A NE1 1 
ATOM   425 C CE2 . TRP A 1 50 ? -13.693 -17.532 4.659   1.00 11.39 ? 50  TRP A CE2 1 
ATOM   426 C CE3 . TRP A 1 50 ? -14.293 -16.247 6.636   1.00 13.30 ? 50  TRP A CE3 1 
ATOM   427 C CZ2 . TRP A 1 50 ? -14.176 -18.725 5.222   1.00 14.26 ? 50  TRP A CZ2 1 
ATOM   428 C CZ3 . TRP A 1 50 ? -14.773 -17.461 7.205   1.00 15.78 ? 50  TRP A CZ3 1 
ATOM   429 C CH2 . TRP A 1 50 ? -14.700 -18.671 6.485   1.00 14.83 ? 50  TRP A CH2 1 
ATOM   430 N N   . GLY A 1 51 ? -11.374 -11.772 6.402   1.00 5.65  ? 51  GLY A N   1 
ATOM   431 C CA  . GLY A 1 51 ? -11.570 -10.500 7.086   1.00 6.97  ? 51  GLY A CA  1 
ATOM   432 C C   . GLY A 1 51 ? -10.416 -9.577  7.390   1.00 5.97  ? 51  GLY A C   1 
ATOM   433 O O   . GLY A 1 51 ? -10.635 -8.506  7.965   1.00 8.50  ? 51  GLY A O   1 
ATOM   434 N N   . TYR A 1 52 ? -9.198  -10.003 7.053   1.00 6.36  ? 52  TYR A N   1 
ATOM   435 C CA  . TYR A 1 52 ? -8.027  -9.168  7.299   1.00 5.16  ? 52  TYR A CA  1 
ATOM   436 C C   . TYR A 1 52 ? -6.991  -9.566  6.298   1.00 5.24  ? 52  TYR A C   1 
ATOM   437 O O   . TYR A 1 52 ? -7.042  -10.683 5.750   1.00 6.02  ? 52  TYR A O   1 
ATOM   438 C CB  . TYR A 1 52 ? -7.510  -9.338  8.754   1.00 7.33  ? 52  TYR A CB  1 
ATOM   439 C CG  . TYR A 1 52 ? -7.181  -10.777 9.094   1.00 7.60  ? 52  TYR A CG  1 
ATOM   440 C CD1 . TYR A 1 52 ? -5.935  -11.300 8.835   1.00 8.97  ? 52  TYR A CD1 1 
ATOM   441 C CD2 . TYR A 1 52 ? -8.185  -11.654 9.578   1.00 8.58  ? 52  TYR A CD2 1 
ATOM   442 C CE1 . TYR A 1 52 ? -5.664  -12.677 9.043   1.00 8.25  ? 52  TYR A CE1 1 
ATOM   443 C CE2 . TYR A 1 52 ? -7.917  -13.046 9.783   1.00 8.79  ? 52  TYR A CE2 1 
ATOM   444 C CZ  . TYR A 1 52 ? -6.656  -13.526 9.508   1.00 9.03  ? 52  TYR A CZ  1 
ATOM   445 O OH  . TYR A 1 52 ? -6.330  -14.865 9.667   1.00 8.50  ? 52  TYR A OH  1 
ATOM   446 N N   . GLU A 1 53 ? -6.058  -8.651  6.055   1.00 6.66  ? 53  GLU A N   1 
ATOM   447 C CA  . GLU A 1 53 ? -4.970  -8.901  5.104   1.00 6.15  ? 53  GLU A CA  1 
ATOM   448 C C   . GLU A 1 53 ? -3.857  -7.910  5.369   1.00 6.22  ? 53  GLU A C   1 
ATOM   449 O O   . GLU A 1 53 ? -4.085  -6.814  5.841   1.00 7.65  ? 53  GLU A O   1 
ATOM   450 C CB  . GLU A 1 53 ? -5.439  -8.704  3.650   1.00 6.49  ? 53  GLU A CB  1 
ATOM   451 C CG  . GLU A 1 53 ? -4.435  -9.297  2.628   1.00 7.32  ? 53  GLU A CG  1 
ATOM   452 C CD  . GLU A 1 53 ? -5.102  -9.426  1.250   1.00 8.23  ? 53  GLU A CD  1 
ATOM   453 O OE1 . GLU A 1 53 ? -4.725  -8.666  0.329   1.00 8.39  ? 53  GLU A OE1 1 
ATOM   454 O OE2 . GLU A 1 53 ? -6.007  -10.298 1.163   1.00 8.04  ? 53  GLU A OE2 1 
ATOM   455 N N   . VAL A 1 54 ? -2.631  -8.329  5.105   1.00 6.04  ? 54  VAL A N   1 
ATOM   456 C CA  . VAL A 1 54 ? -1.528  -7.367  5.178   1.00 6.02  ? 54  VAL A CA  1 
ATOM   457 C C   . VAL A 1 54 ? -1.126  -7.071  3.734   1.00 6.09  ? 54  VAL A C   1 
ATOM   458 O O   . VAL A 1 54 ? -0.886  -8.000  2.954   1.00 6.26  ? 54  VAL A O   1 
ATOM   459 C CB  . VAL A 1 54 ? -0.320  -7.965  5.928   1.00 6.32  ? 54  VAL A CB  1 
ATOM   460 C CG1 . VAL A 1 54 ? 0.885   -6.930  5.906   1.00 8.24  ? 54  VAL A CG1 1 
ATOM   461 C CG2 . VAL A 1 54 ? -0.744  -8.173  7.406   1.00 8.11  ? 54  VAL A CG2 1 
ATOM   462 N N   . VAL A 1 55 ? -1.181  -5.783  3.386   1.00 6.03  ? 55  VAL A N   1 
ATOM   463 C CA  . VAL A 1 55 ? -0.798  -5.331  2.033   1.00 6.87  ? 55  VAL A CA  1 
ATOM   464 C C   . VAL A 1 55 ? 0.304   -4.300  2.148   1.00 6.43  ? 55  VAL A C   1 
ATOM   465 O O   . VAL A 1 55 ? 0.655   -3.860  3.243   1.00 7.22  ? 55  VAL A O   1 
ATOM   466 C CB  . VAL A 1 55 ? -2.026  -4.678  1.291   1.00 5.70  ? 55  VAL A CB  1 
ATOM   467 C CG1 . VAL A 1 55 ? -3.176  -5.717  1.272   1.00 7.09  ? 55  VAL A CG1 1 
ATOM   468 C CG2 . VAL A 1 55 ? -2.502  -3.377  2.004   1.00 6.58  ? 55  VAL A CG2 1 
ATOM   469 N N   . GLY A 1 56 ? 0.840   -3.892  1.010   1.00 6.84  ? 56  GLY A N   1 
ATOM   470 C CA  . GLY A 1 56 ? 1.827   -2.822  1.065   1.00 6.49  ? 56  GLY A CA  1 
ATOM   471 C C   . GLY A 1 56 ? 2.071   -2.257  -0.309  1.00 5.54  ? 56  GLY A C   1 
ATOM   472 O O   . GLY A 1 56 ? 1.526   -2.731  -1.315  1.00 6.31  ? 56  GLY A O   1 
ATOM   473 N N   . PHE A 1 57 ? 2.879   -1.208  -0.358  1.00 5.86  ? 57  PHE A N   1 
ATOM   474 C CA  . PHE A 1 57 ? 3.321   -0.696  -1.644  1.00 5.16  ? 57  PHE A CA  1 
ATOM   475 C C   . PHE A 1 57 ? 4.695   -0.064  -1.450  1.00 5.96  ? 57  PHE A C   1 
ATOM   476 O O   . PHE A 1 57 ? 5.099   0.265   -0.322  1.00 6.08  ? 57  PHE A O   1 
ATOM   477 C CB  . PHE A 1 57 ? 2.328   0.305   -2.242  1.00 6.12  ? 57  PHE A CB  1 
ATOM   478 C CG  . PHE A 1 57 ? 2.189   1.610   -1.491  1.00 5.91  ? 57  PHE A CG  1 
ATOM   479 C CD1 . PHE A 1 57 ? 3.186   2.605   -1.565  1.00 6.82  ? 57  PHE A CD1 1 
ATOM   480 C CD2 . PHE A 1 57 ? 1.023   1.843   -0.744  1.00 7.55  ? 57  PHE A CD2 1 
ATOM   481 C CE1 . PHE A 1 57 ? 2.994   3.857   -0.873  1.00 6.65  ? 57  PHE A CE1 1 
ATOM   482 C CE2 . PHE A 1 57 ? 0.834   3.065   -0.073  1.00 6.74  ? 57  PHE A CE2 1 
ATOM   483 C CZ  . PHE A 1 57 ? 1.810   4.059   -0.135  1.00 8.30  ? 57  PHE A CZ  1 
ATOM   484 N N   . THR A 1 58 ? 5.427   0.071   -2.552  1.00 5.10  ? 58  THR A N   1 
ATOM   485 C CA  . THR A 1 58 ? 6.742   0.719   -2.486  1.00 6.20  ? 58  THR A CA  1 
ATOM   486 C C   . THR A 1 58 ? 6.871   1.645   -3.685  1.00 6.62  ? 58  THR A C   1 
ATOM   487 O O   . THR A 1 58 ? 6.147   1.552   -4.695  1.00 7.37  ? 58  THR A O   1 
ATOM   488 C CB  . THR A 1 58 ? 7.906   -0.363  -2.529  1.00 6.55  ? 58  THR A CB  1 
ATOM   489 O OG1 . THR A 1 58 ? 9.160   0.290   -2.356  1.00 9.66  ? 58  THR A OG1 1 
ATOM   490 C CG2 . THR A 1 58 ? 7.954   -1.174  -3.872  1.00 7.20  ? 58  THR A CG2 1 
ATOM   491 N N   . LEU A 1 59 ? 7.801   2.572   -3.564  1.00 5.22  ? 59  LEU A N   1 
ATOM   492 C CA  . LEU A 1 59 ? 8.073   3.496   -4.671  1.00 6.53  ? 59  LEU A CA  1 
ATOM   493 C C   . LEU A 1 59 ? 9.531   3.944   -4.560  1.00 7.22  ? 59  LEU A C   1 
ATOM   494 O O   . LEU A 1 59 ? 10.153  3.884   -3.486  1.00 6.69  ? 59  LEU A O   1 
ATOM   495 C CB  . LEU A 1 59 ? 7.136   4.725   -4.693  1.00 8.08  ? 59  LEU A CB  1 
ATOM   496 C CG  . LEU A 1 59 ? 7.390   5.846   -3.674  1.00 7.20  ? 59  LEU A CG  1 
ATOM   497 C CD1 . LEU A 1 59 ? 6.579   7.138   -4.048  1.00 10.70 ? 59  LEU A CD1 1 
ATOM   498 C CD2 . LEU A 1 59 ? 6.937   5.348   -2.236  1.00 8.04  ? 59  LEU A CD2 1 
ATOM   499 N N   A LEU A 1 60 ? 10.050  4.415   -5.700  0.73 6.26  ? 60  LEU A N   1 
ATOM   500 N N   B LEU A 1 60 ? 10.070  4.403   -5.690  0.27 7.19  ? 60  LEU A N   1 
ATOM   501 C CA  A LEU A 1 60 ? 11.447  4.838   -5.823  0.73 6.56  ? 60  LEU A CA  1 
ATOM   502 C CA  B LEU A 1 60 ? 11.467  4.829   -5.782  0.27 7.54  ? 60  LEU A CA  1 
ATOM   503 C C   A LEU A 1 60 ? 11.576  6.284   -6.315  0.73 6.45  ? 60  LEU A C   1 
ATOM   504 C C   B LEU A 1 60 ? 11.586  6.265   -6.301  0.27 7.24  ? 60  LEU A C   1 
ATOM   505 O O   A LEU A 1 60 ? 10.777  6.750   -7.113  0.73 6.03  ? 60  LEU A O   1 
ATOM   506 O O   B LEU A 1 60 ? 10.798  6.698   -7.133  0.27 7.10  ? 60  LEU A O   1 
ATOM   507 C CB  A LEU A 1 60 ? 12.137  3.911   -6.868  0.73 8.81  ? 60  LEU A CB  1 
ATOM   508 C CB  B LEU A 1 60 ? 12.203  3.879   -6.761  0.27 9.47  ? 60  LEU A CB  1 
ATOM   509 C CG  A LEU A 1 60 ? 13.508  4.332   -7.369  0.73 8.67  ? 60  LEU A CG  1 
ATOM   510 C CG  B LEU A 1 60 ? 13.684  4.013   -7.140  0.27 10.35 ? 60  LEU A CG  1 
ATOM   511 C CD1 A LEU A 1 60 ? 14.552  4.129   -6.251  0.73 10.32 ? 60  LEU A CD1 1 
ATOM   512 C CD1 B LEU A 1 60 ? 13.974  3.154   -8.370  0.27 10.70 ? 60  LEU A CD1 1 
ATOM   513 C CD2 A LEU A 1 60 ? 13.885  3.468   -8.588  0.73 10.57 ? 60  LEU A CD2 1 
ATOM   514 C CD2 B LEU A 1 60 ? 14.024  5.429   -7.457  0.27 12.85 ? 60  LEU A CD2 1 
ATOM   515 N N   . GLY A 1 61 ? 12.575  6.998   -5.785  1.00 6.56  ? 61  GLY A N   1 
ATOM   516 C CA  . GLY A 1 61 ? 12.826  8.349   -6.279  1.00 6.32  ? 61  GLY A CA  1 
ATOM   517 C C   . GLY A 1 61 ? 14.198  8.838   -5.878  1.00 7.23  ? 61  GLY A C   1 
ATOM   518 O O   . GLY A 1 61 ? 14.864  8.218   -5.047  1.00 8.69  ? 61  GLY A O   1 
ATOM   519 N N   . ASN A 1 62 ? 14.573  10.020  -6.382  1.00 6.92  ? 62  ASN A N   1 
ATOM   520 C CA  . ASN A 1 62 ? 15.913  10.562  -6.049  1.00 7.36  ? 62  ASN A CA  1 
ATOM   521 C C   . ASN A 1 62 ? 15.834  11.626  -4.966  1.00 8.34  ? 62  ASN A C   1 
ATOM   522 O O   . ASN A 1 62 ? 16.866  12.258  -4.616  1.00 9.74  ? 62  ASN A O   1 
ATOM   523 C CB  . ASN A 1 62 ? 16.564  11.149  -7.345  1.00 8.56  ? 62  ASN A CB  1 
ATOM   524 C CG  . ASN A 1 62 ? 15.783  12.287  -7.969  1.00 9.15  ? 62  ASN A CG  1 
ATOM   525 O OD1 . ASN A 1 62 ? 15.915  12.564  -9.210  1.00 13.91 ? 62  ASN A OD1 1 
ATOM   526 N ND2 . ASN A 1 62 ? 14.943  12.943  -7.189  1.00 8.99  ? 62  ASN A ND2 1 
ATOM   527 N N   . ASP A 1 63 ? 14.640  11.820  -4.419  1.00 7.93  ? 63  ASP A N   1 
ATOM   528 C CA  . ASP A 1 63 ? 14.401  12.927  -3.415  1.00 9.27  ? 63  ASP A CA  1 
ATOM   529 C C   . ASP A 1 63 ? 13.600  12.281  -2.293  1.00 8.50  ? 63  ASP A C   1 
ATOM   530 O O   . ASP A 1 63 ? 12.450  11.908  -2.489  1.00 7.92  ? 63  ASP A O   1 
ATOM   531 C CB  . ASP A 1 63 ? 13.601  14.007  -4.115  1.00 9.37  ? 63  ASP A CB  1 
ATOM   532 C CG  . ASP A 1 63 ? 13.116  15.117  -3.179  1.00 10.50 ? 63  ASP A CG  1 
ATOM   533 O OD1 . ASP A 1 63 ? 13.256  14.974  -1.963  1.00 11.06 ? 63  ASP A OD1 1 
ATOM   534 O OD2 . ASP A 1 63 ? 12.590  16.107  -3.713  1.00 13.44 ? 63  ASP A OD2 1 
ATOM   535 N N   . PRO A 1 64 ? 14.192  12.095  -1.115  1.00 8.74  ? 64  PRO A N   1 
ATOM   536 C CA  . PRO A 1 64 ? 13.494  11.460  -0.012  1.00 7.56  ? 64  PRO A CA  1 
ATOM   537 C C   . PRO A 1 64 ? 12.225  12.177  0.461   1.00 8.52  ? 64  PRO A C   1 
ATOM   538 O O   . PRO A 1 64 ? 11.312  11.528  0.951   1.00 8.74  ? 64  PRO A O   1 
ATOM   539 C CB  . PRO A 1 64 ? 14.575  11.371  1.080   1.00 9.57  ? 64  PRO A CB  1 
ATOM   540 C CG  . PRO A 1 64 ? 15.437  12.629  0.787   1.00 10.62 ? 64  PRO A CG  1 
ATOM   541 C CD  . PRO A 1 64 ? 15.513  12.639  -0.715  1.00 11.60 ? 64  PRO A CD  1 
ATOM   542 N N   . ALA A 1 65 ? 12.198  13.509  0.332   1.00 7.94  ? 65  ALA A N   1 
ATOM   543 C CA  . ALA A 1 65 ? 11.005  14.241  0.748   1.00 7.01  ? 65  ALA A CA  1 
ATOM   544 C C   . ALA A 1 65 ? 9.876   13.941  -0.244  1.00 6.69  ? 65  ALA A C   1 
ATOM   545 O O   . ALA A 1 65 ? 8.715   13.775  0.177   1.00 6.54  ? 65  ALA A O   1 
ATOM   546 C CB  . ALA A 1 65 ? 11.267  15.775  0.797   1.00 8.99  ? 65  ALA A CB  1 
ATOM   547 N N   . TRP A 1 66 ? 10.188  13.872  -1.538  1.00 6.69  ? 66  TRP A N   1 
ATOM   548 C CA  . TRP A 1 66 ? 9.123   13.572  -2.520  1.00 7.18  ? 66  TRP A CA  1 
ATOM   549 C C   . TRP A 1 66 ? 8.661   12.118  -2.309  1.00 7.52  ? 66  TRP A C   1 
ATOM   550 O O   . TRP A 1 66 ? 7.463   11.828  -2.348  1.00 6.78  ? 66  TRP A O   1 
ATOM   551 C CB  . TRP A 1 66 ? 9.677   13.731  -3.959  1.00 8.03  ? 66  TRP A CB  1 
ATOM   552 C CG  . TRP A 1 66 ? 8.661   13.302  -5.017  1.00 8.86  ? 66  TRP A CG  1 
ATOM   553 C CD1 . TRP A 1 66 ? 7.657   14.060  -5.552  1.00 9.50  ? 66  TRP A CD1 1 
ATOM   554 C CD2 . TRP A 1 66 ? 8.537   11.992  -5.600  1.00 9.13  ? 66  TRP A CD2 1 
ATOM   555 N NE1 . TRP A 1 66 ? 6.911   13.293  -6.422  1.00 10.43 ? 66  TRP A NE1 1 
ATOM   556 C CE2 . TRP A 1 66 ? 7.432   12.031  -6.475  1.00 9.41  ? 66  TRP A CE2 1 
ATOM   557 C CE3 . TRP A 1 66 ? 9.251   10.795  -5.448  1.00 9.68  ? 66  TRP A CE3 1 
ATOM   558 C CZ2 . TRP A 1 66 ? 7.016   10.929  -7.213  1.00 9.97  ? 66  TRP A CZ2 1 
ATOM   559 C CZ3 . TRP A 1 66 ? 8.840   9.671   -6.169  1.00 10.36 ? 66  TRP A CZ3 1 
ATOM   560 C CH2 . TRP A 1 66 ? 7.713   9.759   -7.057  1.00 10.12 ? 66  TRP A CH2 1 
ATOM   561 N N   . VAL A 1 67 ? 9.622   11.182  -2.156  1.00 7.17  ? 67  VAL A N   1 
ATOM   562 C CA  . VAL A 1 67 ? 9.215   9.780   -1.927  1.00 7.33  ? 67  VAL A CA  1 
ATOM   563 C C   . VAL A 1 67 ? 8.275   9.667   -0.679  1.00 7.19  ? 67  VAL A C   1 
ATOM   564 O O   . VAL A 1 67 ? 7.223   9.014   -0.704  1.00 8.07  ? 67  VAL A O   1 
ATOM   565 C CB  . VAL A 1 67 ? 10.473  8.898   -1.716  1.00 7.74  ? 67  VAL A CB  1 
ATOM   566 C CG1 . VAL A 1 67 ? 10.066  7.498   -1.256  1.00 6.86  ? 67  VAL A CG1 1 
ATOM   567 C CG2 . VAL A 1 67 ? 11.297  8.859   -3.064  1.00 8.18  ? 67  VAL A CG2 1 
ATOM   568 N N   . GLU A 1 68 ? 8.665   10.304  0.422   1.00 6.73  ? 68  GLU A N   1 
ATOM   569 C CA  . GLU A 1 68 ? 7.852   10.196  1.628   1.00 7.13  ? 68  GLU A CA  1 
ATOM   570 C C   . GLU A 1 68 ? 6.486   10.894  1.450   1.00 7.78  ? 68  GLU A C   1 
ATOM   571 O O   . GLU A 1 68 ? 5.458   10.364  1.889   1.00 6.05  ? 68  GLU A O   1 
ATOM   572 C CB  . GLU A 1 68 ? 8.614   10.815  2.818   1.00 6.89  ? 68  GLU A CB  1 
ATOM   573 C CG  . GLU A 1 68 ? 7.808   10.632  4.099   1.00 7.73  ? 68  GLU A CG  1 
ATOM   574 C CD  . GLU A 1 68 ? 8.409   11.363  5.311   1.00 8.60  ? 68  GLU A CD  1 
ATOM   575 O OE1 . GLU A 1 68 ? 9.473   12.023  5.190   1.00 7.34  ? 68  GLU A OE1 1 
ATOM   576 O OE2 . GLU A 1 68 ? 7.766   11.279  6.379   1.00 8.42  ? 68  GLU A OE2 1 
ATOM   577 N N   . GLU A 1 69 ? 6.484   12.075  0.827   1.00 7.68  ? 69  GLU A N   1 
ATOM   578 C CA  . GLU A 1 69 ? 5.216   12.821  0.691   1.00 6.77  ? 69  GLU A CA  1 
ATOM   579 C C   . GLU A 1 69 ? 4.249   12.056  -0.191  1.00 8.09  ? 69  GLU A C   1 
ATOM   580 O O   . GLU A 1 69 ? 3.047   11.935  0.105   1.00 7.06  ? 69  GLU A O   1 
ATOM   581 C CB  . GLU A 1 69 ? 5.462   14.220  0.122   1.00 7.34  ? 69  GLU A CB  1 
ATOM   582 C CG  . GLU A 1 69 ? 4.182   15.062  0.193   1.00 9.07  ? 69  GLU A CG  1 
ATOM   583 C CD  . GLU A 1 69 ? 4.421   16.550  -0.087  1.00 11.29 ? 69  GLU A CD  1 
ATOM   584 O OE1 . GLU A 1 69 ? 5.537   16.924  -0.513  1.00 12.56 ? 69  GLU A OE1 1 
ATOM   585 O OE2 . GLU A 1 69 ? 3.460   17.314  0.142   1.00 15.46 ? 69  GLU A OE2 1 
ATOM   586 N N   . THR A 1 70 ? 4.798   11.482  -1.248  1.00 7.04  ? 70  THR A N   1 
ATOM   587 C CA  . THR A 1 70 ? 3.973   10.693  -2.172  1.00 6.81  ? 70  THR A CA  1 
ATOM   588 C C   . THR A 1 70 ? 3.451   9.431   -1.461  1.00 6.76  ? 70  THR A C   1 
ATOM   589 O O   . THR A 1 70 ? 2.278   9.051   -1.638  1.00 6.78  ? 70  THR A O   1 
ATOM   590 C CB  . THR A 1 70 ? 4.832   10.342  -3.419  1.00 6.00  ? 70  THR A CB  1 
ATOM   591 O OG1 . THR A 1 70 ? 5.217   11.608  -4.021  1.00 8.54  ? 70  THR A OG1 1 
ATOM   592 C CG2 . THR A 1 70 ? 3.944   9.605   -4.489  1.00 8.44  ? 70  THR A CG2 1 
ATOM   593 N N   . MET A 1 71 ? 4.321   8.776   -0.703  1.00 5.80  ? 71  MET A N   1 
ATOM   594 C CA  . MET A 1 71 ? 3.890   7.595   0.051   1.00 6.30  ? 71  MET A CA  1 
ATOM   595 C C   . MET A 1 71 ? 2.785   7.966   1.058   1.00 6.59  ? 71  MET A C   1 
ATOM   596 O O   . MET A 1 71 ? 1.785   7.205   1.176   1.00 6.46  ? 71  MET A O   1 
ATOM   597 C CB  . MET A 1 71 ? 5.080   6.964   0.797   1.00 7.03  ? 71  MET A CB  1 
ATOM   598 C CG  . MET A 1 71 ? 4.682   5.908   1.826   1.00 6.34  ? 71  MET A CG  1 
ATOM   599 S SD  . MET A 1 71 ? 6.133   5.031   2.479   1.00 8.50  ? 71  MET A SD  1 
ATOM   600 C CE  . MET A 1 71 ? 7.170   6.403   3.191   1.00 9.14  ? 71  MET A CE  1 
ATOM   601 N N   . ARG A 1 72 ? 2.930   9.100   1.776   1.00 6.55  ? 72  ARG A N   1 
ATOM   602 C CA  . ARG A 1 72 ? 1.869   9.426   2.728   1.00 6.79  ? 72  ARG A CA  1 
ATOM   603 C C   . ARG A 1 72 ? 0.562   9.806   2.017   1.00 7.41  ? 72  ARG A C   1 
ATOM   604 O O   . ARG A 1 72 ? -0.522  9.459   2.496   1.00 7.15  ? 72  ARG A O   1 
ATOM   605 C CB  . ARG A 1 72 ? 2.346   10.526  3.700   1.00 7.76  ? 72  ARG A CB  1 
ATOM   606 C CG  . ARG A 1 72 ? 3.503   9.990   4.630   1.00 5.56  ? 72  ARG A CG  1 
ATOM   607 C CD  . ARG A 1 72 ? 3.926   11.049  5.710   1.00 8.91  ? 72  ARG A CD  1 
ATOM   608 N NE  . ARG A 1 72 ? 5.053   10.522  6.483   1.00 8.53  ? 72  ARG A NE  1 
ATOM   609 C CZ  . ARG A 1 72 ? 4.966   9.625   7.469   1.00 8.27  ? 72  ARG A CZ  1 
ATOM   610 N NH1 . ARG A 1 72 ? 3.760   9.131   7.881   1.00 8.27  ? 72  ARG A NH1 1 
ATOM   611 N NH2 . ARG A 1 72 ? 6.095   9.174   7.993   1.00 8.92  ? 72  ARG A NH2 1 
ATOM   612 N N   . ALA A 1 73 ? 0.670   10.429  0.846   1.00 7.08  ? 73  ALA A N   1 
ATOM   613 C CA  . ALA A 1 73 ? -0.555  10.765  0.104   1.00 7.90  ? 73  ALA A CA  1 
ATOM   614 C C   . ALA A 1 73 ? -1.221  9.491   -0.406  1.00 9.71  ? 73  ALA A C   1 
ATOM   615 O O   . ALA A 1 73 ? -2.467  9.387   -0.399  1.00 8.01  ? 73  ALA A O   1 
ATOM   616 C CB  . ALA A 1 73 ? -0.254  11.716  -1.048  1.00 9.04  ? 73  ALA A CB  1 
ATOM   617 N N   . ALA A 1 74 ? -0.408  8.536   -0.845  1.00 7.47  ? 74  ALA A N   1 
ATOM   618 C CA  . ALA A 1 74 ? -0.990  7.275   -1.370  1.00 7.45  ? 74  ALA A CA  1 
ATOM   619 C C   . ALA A 1 74 ? -1.652  6.512   -0.237  1.00 7.73  ? 74  ALA A C   1 
ATOM   620 O O   . ALA A 1 74 ? -2.673  5.898   -0.418  1.00 9.65  ? 74  ALA A O   1 
ATOM   621 C CB  . ALA A 1 74 ? 0.110   6.437   -2.056  1.00 8.36  ? 74  ALA A CB  1 
ATOM   622 N N   . ALA A 1 75 ? -1.066  6.552   0.956   1.00 7.86  ? 75  ALA A N   1 
ATOM   623 C CA  . ALA A 1 75 ? -1.655  5.872   2.107   1.00 7.97  ? 75  ALA A CA  1 
ATOM   624 C C   . ALA A 1 75 ? -3.013  6.515   2.470   1.00 8.36  ? 75  ALA A C   1 
ATOM   625 O O   . ALA A 1 75 ? -3.940  5.820   2.837   1.00 8.67  ? 75  ALA A O   1 
ATOM   626 C CB  . ALA A 1 75 ? -0.726  5.961   3.324   1.00 9.07  ? 75  ALA A CB  1 
ATOM   627 N N   . ARG A 1 76 ? -3.075  7.845   2.458   1.00 8.24  ? 76  ARG A N   1 
ATOM   628 C CA  . ARG A 1 76 ? -4.351  8.536   2.745   1.00 9.45  ? 76  ARG A CA  1 
ATOM   629 C C   . ARG A 1 76 ? -5.389  8.096   1.708   1.00 9.33  ? 76  ARG A C   1 
ATOM   630 O O   . ARG A 1 76 ? -6.564  7.847   2.057   1.00 11.51 ? 76  ARG A O   1 
ATOM   631 C CB  . ARG A 1 76 ? -4.186  10.056  2.682   1.00 11.23 ? 76  ARG A CB  1 
ATOM   632 C CG  . ARG A 1 76 ? -3.367  10.558  3.873   1.00 15.72 ? 76  ARG A CG  1 
ATOM   633 C CD  . ARG A 1 76 ? -3.543  12.052  4.167   1.00 18.42 ? 76  ARG A CD  1 
ATOM   634 N NE  . ARG A 1 76 ? -2.279  12.498  4.741   1.00 24.08 ? 76  ARG A NE  1 
ATOM   635 C CZ  . ARG A 1 76 ? -1.245  12.910  4.012   1.00 25.13 ? 76  ARG A CZ  1 
ATOM   636 N NH1 . ARG A 1 76 ? -1.336  12.967  2.677   1.00 25.46 ? 76  ARG A NH1 1 
ATOM   637 N NH2 . ARG A 1 76 ? -0.098  13.196  4.611   1.00 25.74 ? 76  ARG A NH2 1 
ATOM   638 N N   . PHE A 1 77 ? -4.968  7.977   0.438   1.00 8.81  ? 77  PHE A N   1 
ATOM   639 C CA  . PHE A 1 77 ? -5.883  7.580   -0.632  1.00 9.75  ? 77  PHE A CA  1 
ATOM   640 C C   . PHE A 1 77 ? -6.414  6.175   -0.354  1.00 10.77 ? 77  PHE A C   1 
ATOM   641 O O   . PHE A 1 77 ? -7.613  5.921   -0.493  1.00 11.36 ? 77  PHE A O   1 
ATOM   642 C CB  . PHE A 1 77 ? -5.136  7.630   -1.976  1.00 11.30 ? 77  PHE A CB  1 
ATOM   643 C CG  . PHE A 1 77 ? -5.927  7.165   -3.149  1.00 16.30 ? 77  PHE A CG  1 
ATOM   644 C CD1 . PHE A 1 77 ? -6.697  8.081   -3.887  1.00 18.82 ? 77  PHE A CD1 1 
ATOM   645 C CD2 . PHE A 1 77 ? -5.848  5.841   -3.568  1.00 18.24 ? 77  PHE A CD2 1 
ATOM   646 C CE1 . PHE A 1 77 ? -7.365  7.663   -5.040  1.00 20.89 ? 77  PHE A CE1 1 
ATOM   647 C CE2 . PHE A 1 77 ? -6.530  5.417   -4.744  1.00 22.15 ? 77  PHE A CE2 1 
ATOM   648 C CZ  . PHE A 1 77 ? -7.271  6.323   -5.461  1.00 22.63 ? 77  PHE A CZ  1 
ATOM   649 N N   . LEU A 1 78 ? -5.513  5.257   -0.010  1.00 8.81  ? 78  LEU A N   1 
ATOM   650 C CA  . LEU A 1 78 ? -5.943  3.871   0.310   1.00 11.02 ? 78  LEU A CA  1 
ATOM   651 C C   . LEU A 1 78 ? -6.968  3.842   1.457   1.00 12.29 ? 78  LEU A C   1 
ATOM   652 O O   . LEU A 1 78 ? -7.921  3.011   1.445   1.00 13.67 ? 78  LEU A O   1 
ATOM   653 C CB  . LEU A 1 78 ? -4.721  3.061   0.718   1.00 11.90 ? 78  LEU A CB  1 
ATOM   654 C CG  . LEU A 1 78 ? -4.940  1.562   0.827   1.00 12.91 ? 78  LEU A CG  1 
ATOM   655 C CD1 . LEU A 1 78 ? -5.441  0.993   -0.578  1.00 13.65 ? 78  LEU A CD1 1 
ATOM   656 C CD2 . LEU A 1 78 ? -3.609  0.965   1.240   1.00 13.43 ? 78  LEU A CD2 1 
ATOM   657 N N   . ALA A 1 79 ? -6.823  4.717   2.449   1.00 12.49 ? 79  ALA A N   1 
ATOM   658 C CA  . ALA A 1 79 ? -7.750  4.720   3.564   1.00 15.17 ? 79  ALA A CA  1 
ATOM   659 C C   . ALA A 1 79 ? -9.131  5.284   3.131   1.00 18.16 ? 79  ALA A C   1 
ATOM   660 O O   . ALA A 1 79 ? -10.130 5.057   3.830   1.00 20.37 ? 79  ALA A O   1 
ATOM   661 C CB  . ALA A 1 79 ? -7.173  5.562   4.754   1.00 13.54 ? 79  ALA A CB  1 
ATOM   662 N N   . GLU A 1 80 ? -9.170  5.957   1.990   1.00 18.97 ? 80  GLU A N   1 
ATOM   663 C CA  . GLU A 1 80 ? -10.392 6.599   1.473   1.00 24.17 ? 80  GLU A CA  1 
ATOM   664 C C   . GLU A 1 80 ? -11.132 5.695   0.482   1.00 23.80 ? 80  GLU A C   1 
ATOM   665 O O   . GLU A 1 80 ? -12.238 6.028   0.031   1.00 24.05 ? 80  GLU A O   1 
ATOM   666 C CB  . GLU A 1 80 ? -10.047 7.921   0.743   1.00 27.55 ? 80  GLU A CB  1 
ATOM   667 C CG  . GLU A 1 80 ? -9.094  8.927   1.415   1.00 34.12 ? 80  GLU A CG  1 
ATOM   668 C CD  . GLU A 1 80 ? -8.660  10.040  0.424   1.00 37.94 ? 80  GLU A CD  1 
ATOM   669 O OE1 . GLU A 1 80 ? -9.556  10.699  -0.141  1.00 41.02 ? 80  GLU A OE1 1 
ATOM   670 O OE2 . GLU A 1 80 ? -7.439  10.260  0.177   1.00 41.19 ? 80  GLU A OE2 1 
ATOM   671 N N   . ALA A 1 81 ? -10.518 4.579   0.113   1.00 23.33 ? 81  ALA A N   1 
ATOM   672 C CA  . ALA A 1 81 ? -11.152 3.699   -0.830  1.00 25.16 ? 81  ALA A CA  1 
ATOM   673 C C   . ALA A 1 81 ? -12.489 3.144   -0.273  1.00 25.34 ? 81  ALA A C   1 
ATOM   674 O O   . ALA A 1 81 ? -13.466 2.985   -1.009  1.00 26.39 ? 81  ALA A O   1 
ATOM   675 C CB  . ALA A 1 81 ? -10.238 2.589   -1.175  1.00 26.90 ? 81  ALA A CB  1 
ATOM   676 N N   . GLY A 1 82 ? -12.536 2.903   1.033   1.00 24.92 ? 82  GLY A N   1 
ATOM   677 C CA  . GLY A 1 82 ? -13.736 2.327   1.638   1.00 23.54 ? 82  GLY A CA  1 
ATOM   678 C C   . GLY A 1 82 ? -13.807 0.878   1.242   1.00 21.78 ? 82  GLY A C   1 
ATOM   679 O O   . GLY A 1 82 ? -12.905 0.403   0.580   1.00 23.66 ? 82  GLY A O   1 
ATOM   680 N N   . GLY A 1 83 ? -14.886 0.170   1.602   1.00 21.28 ? 83  GLY A N   1 
ATOM   681 C CA  . GLY A 1 83 ? -15.000 -1.235  1.259   1.00 16.57 ? 83  GLY A CA  1 
ATOM   682 C C   . GLY A 1 83 ? -14.260 -2.011  2.348   1.00 14.96 ? 83  GLY A C   1 
ATOM   683 O O   . GLY A 1 83 ? -14.656 -3.077  2.747   1.00 15.87 ? 83  GLY A O   1 
ATOM   684 N N   . PHE A 1 84 ? -13.176 -1.415  2.820   1.00 13.09 ? 84  PHE A N   1 
ATOM   685 C CA  . PHE A 1 84 ? -12.335 -2.014  3.898   1.00 11.08 ? 84  PHE A CA  1 
ATOM   686 C C   . PHE A 1 84 ? -11.764 -0.866  4.699   1.00 10.75 ? 84  PHE A C   1 
ATOM   687 O O   . PHE A 1 84 ? -11.869 0.326   4.324   1.00 12.27 ? 84  PHE A O   1 
ATOM   688 C CB  . PHE A 1 84 ? -11.185 -2.858  3.351   1.00 9.76  ? 84  PHE A CB  1 
ATOM   689 C CG  . PHE A 1 84 ? -10.281 -2.124  2.402   1.00 10.51 ? 84  PHE A CG  1 
ATOM   690 C CD1 . PHE A 1 84 ? -9.311  -1.259  2.881   1.00 11.65 ? 84  PHE A CD1 1 
ATOM   691 C CD2 . PHE A 1 84 ? -10.445 -2.243  1.019   1.00 13.65 ? 84  PHE A CD2 1 
ATOM   692 C CE1 . PHE A 1 84 ? -8.511  -0.493  1.998   1.00 9.77  ? 84  PHE A CE1 1 
ATOM   693 C CE2 . PHE A 1 84 ? -9.655  -1.488  0.140   1.00 11.61 ? 84  PHE A CE2 1 
ATOM   694 C CZ  . PHE A 1 84 ? -8.700  -0.625  0.625   1.00 12.64 ? 84  PHE A CZ  1 
ATOM   695 N N   . GLN A 1 85 ? -11.273 -1.196  5.884   1.00 10.16 ? 85  GLN A N   1 
ATOM   696 C CA  . GLN A 1 85 ? -10.653 -0.195  6.753   1.00 12.53 ? 85  GLN A CA  1 
ATOM   697 C C   . GLN A 1 85 ? -9.172  -0.478  6.855   1.00 11.02 ? 85  GLN A C   1 
ATOM   698 O O   . GLN A 1 85 ? -8.777  -1.640  6.804   1.00 9.63  ? 85  GLN A O   1 
ATOM   699 C CB  . GLN A 1 85 ? -11.258 -0.281  8.153   1.00 15.51 ? 85  GLN A CB  1 
ATOM   700 C CG  . GLN A 1 85 ? -12.748 -0.087  8.069   1.00 24.14 ? 85  GLN A CG  1 
ATOM   701 C CD  . GLN A 1 85 ? -13.484 -0.088  9.381   1.00 30.09 ? 85  GLN A CD  1 
ATOM   702 O OE1 . GLN A 1 85 ? -13.444 -1.075  10.155  1.00 34.08 ? 85  GLN A OE1 1 
ATOM   703 N NE2 . GLN A 1 85 ? -14.201 1.009   9.647   1.00 32.38 ? 85  GLN A NE2 1 
ATOM   704 N N   . VAL A 1 86 ? -8.370  0.596   6.961   1.00 10.27 ? 86  VAL A N   1 
ATOM   705 C CA  . VAL A 1 86 ? -6.907  0.460   7.212   1.00 10.12 ? 86  VAL A CA  1 
ATOM   706 C C   . VAL A 1 86 ? -6.817  0.530   8.729   1.00 10.75 ? 86  VAL A C   1 
ATOM   707 O O   . VAL A 1 86 ? -7.064  1.581   9.389   1.00 11.85 ? 86  VAL A O   1 
ATOM   708 C CB  . VAL A 1 86 ? -6.118  1.597   6.554   1.00 11.25 ? 86  VAL A CB  1 
ATOM   709 C CG1 . VAL A 1 86 ? -4.631  1.507   6.970   1.00 12.67 ? 86  VAL A CG1 1 
ATOM   710 C CG2 . VAL A 1 86 ? -6.265  1.502   5.000   1.00 11.75 ? 86  VAL A CG2 1 
ATOM   711 N N   . ALA A 1 87 ? -6.536  -0.623  9.314   1.00 11.15 ? 87  ALA A N   1 
ATOM   712 C CA  . ALA A 1 87 ? -6.530  -0.774  10.771  1.00 12.52 ? 87  ALA A CA  1 
ATOM   713 C C   . ALA A 1 87 ? -5.226  -0.446  11.452  1.00 14.25 ? 87  ALA A C   1 
ATOM   714 O O   . ALA A 1 87 ? -5.242  0.084   12.566  1.00 14.30 ? 87  ALA A O   1 
ATOM   715 C CB  . ALA A 1 87 ? -6.957  -2.200  11.129  1.00 13.82 ? 87  ALA A CB  1 
ATOM   716 N N   . LEU A 1 88 ? -4.093  -0.723  10.806  1.00 13.28 ? 88  LEU A N   1 
ATOM   717 C CA  . LEU A 1 88 ? -2.775  -0.458  11.382  1.00 11.61 ? 88  LEU A CA  1 
ATOM   718 C C   . LEU A 1 88 ? -1.898  -0.183  10.158  1.00 12.43 ? 88  LEU A C   1 
ATOM   719 O O   . LEU A 1 88 ? -2.174  -0.743  9.075   1.00 11.93 ? 88  LEU A O   1 
ATOM   720 C CB  . LEU A 1 88 ? -2.188  -1.724  12.030  1.00 13.39 ? 88  LEU A CB  1 
ATOM   721 C CG  . LEU A 1 88 ? -2.898  -2.301  13.260  1.00 14.92 ? 88  LEU A CG  1 
ATOM   722 C CD1 . LEU A 1 88 ? -2.341  -3.671  13.515  1.00 16.25 ? 88  LEU A CD1 1 
ATOM   723 C CD2 . LEU A 1 88 ? -2.762  -1.372  14.456  1.00 17.52 ? 88  LEU A CD2 1 
ATOM   724 N N   . GLU A 1 89 ? -0.864  0.647   10.326  1.00 11.41 ? 89  GLU A N   1 
ATOM   725 C CA  . GLU A 1 89 ? 0.026   0.909   9.177   1.00 11.19 ? 89  GLU A CA  1 
ATOM   726 C C   . GLU A 1 89 ? 1.430   1.250   9.629   1.00 12.54 ? 89  GLU A C   1 
ATOM   727 O O   . GLU A 1 89 ? 1.651   1.590   10.825  1.00 13.21 ? 89  GLU A O   1 
ATOM   728 C CB  . GLU A 1 89 ? -0.548  2.025   8.316   1.00 12.50 ? 89  GLU A CB  1 
ATOM   729 C CG  . GLU A 1 89 ? -0.614  3.397   9.009   1.00 14.25 ? 89  GLU A CG  1 
ATOM   730 C CD  . GLU A 1 89 ? -1.348  4.459   8.199   1.00 14.63 ? 89  GLU A CD  1 
ATOM   731 O OE1 . GLU A 1 89 ? -1.867  4.244   7.083   1.00 13.05 ? 89  GLU A OE1 1 
ATOM   732 O OE2 . GLU A 1 89 ? -1.397  5.585   8.720   1.00 17.53 ? 89  GLU A OE2 1 
ATOM   733 N N   . GLU A 1 90 ? 2.386   1.134   8.701   1.00 9.27  ? 90  GLU A N   1 
ATOM   734 C CA  . GLU A 1 90 ? 3.770   1.450   8.990   1.00 9.71  ? 90  GLU A CA  1 
ATOM   735 C C   . GLU A 1 90 ? 4.391   2.055   7.788   1.00 9.60  ? 90  GLU A C   1 
ATOM   736 O O   . GLU A 1 90 ? 4.174   1.602   6.657   1.00 8.24  ? 90  GLU A O   1 
ATOM   737 C CB  . GLU A 1 90 ? 4.601   0.180   9.381   1.00 12.86 ? 90  GLU A CB  1 
ATOM   738 C CG  . GLU A 1 90 ? 6.092   0.526   9.607   1.00 19.10 ? 90  GLU A CG  1 
ATOM   739 C CD  . GLU A 1 90 ? 6.960   -0.577  10.320  1.00 23.48 ? 90  GLU A CD  1 
ATOM   740 O OE1 . GLU A 1 90 ? 6.610   -1.799  10.295  1.00 26.95 ? 90  GLU A OE1 1 
ATOM   741 O OE2 . GLU A 1 90 ? 8.049   -0.207  10.876  1.00 24.93 ? 90  GLU A OE2 1 
ATOM   742 N N   . PHE A 1 91 ? 5.156   3.110   8.038   1.00 8.16  ? 91  PHE A N   1 
ATOM   743 C CA  . PHE A 1 91 ? 5.898   3.769   6.969   1.00 7.49  ? 91  PHE A CA  1 
ATOM   744 C C   . PHE A 1 91 ? 7.393   3.588   7.196   1.00 8.73  ? 91  PHE A C   1 
ATOM   745 O O   . PHE A 1 91 ? 7.880   3.668   8.350   1.00 9.78  ? 91  PHE A O   1 
ATOM   746 C CB  . PHE A 1 91 ? 5.618   5.289   7.031   1.00 7.76  ? 91  PHE A CB  1 
ATOM   747 C CG  . PHE A 1 91 ? 4.204   5.639   6.778   1.00 7.16  ? 91  PHE A CG  1 
ATOM   748 C CD1 . PHE A 1 91 ? 3.273   5.690   7.847   1.00 8.30  ? 91  PHE A CD1 1 
ATOM   749 C CD2 . PHE A 1 91 ? 3.781   5.934   5.477   1.00 9.70  ? 91  PHE A CD2 1 
ATOM   750 C CE1 . PHE A 1 91 ? 1.900   6.064   7.553   1.00 8.55  ? 91  PHE A CE1 1 
ATOM   751 C CE2 . PHE A 1 91 ? 2.426   6.309   5.223   1.00 9.53  ? 91  PHE A CE2 1 
ATOM   752 C CZ  . PHE A 1 91 ? 1.528   6.369   6.246   1.00 9.01  ? 91  PHE A CZ  1 
ATOM   753 N N   . ARG A 1 92 ? 8.125   3.360   6.096   1.00 9.74  ? 92  ARG A N   1 
ATOM   754 C CA  . ARG A 1 92 ? 9.586   3.208   6.126   1.00 10.28 ? 92  ARG A CA  1 
ATOM   755 C C   . ARG A 1 92 ? 10.215  3.918   4.911   1.00 10.56 ? 92  ARG A C   1 
ATOM   756 O O   . ARG A 1 92 ? 9.616   4.008   3.851   1.00 10.02 ? 92  ARG A O   1 
ATOM   757 C CB  . ARG A 1 92 ? 9.942   1.710   6.073   1.00 13.50 ? 92  ARG A CB  1 
ATOM   758 C CG  . ARG A 1 92 ? 9.720   1.053   7.438   1.00 19.16 ? 92  ARG A CG  1 
ATOM   759 C CD  . ARG A 1 92 ? 10.128  -0.395  7.441   1.00 23.65 ? 92  ARG A CD  1 
ATOM   760 N NE  . ARG A 1 92 ? 8.997   -1.223  7.062   1.00 26.08 ? 92  ARG A NE  1 
ATOM   761 C CZ  . ARG A 1 92 ? 8.901   -2.512  7.339   1.00 27.41 ? 92  ARG A CZ  1 
ATOM   762 N NH1 . ARG A 1 92 ? 9.877   -3.114  8.014   1.00 25.15 ? 92  ARG A NH1 1 
ATOM   763 N NH2 . ARG A 1 92 ? 7.841   -3.194  6.915   1.00 27.52 ? 92  ARG A NH2 1 
ATOM   764 N N   A LEU A 1 93 ? 11.424  4.410   5.100   0.78 9.92  ? 93  LEU A N   1 
ATOM   765 N N   B LEU A 1 93 ? 11.428  4.446   5.068   0.22 10.66 ? 93  LEU A N   1 
ATOM   766 C CA  A LEU A 1 93 ? 12.133  5.067   4.019   0.78 12.03 ? 93  LEU A CA  1 
ATOM   767 C CA  B LEU A 1 93 ? 12.122  5.150   3.969   0.22 11.77 ? 93  LEU A CA  1 
ATOM   768 C C   A LEU A 1 93 ? 13.545  4.487   4.106   0.78 12.70 ? 93  LEU A C   1 
ATOM   769 C C   B LEU A 1 93 ? 13.595  4.726   4.002   0.22 12.50 ? 93  LEU A C   1 
ATOM   770 O O   A LEU A 1 93 ? 14.166  4.486   5.174   0.78 15.05 ? 93  LEU A O   1 
ATOM   771 O O   B LEU A 1 93 ? 14.323  5.164   4.897   0.22 12.71 ? 93  LEU A O   1 
ATOM   772 C CB  A LEU A 1 93 ? 12.121  6.601   4.237   0.78 15.26 ? 93  LEU A CB  1 
ATOM   773 C CB  B LEU A 1 93 ? 11.994  6.674   4.171   0.22 12.50 ? 93  LEU A CB  1 
ATOM   774 C CG  A LEU A 1 93 ? 12.450  7.563   3.077   0.78 19.42 ? 93  LEU A CG  1 
ATOM   775 C CG  B LEU A 1 93 ? 12.570  7.675   3.154   0.22 14.09 ? 93  LEU A CG  1 
ATOM   776 C CD1 A LEU A 1 93 ? 13.633  7.077   2.309   0.78 21.52 ? 93  LEU A CD1 1 
ATOM   777 C CD1 B LEU A 1 93 ? 12.237  9.093   3.602   0.22 12.80 ? 93  LEU A CD1 1 
ATOM   778 C CD2 A LEU A 1 93 ? 11.263  7.666   2.134   0.78 20.15 ? 93  LEU A CD2 1 
ATOM   779 C CD2 B LEU A 1 93 ? 14.070  7.518   3.034   0.22 15.16 ? 93  LEU A CD2 1 
ATOM   780 N N   . GLU A 1 94 ? 14.041  3.938   3.011   1.00 12.53 ? 94  GLU A N   1 
ATOM   781 C CA  . GLU A 1 94 ? 15.406  3.396   2.985   1.00 14.61 ? 94  GLU A CA  1 
ATOM   782 C C   . GLU A 1 94 ? 16.210  4.102   1.883   1.00 14.27 ? 94  GLU A C   1 
ATOM   783 O O   . GLU A 1 94 ? 15.644  4.478   0.858   1.00 12.20 ? 94  GLU A O   1 
ATOM   784 C CB  . GLU A 1 94 ? 15.371  1.899   2.648   1.00 19.58 ? 94  GLU A CB  1 
ATOM   785 C CG  . GLU A 1 94 ? 14.422  1.090   3.542   1.00 25.61 ? 94  GLU A CG  1 
ATOM   786 C CD  . GLU A 1 94 ? 14.851  1.163   4.997   1.00 28.52 ? 94  GLU A CD  1 
ATOM   787 O OE1 . GLU A 1 94 ? 16.056  1.127   5.250   1.00 32.41 ? 94  GLU A OE1 1 
ATOM   788 O OE2 . GLU A 1 94 ? 13.991  1.254   5.900   1.00 32.08 ? 94  GLU A OE2 1 
ATOM   789 N N   . ALA A 1 95 ? 17.520  4.235   2.094   1.00 13.05 ? 95  ALA A N   1 
ATOM   790 C CA  . ALA A 1 95 ? 18.397  4.872   1.100   1.00 13.30 ? 95  ALA A CA  1 
ATOM   791 C C   . ALA A 1 95 ? 19.421  3.821   0.627   1.00 14.21 ? 95  ALA A C   1 
ATOM   792 O O   . ALA A 1 95 ? 19.956  3.055   1.441   1.00 14.96 ? 95  ALA A O   1 
ATOM   793 C CB  . ALA A 1 95 ? 19.154  6.081   1.746   1.00 16.27 ? 95  ALA A CB  1 
ATOM   794 N N   . PHE A 1 96 ? 19.701  3.816   -0.669  1.00 12.59 ? 96  PHE A N   1 
ATOM   795 C CA  . PHE A 1 96 ? 20.659  2.880   -1.257  1.00 15.02 ? 96  PHE A CA  1 
ATOM   796 C C   . PHE A 1 96 ? 21.677  3.636   -2.083  1.00 15.89 ? 96  PHE A C   1 
ATOM   797 O O   . PHE A 1 96 ? 21.340  4.445   -2.946  1.00 14.52 ? 96  PHE A O   1 
ATOM   798 C CB  . PHE A 1 96 ? 19.943  1.864   -2.129  1.00 17.60 ? 96  PHE A CB  1 
ATOM   799 C CG  . PHE A 1 96 ? 19.022  0.989   -1.365  1.00 19.91 ? 96  PHE A CG  1 
ATOM   800 C CD1 . PHE A 1 96 ? 17.711  1.401   -1.107  1.00 19.95 ? 96  PHE A CD1 1 
ATOM   801 C CD2 . PHE A 1 96 ? 19.460  -0.242  -0.890  1.00 22.68 ? 96  PHE A CD2 1 
ATOM   802 C CE1 . PHE A 1 96 ? 16.842  0.602   -0.395  1.00 21.29 ? 96  PHE A CE1 1 
ATOM   803 C CE2 . PHE A 1 96 ? 18.588  -1.061  -0.164  1.00 23.68 ? 96  PHE A CE2 1 
ATOM   804 C CZ  . PHE A 1 96 ? 17.281  -0.633  0.080   1.00 23.70 ? 96  PHE A CZ  1 
ATOM   805 N N   . GLU A 1 97 ? 22.952  3.385   -1.797  1.00 17.42 ? 97  GLU A N   1 
ATOM   806 C CA  . GLU A 1 97 ? 24.035  4.084   -2.488  1.00 22.36 ? 97  GLU A CA  1 
ATOM   807 C C   . GLU A 1 97 ? 24.127  3.532   -3.918  1.00 23.60 ? 97  GLU A C   1 
ATOM   808 O O   . GLU A 1 97 ? 23.962  2.338   -4.118  1.00 28.01 ? 97  GLU A O   1 
ATOM   809 C CB  . GLU A 1 97 ? 25.331  3.868   -1.676  1.00 24.17 ? 97  GLU A CB  1 
ATOM   810 C CG  . GLU A 1 97 ? 26.482  4.794   -2.014  1.00 29.66 ? 97  GLU A CG  1 
ATOM   811 C CD  . GLU A 1 97 ? 26.097  6.249   -1.960  1.00 31.67 ? 97  GLU A CD  1 
ATOM   812 O OE1 . GLU A 1 97 ? 25.578  6.717   -0.922  1.00 35.47 ? 97  GLU A OE1 1 
ATOM   813 O OE2 . GLU A 1 97 ? 26.322  6.943   -2.969  1.00 36.12 ? 97  GLU A OE2 1 
ATOM   814 N N   . LEU A 1 98 ? 24.363  4.383   -4.915  1.00 23.18 ? 98  LEU A N   1 
ATOM   815 C CA  . LEU A 1 98 ? 24.415  3.925   -6.300  1.00 25.40 ? 98  LEU A CA  1 
ATOM   816 C C   . LEU A 1 98 ? 25.793  3.723   -6.925  1.00 27.49 ? 98  LEU A C   1 
ATOM   817 O O   . LEU A 1 98 ? 26.784  3.993   -6.245  1.00 29.25 ? 98  LEU A O   1 
ATOM   818 C CB  . LEU A 1 98 ? 23.621  4.879   -7.192  1.00 24.15 ? 98  LEU A CB  1 
ATOM   819 C CG  . LEU A 1 98 ? 22.172  4.960   -6.721  1.00 23.69 ? 98  LEU A CG  1 
ATOM   820 C CD1 . LEU A 1 98 ? 21.385  5.843   -7.703  1.00 24.48 ? 98  LEU A CD1 1 
ATOM   821 C CD2 . LEU A 1 98 ? 21.590  3.528   -6.582  1.00 23.69 ? 98  LEU A CD2 1 
HETATM 822 O O   . HOH B 2 .  ? 2.980   -10.360 -2.825  1.00 11.37 ? 103 HOH A O   1 
HETATM 823 O O   . HOH B 2 .  ? 1.286   -15.058 1.899   1.00 12.50 ? 104 HOH A O   1 
HETATM 824 O O   . HOH B 2 .  ? -8.863  -13.013 -1.687  1.00 10.97 ? 105 HOH A O   1 
HETATM 825 O O   . HOH B 2 .  ? -8.841  -7.037  14.302  1.00 12.20 ? 106 HOH A O   1 
HETATM 826 O O   . HOH B 2 .  ? 2.781   -1.192  -10.151 1.00 11.77 ? 107 HOH A O   1 
HETATM 827 O O   . HOH B 2 .  ? 14.610  16.672  -0.374  1.00 12.87 ? 108 HOH A O   1 
HETATM 828 O O   . HOH B 2 .  ? 0.446   16.356  -0.568  1.00 45.81 ? 109 HOH A O   1 
HETATM 829 O O   . HOH B 2 .  ? -6.389  -20.742 7.429   1.00 9.70  ? 110 HOH A O   1 
HETATM 830 O O   . HOH B 2 .  ? -4.366  -10.540 -6.665  1.00 26.12 ? 111 HOH A O   1 
HETATM 831 O O   . HOH B 2 .  ? -0.392  -11.932 -3.570  1.00 14.67 ? 112 HOH A O   1 
HETATM 832 O O   . HOH B 2 .  ? 0.313   -5.312  -8.993  1.00 19.18 ? 113 HOH A O   1 
HETATM 833 O O   . HOH B 2 .  ? -0.568  9.120   5.414   1.00 12.39 ? 114 HOH A O   1 
HETATM 834 O O   . HOH B 2 .  ? 5.271   4.595   10.623  1.00 15.10 ? 115 HOH A O   1 
HETATM 835 O O   . HOH B 2 .  ? -4.200  11.399  -1.041  1.00 17.33 ? 116 HOH A O   1 
HETATM 836 O O   . HOH B 2 .  ? -4.277  -15.783 8.372   1.00 15.36 ? 117 HOH A O   1 
HETATM 837 O O   . HOH B 2 .  ? -9.952  -0.288  -9.937  1.00 14.03 ? 118 HOH A O   1 
HETATM 838 O O   . HOH B 2 .  ? 6.557   -0.362  6.100   1.00 13.52 ? 119 HOH A O   1 
HETATM 839 O O   . HOH B 2 .  ? 8.811   7.002   -9.145  1.00 15.58 ? 120 HOH A O   1 
HETATM 840 O O   . HOH B 2 .  ? 5.242   7.441   10.225  1.00 13.90 ? 121 HOH A O   1 
HETATM 841 O O   . HOH B 2 .  ? 1.841   2.365   -10.453 1.00 13.57 ? 122 HOH A O   1 
HETATM 842 O O   . HOH B 2 .  ? -0.891  -15.460 3.351   1.00 12.66 ? 123 HOH A O   1 
HETATM 843 O O   . HOH B 2 .  ? -18.968 -14.089 -0.026  1.00 20.93 ? 124 HOH A O   1 
HETATM 844 O O   . HOH B 2 .  ? 1.264   13.722  1.664   1.00 16.34 ? 125 HOH A O   1 
HETATM 845 O O   . HOH B 2 .  ? -8.690  -20.079 3.228   1.00 17.91 ? 126 HOH A O   1 
HETATM 846 O O   . HOH B 2 .  ? -20.615 -8.123  -0.613  1.00 15.39 ? 127 HOH A O   1 
HETATM 847 O O   . HOH B 2 .  ? 11.708  12.095  3.659   1.00 15.00 ? 128 HOH A O   1 
HETATM 848 O O   . HOH B 2 .  ? -0.393  -15.289 6.130   1.00 17.52 ? 129 HOH A O   1 
HETATM 849 O O   . HOH B 2 .  ? -9.532  3.221   6.726   1.00 18.82 ? 130 HOH A O   1 
HETATM 850 O O   . HOH B 2 .  ? 0.011   -9.061  -4.886  1.00 18.11 ? 131 HOH A O   1 
HETATM 851 O O   . HOH B 2 .  ? -10.718 -3.938  14.535  1.00 19.66 ? 132 HOH A O   1 
HETATM 852 O O   . HOH B 2 .  ? -15.021 -10.093 8.275   1.00 21.64 ? 133 HOH A O   1 
HETATM 853 O O   . HOH B 2 .  ? 13.841  14.492  -10.439 1.00 20.23 ? 134 HOH A O   1 
HETATM 854 O O   . HOH B 2 .  ? 12.248  11.892  -6.597  1.00 16.44 ? 135 HOH A O   1 
HETATM 855 O O   . HOH B 2 .  ? -13.466 -1.763  -2.103  1.00 20.31 ? 136 HOH A O   1 
HETATM 856 O O   . HOH B 2 .  ? -6.296  -4.030  14.047  1.00 19.09 ? 137 HOH A O   1 
HETATM 857 O O   . HOH B 2 .  ? 11.856  16.397  -6.347  1.00 20.72 ? 138 HOH A O   1 
HETATM 858 O O   . HOH B 2 .  ? 12.332  4.346   7.913   1.00 19.65 ? 139 HOH A O   1 
HETATM 859 O O   . HOH B 2 .  ? 2.775   4.159   11.603  1.00 23.66 ? 140 HOH A O   1 
HETATM 860 O O   . HOH B 2 .  ? 3.642   19.708  1.966   1.00 22.41 ? 141 HOH A O   1 
HETATM 861 O O   . HOH B 2 .  ? -2.032  -7.600  10.814  1.00 19.97 ? 142 HOH A O   1 
HETATM 862 O O   . HOH B 2 .  ? -13.811 -18.664 0.081   1.00 21.67 ? 143 HOH A O   1 
HETATM 863 O O   . HOH B 2 .  ? 20.456  10.949  2.159   1.00 21.31 ? 144 HOH A O   1 
HETATM 864 O O   . HOH B 2 .  ? 6.400   16.045  -2.831  1.00 18.06 ? 145 HOH A O   1 
HETATM 865 O O   . HOH B 2 .  ? -17.664 1.522   1.147   1.00 19.73 ? 146 HOH A O   1 
HETATM 866 O O   . HOH B 2 .  ? 23.534  1.076   0.130   1.00 27.54 ? 147 HOH A O   1 
HETATM 867 O O   . HOH B 2 .  ? -7.134  -13.457 -4.429  1.00 24.71 ? 148 HOH A O   1 
HETATM 868 O O   . HOH B 2 .  ? -4.104  5.547   6.023   1.00 24.42 ? 149 HOH A O   1 
HETATM 869 O O   . HOH B 2 .  ? -5.643  8.587   6.288   1.00 44.46 ? 150 HOH A O   1 
HETATM 870 O O   . HOH B 2 .  ? -7.657  9.083   4.219   1.00 28.75 ? 151 HOH A O   1 
HETATM 871 O O   . HOH B 2 .  ? -11.876 -2.365  11.019  1.00 29.39 ? 152 HOH A O   1 
HETATM 872 O O   . HOH B 2 .  ? 3.651   12.734  -6.203  1.00 24.90 ? 153 HOH A O   1 
HETATM 873 O O   . HOH B 2 .  ? -3.964  0.239   -12.375 1.00 20.49 ? 154 HOH A O   1 
HETATM 874 O O   . HOH B 2 .  ? -18.336 -6.735  1.914   1.00 39.81 ? 155 HOH A O   1 
HETATM 875 O O   . HOH B 2 .  ? 12.513  -2.422  8.462   1.00 32.86 ? 156 HOH A O   1 
HETATM 876 O O   . HOH B 2 .  ? 0.548   10.953  -8.062  1.00 25.71 ? 157 HOH A O   1 
HETATM 877 O O   . HOH B 2 .  ? -16.450 -18.787 1.904   1.00 24.51 ? 158 HOH A O   1 
HETATM 878 O O   . HOH B 2 .  ? -1.053  -5.317  -7.193  1.00 40.95 ? 159 HOH A O   1 
HETATM 879 O O   . HOH B 2 .  ? -20.163 -9.898  3.430   1.00 25.44 ? 160 HOH A O   1 
HETATM 880 O O   . HOH B 2 .  ? 18.347  3.831   4.758   1.00 28.73 ? 161 HOH A O   1 
HETATM 881 O O   . HOH B 2 .  ? -5.793  -18.127 -0.341  1.00 26.65 ? 162 HOH A O   1 
HETATM 882 O O   . HOH B 2 .  ? -2.499  6.263   -14.724 1.00 31.43 ? 163 HOH A O   1 
HETATM 883 O O   . HOH B 2 .  ? 5.391   -3.447  8.772   1.00 29.25 ? 164 HOH A O   1 
HETATM 884 O O   . HOH B 2 .  ? -19.698 -9.382  7.170   1.00 30.28 ? 165 HOH A O   1 
HETATM 885 O O   . HOH B 2 .  ? -1.416  2.622   12.548  1.00 31.35 ? 166 HOH A O   1 
HETATM 886 O O   . HOH B 2 .  ? -2.917  -21.225 4.887   1.00 37.76 ? 167 HOH A O   1 
HETATM 887 O O   . HOH B 2 .  ? -13.183 -8.155  9.030   1.00 26.51 ? 168 HOH A O   1 
HETATM 888 O O   . HOH B 2 .  ? 15.255  15.689  -7.330  1.00 29.77 ? 169 HOH A O   1 
HETATM 889 O O   . HOH B 2 .  ? 19.787  0.936   3.138   1.00 35.48 ? 170 HOH A O   1 
HETATM 890 O O   . HOH B 2 .  ? 19.433  12.865  -3.903  1.00 23.16 ? 171 HOH A O   1 
HETATM 891 O O   . HOH B 2 .  ? -14.491 -4.584  8.138   1.00 31.88 ? 172 HOH A O   1 
HETATM 892 O O   . HOH B 2 .  ? -7.191  -17.652 -3.345  1.00 36.20 ? 173 HOH A O   1 
HETATM 893 O O   . HOH B 2 .  ? -9.383  7.426   -8.747  1.00 47.35 ? 174 HOH A O   1 
HETATM 894 O O   . HOH B 2 .  ? 1.551   16.555  1.713   1.00 24.65 ? 175 HOH A O   1 
HETATM 895 O O   . HOH B 2 .  ? 25.837  9.491   -2.043  1.00 33.59 ? 176 HOH A O   1 
HETATM 896 O O   . HOH B 2 .  ? 13.920  -0.834  7.739   1.00 32.19 ? 177 HOH A O   1 
HETATM 897 O O   . HOH B 2 .  ? 21.371  11.382  -2.969  1.00 29.43 ? 178 HOH A O   1 
HETATM 898 O O   . HOH B 2 .  ? -13.416 -2.673  8.512   1.00 32.21 ? 179 HOH A O   1 
HETATM 899 O O   . HOH B 2 .  ? -6.842  -15.041 -1.375  1.00 34.93 ? 180 HOH A O   1 
HETATM 900 O O   . HOH B 2 .  ? -3.149  -12.355 -3.652  1.00 22.75 ? 181 HOH A O   1 
HETATM 901 O O   . HOH B 2 .  ? 28.717  1.835   -8.177  1.00 36.13 ? 182 HOH A O   1 
HETATM 902 O O   . HOH B 2 .  ? -3.075  11.187  -9.124  1.00 47.77 ? 183 HOH A O   1 
HETATM 903 O O   . HOH B 2 .  ? 2.043   -3.123  -8.516  1.00 13.67 ? 184 HOH A O   1 
HETATM 904 O O   . HOH B 2 .  ? -6.887  -7.900  15.985  1.00 14.56 ? 185 HOH A O   1 
HETATM 905 O O   . HOH B 2 .  ? -4.774  -6.214  14.979  1.00 18.00 ? 186 HOH A O   1 
HETATM 906 O O   . HOH B 2 .  ? -14.042 -6.127  9.878   1.00 22.20 ? 187 HOH A O   1 
HETATM 907 O O   . HOH B 2 .  ? -11.405 -19.992 2.438   1.00 25.63 ? 188 HOH A O   1 
HETATM 908 O O   . HOH B 2 .  ? -6.909  -22.357 5.174   1.00 26.10 ? 189 HOH A O   1 
HETATM 909 O O   . HOH B 2 .  ? -19.624 -0.317  0.602   1.00 23.24 ? 190 HOH A O   1 
HETATM 910 O O   . HOH B 2 .  ? -8.294  1.372   -11.852 1.00 29.91 ? 191 HOH A O   1 
HETATM 911 O O   . HOH B 2 .  ? -9.624  6.587   -2.359  1.00 24.99 ? 192 HOH A O   1 
HETATM 912 O O   . HOH B 2 .  ? -20.271 -16.162 1.664   1.00 45.84 ? 193 HOH A O   1 
HETATM 913 O O   . HOH B 2 .  ? 17.070  16.061  -9.523  1.00 31.37 ? 194 HOH A O   1 
HETATM 914 O O   . HOH B 2 .  ? -2.585  7.808   6.540   1.00 25.50 ? 195 HOH A O   1 
HETATM 915 O O   . HOH B 2 .  ? 3.010   -16.833 3.128   1.00 25.93 ? 196 HOH A O   1 
HETATM 916 O O   . HOH B 2 .  ? -6.943  -20.459 1.097   1.00 26.54 ? 197 HOH A O   1 
HETATM 917 O O   . HOH B 2 .  ? -4.826  -14.018 -2.683  1.00 30.56 ? 198 HOH A O   1 
HETATM 918 O O   . HOH B 2 .  ? 9.326   17.520  -6.478  1.00 23.79 ? 199 HOH A O   1 
HETATM 919 O O   . HOH B 2 .  ? -3.105  13.425  0.832   1.00 25.75 ? 200 HOH A O   1 
HETATM 920 O O   . HOH B 2 .  ? -19.689 -5.589  0.218   1.00 40.96 ? 201 HOH A O   1 
HETATM 921 O O   . HOH B 2 .  ? -2.040  -14.184 8.627   1.00 25.70 ? 202 HOH A O   1 
HETATM 922 O O   . HOH B 2 .  ? 11.798  14.038  -8.047  1.00 35.34 ? 203 HOH A O   1 
HETATM 923 O O   . HOH B 2 .  ? -10.085 -0.064  11.689  1.00 34.12 ? 204 HOH A O   1 
HETATM 924 O O   . HOH B 2 .  ? -5.729  5.730   8.244   1.00 35.73 ? 205 HOH A O   1 
HETATM 925 O O   . HOH B 2 .  ? -18.593 -7.837  9.378   1.00 30.41 ? 206 HOH A O   1 
HETATM 926 O O   . HOH B 2 .  ? 3.616   19.052  -2.211  1.00 30.39 ? 207 HOH A O   1 
HETATM 927 O O   . HOH B 2 .  ? -7.976  4.833   8.392   1.00 38.55 ? 208 HOH A O   1 
HETATM 928 O O   . HOH B 2 .  ? -1.861  1.420   -13.363 1.00 38.45 ? 209 HOH A O   1 
HETATM 929 O O   . HOH B 2 .  ? 3.998   15.318  -6.078  1.00 38.07 ? 210 HOH A O   1 
HETATM 930 O O   . HOH B 2 .  ? -14.568 7.700   0.281   1.00 32.53 ? 211 HOH A O   1 
HETATM 931 O O   . HOH B 2 .  ? -3.380  12.955  -3.228  1.00 33.74 ? 212 HOH A O   1 
HETATM 932 O O   . HOH B 2 .  ? 7.187   8.898   -10.806 1.00 40.24 ? 213 HOH A O   1 
HETATM 933 O O   . HOH B 2 .  ? -8.333  -15.649 -3.295  1.00 47.18 ? 214 HOH A O   1 
HETATM 934 O O   . HOH B 2 .  ? -8.899  -11.438 -9.531  1.00 39.84 ? 215 HOH A O   1 
HETATM 935 O O   . HOH B 2 .  ? -12.411 -20.708 0.018   1.00 39.90 ? 216 HOH A O   1 
HETATM 936 O O   . HOH B 2 .  ? 1.315   12.010  -5.781  1.00 46.07 ? 217 HOH A O   1 
HETATM 937 O O   . HOH B 2 .  ? 17.016  16.504  -1.304  1.00 37.88 ? 218 HOH A O   1 
HETATM 938 O O   . HOH B 2 .  ? -16.951 -5.725  10.128  1.00 33.00 ? 219 HOH A O   1 
HETATM 939 O O   . HOH B 2 .  ? 9.455   9.425   -10.228 1.00 41.25 ? 220 HOH A O   1 
HETATM 940 O O   . HOH B 2 .  ? 0.030   -8.532  11.146  1.00 42.84 ? 221 HOH A O   1 
HETATM 941 O O   . HOH B 2 .  ? -9.921  9.282   -2.718  1.00 47.86 ? 222 HOH A O   1 
HETATM 942 O O   . HOH B 2 .  ? -16.813 0.969   3.971   1.00 34.80 ? 223 HOH A O   1 
HETATM 943 O O   . HOH B 2 .  ? -6.574  -0.639  14.798  1.00 42.27 ? 224 HOH A O   1 
HETATM 944 O O   . HOH B 2 .  ? 20.727  8.411   3.538   1.00 39.22 ? 225 HOH A O   1 
HETATM 945 O O   . HOH B 2 .  ? -3.944  3.750   4.384   1.00 28.00 ? 226 HOH A O   1 
HETATM 946 O O   . HOH B 2 .  ? -14.777 -1.277  6.702   1.00 43.58 ? 227 HOH A O   1 
HETATM 947 O O   . HOH B 2 .  ? -2.591  -7.184  -6.071  1.00 41.65 ? 228 HOH A O   1 
HETATM 948 O O   . HOH B 2 .  ? 4.455   14.181  -3.614  1.00 41.43 ? 229 HOH A O   1 
HETATM 949 O O   . HOH B 2 .  ? 3.122   11.306  -8.084  1.00 37.15 ? 230 HOH A O   1 
HETATM 950 O O   . HOH B 2 .  ? -16.703 -2.844  7.504   1.00 47.30 ? 231 HOH A O   1 
# 
